data_7QUU
#
_entry.id   7QUU
#
loop_
_entity.id
_entity.type
_entity.pdbx_description
1 polymer 'Uncharacterized protein C7D4.14c'
2 polymer 'NURS complex subunit red1'
#
loop_
_entity_poly.entity_id
_entity_poly.type
_entity_poly.pdbx_seq_one_letter_code
_entity_poly.pdbx_strand_id
1 'polypeptide(L)' MGWSHPQFEKSSDAVEPSVEKEYKKIISFRDTVFEGKHQQFLVPNNVRLKFLRDR A
2 'polypeptide(L)' GAMGTTNQKEAEKAVSQLFEVGVRFNDFIAEGIEPSVVHTLFLKLGLDS B
#
# COMPACT_ATOMS: atom_id res chain seq x y z
N SER A 12 10.37 -6.37 -15.81
CA SER A 12 9.32 -6.73 -16.73
C SER A 12 7.96 -6.69 -16.03
N ASP A 13 7.99 -6.51 -14.71
CA ASP A 13 6.77 -6.39 -13.91
C ASP A 13 6.28 -4.96 -13.89
N ALA A 14 6.61 -4.22 -14.94
CA ALA A 14 6.08 -2.88 -15.13
C ALA A 14 4.66 -2.96 -15.67
N VAL A 15 3.70 -2.90 -14.75
CA VAL A 15 2.27 -3.07 -15.07
C VAL A 15 1.97 -4.55 -15.32
N GLU A 16 1.44 -5.21 -14.30
CA GLU A 16 1.16 -6.63 -14.38
C GLU A 16 -0.31 -6.84 -14.73
N PRO A 17 -0.89 -8.04 -14.55
CA PRO A 17 -2.34 -8.19 -14.49
C PRO A 17 -2.87 -7.73 -13.13
N SER A 18 -1.96 -7.76 -12.18
CA SER A 18 -2.20 -7.51 -10.77
C SER A 18 -2.69 -6.07 -10.49
N VAL A 19 -2.48 -5.16 -11.44
CA VAL A 19 -2.47 -3.72 -11.14
C VAL A 19 -3.82 -3.22 -10.61
N GLU A 20 -4.90 -3.53 -11.30
CA GLU A 20 -6.22 -3.03 -10.89
C GLU A 20 -6.65 -3.68 -9.57
N LYS A 21 -6.38 -4.96 -9.45
CA LYS A 21 -6.66 -5.70 -8.23
C LYS A 21 -5.90 -5.09 -7.05
N GLU A 22 -4.62 -4.81 -7.28
CA GLU A 22 -3.81 -4.14 -6.28
C GLU A 22 -4.38 -2.77 -5.98
N TYR A 23 -4.70 -2.01 -7.03
CA TYR A 23 -5.22 -0.68 -6.81
C TYR A 23 -6.50 -0.67 -5.97
N LYS A 24 -7.48 -1.50 -6.28
CA LYS A 24 -8.73 -1.43 -5.53
C LYS A 24 -8.52 -1.69 -4.04
N LYS A 25 -7.75 -2.72 -3.73
CA LYS A 25 -7.50 -3.05 -2.33
C LYS A 25 -6.60 -2.01 -1.64
N ILE A 26 -5.59 -1.56 -2.36
CA ILE A 26 -4.61 -0.61 -1.81
C ILE A 26 -5.22 0.79 -1.67
N ILE A 27 -5.84 1.24 -2.75
CA ILE A 27 -6.46 2.56 -2.81
C ILE A 27 -7.51 2.75 -1.72
N SER A 28 -8.42 1.81 -1.57
CA SER A 28 -9.41 1.91 -0.51
C SER A 28 -8.75 1.95 0.88
N PHE A 29 -7.73 1.12 1.07
CA PHE A 29 -7.01 1.09 2.35
C PHE A 29 -6.31 2.43 2.60
N ARG A 30 -5.59 2.91 1.58
CA ARG A 30 -4.82 4.14 1.69
C ARG A 30 -5.74 5.33 1.89
N ASP A 31 -6.85 5.37 1.14
CA ASP A 31 -7.81 6.46 1.21
C ASP A 31 -8.43 6.60 2.59
N THR A 32 -8.62 5.49 3.28
CA THR A 32 -9.14 5.52 4.64
C THR A 32 -8.10 6.16 5.58
N VAL A 33 -6.84 5.81 5.33
CA VAL A 33 -5.71 6.34 6.09
C VAL A 33 -5.51 7.83 5.76
N PHE A 34 -5.67 8.14 4.48
CA PHE A 34 -5.76 9.55 4.02
C PHE A 34 -6.76 10.38 4.84
N GLU A 35 -7.78 9.74 5.39
CA GLU A 35 -8.73 10.46 6.25
C GLU A 35 -8.28 10.32 7.70
N GLY A 36 -7.45 9.32 7.88
CA GLY A 36 -6.77 9.08 9.13
C GLY A 36 -7.66 8.45 10.16
N LYS A 37 -8.80 7.91 9.72
CA LYS A 37 -9.77 7.31 10.62
C LYS A 37 -9.64 5.80 10.59
N HIS A 38 -8.55 5.33 10.00
CA HIS A 38 -8.32 3.91 9.81
C HIS A 38 -8.34 3.17 11.15
N GLN A 39 -9.24 2.19 11.23
CA GLN A 39 -9.52 1.47 12.48
C GLN A 39 -8.26 0.90 13.12
N GLN A 40 -7.34 0.43 12.29
CA GLN A 40 -6.13 -0.19 12.80
C GLN A 40 -5.01 0.83 12.97
N PHE A 41 -5.09 1.93 12.22
CA PHE A 41 -3.97 2.87 12.16
C PHE A 41 -4.43 4.32 12.28
N LEU A 42 -4.02 4.98 13.34
CA LEU A 42 -4.24 6.41 13.49
C LEU A 42 -2.99 7.14 13.00
N VAL A 43 -3.13 7.98 11.98
CA VAL A 43 -1.96 8.60 11.36
C VAL A 43 -1.82 10.08 11.71
N PRO A 44 -0.62 10.49 12.15
CA PRO A 44 -0.29 11.88 12.46
C PRO A 44 0.34 12.63 11.28
N ASN A 45 1.05 13.71 11.60
CA ASN A 45 1.59 14.63 10.58
C ASN A 45 2.60 13.97 9.64
N ASN A 46 3.66 13.40 10.20
CA ASN A 46 4.75 12.84 9.40
C ASN A 46 4.25 11.74 8.46
N VAL A 47 3.33 10.92 8.95
CA VAL A 47 2.77 9.84 8.15
C VAL A 47 1.92 10.39 7.01
N ARG A 48 1.30 11.53 7.27
CA ARG A 48 0.43 12.16 6.30
C ARG A 48 1.24 12.61 5.09
N LEU A 49 2.37 13.23 5.37
CA LEU A 49 3.25 13.72 4.33
C LEU A 49 3.93 12.57 3.58
N LYS A 50 4.25 11.50 4.31
CA LYS A 50 4.92 10.35 3.69
C LYS A 50 4.03 9.69 2.66
N PHE A 51 2.77 9.51 2.99
CA PHE A 51 1.82 8.93 2.05
C PHE A 51 1.67 9.80 0.82
N LEU A 52 1.44 11.08 1.04
CA LEU A 52 1.07 11.99 -0.03
C LEU A 52 2.24 12.35 -0.94
N ARG A 53 3.42 12.58 -0.38
CA ARG A 53 4.57 12.99 -1.19
C ARG A 53 5.16 11.83 -1.99
N ASP A 54 5.16 10.64 -1.41
CA ASP A 54 5.80 9.50 -2.07
C ASP A 54 4.96 8.97 -3.21
N ARG A 55 3.70 8.65 -2.95
CA ARG A 55 2.85 8.14 -4.01
C ARG A 55 2.17 9.28 -4.75
N GLY B 1 1.76 8.68 -8.54
CA GLY B 1 0.84 8.46 -9.69
C GLY B 1 1.55 7.87 -10.88
N ALA B 2 1.38 8.49 -12.03
CA ALA B 2 2.00 8.01 -13.26
C ALA B 2 3.10 8.95 -13.72
N MET B 3 3.70 9.65 -12.76
CA MET B 3 4.75 10.62 -13.06
C MET B 3 6.13 9.99 -12.85
N GLY B 4 6.50 9.11 -13.78
CA GLY B 4 7.78 8.43 -13.67
C GLY B 4 7.62 7.02 -13.13
N THR B 5 6.64 6.84 -12.26
CA THR B 5 6.36 5.54 -11.67
C THR B 5 5.30 4.81 -12.47
N THR B 6 5.53 3.52 -12.69
CA THR B 6 4.57 2.69 -13.40
C THR B 6 3.40 2.33 -12.51
N ASN B 7 2.24 2.06 -13.11
CA ASN B 7 1.02 1.82 -12.34
C ASN B 7 1.22 0.74 -11.27
N GLN B 8 1.85 -0.36 -11.64
CA GLN B 8 2.13 -1.45 -10.70
C GLN B 8 2.97 -0.94 -9.53
N LYS B 9 4.05 -0.23 -9.83
CA LYS B 9 4.95 0.29 -8.81
C LYS B 9 4.29 1.38 -7.99
N GLU B 10 3.36 2.11 -8.62
CA GLU B 10 2.59 3.12 -7.92
C GLU B 10 1.74 2.48 -6.83
N ALA B 11 1.16 1.33 -7.16
CA ALA B 11 0.37 0.57 -6.19
C ALA B 11 1.29 0.07 -5.07
N GLU B 12 2.50 -0.32 -5.47
CA GLU B 12 3.48 -0.82 -4.52
C GLU B 12 3.90 0.26 -3.51
N LYS B 13 4.24 1.46 -3.98
CA LYS B 13 4.65 2.54 -3.08
C LYS B 13 3.56 2.92 -2.07
N ALA B 14 2.32 2.91 -2.52
CA ALA B 14 1.20 3.18 -1.62
C ALA B 14 1.18 2.13 -0.51
N VAL B 15 1.54 0.90 -0.87
CA VAL B 15 1.69 -0.19 0.09
C VAL B 15 2.86 0.06 1.02
N SER B 16 3.94 0.63 0.50
CA SER B 16 5.14 0.83 1.28
C SER B 16 4.87 1.88 2.35
N GLN B 17 4.17 2.95 1.98
CA GLN B 17 3.75 3.96 2.95
C GLN B 17 2.86 3.34 4.02
N LEU B 18 1.99 2.42 3.63
CA LEU B 18 1.16 1.68 4.57
C LEU B 18 2.06 0.85 5.49
N PHE B 19 3.05 0.23 4.91
CA PHE B 19 4.06 -0.50 5.66
C PHE B 19 4.69 0.37 6.75
N GLU B 20 4.85 1.68 6.55
CA GLU B 20 5.48 2.51 7.58
C GLU B 20 4.57 2.67 8.79
N VAL B 21 3.25 2.69 8.58
CA VAL B 21 2.35 2.70 9.74
C VAL B 21 2.19 1.32 10.34
N GLY B 22 2.74 0.31 9.68
CA GLY B 22 2.94 -0.94 10.37
C GLY B 22 2.00 -2.02 9.88
N VAL B 23 1.49 -1.84 8.67
CA VAL B 23 0.61 -2.82 8.06
C VAL B 23 1.30 -4.15 7.88
N ARG B 24 0.72 -5.17 8.50
CA ARG B 24 1.16 -6.52 8.31
C ARG B 24 0.04 -7.31 7.64
N PHE B 25 0.28 -8.58 7.34
CA PHE B 25 -0.71 -9.35 6.60
C PHE B 25 -2.02 -9.44 7.40
N ASN B 26 -1.91 -9.63 8.71
CA ASN B 26 -3.08 -9.68 9.59
C ASN B 26 -3.93 -8.40 9.51
N ASP B 27 -3.29 -7.26 9.29
CA ASP B 27 -4.03 -5.99 9.20
C ASP B 27 -4.79 -5.93 7.89
N PHE B 28 -4.12 -6.33 6.83
CA PHE B 28 -4.76 -6.47 5.53
C PHE B 28 -5.94 -7.45 5.62
N ILE B 29 -5.72 -8.59 6.27
CA ILE B 29 -6.78 -9.56 6.50
C ILE B 29 -7.96 -8.96 7.26
N ALA B 30 -7.69 -8.01 8.15
CA ALA B 30 -8.77 -7.41 8.94
C ALA B 30 -9.63 -6.54 8.02
N GLU B 31 -8.99 -5.96 7.02
CA GLU B 31 -9.66 -5.17 6.00
C GLU B 31 -10.19 -6.01 4.83
N GLY B 32 -10.17 -7.33 4.93
CA GLY B 32 -10.68 -8.17 3.84
C GLY B 32 -9.65 -8.43 2.76
N ILE B 33 -8.49 -7.83 2.92
CA ILE B 33 -7.40 -7.99 1.98
C ILE B 33 -6.60 -9.27 2.26
N GLU B 34 -6.12 -9.90 1.20
CA GLU B 34 -5.46 -11.19 1.32
C GLU B 34 -4.08 -10.99 1.94
N PRO B 35 -3.65 -11.91 2.81
CA PRO B 35 -2.32 -11.84 3.46
C PRO B 35 -1.19 -11.88 2.43
N SER B 36 -1.47 -12.60 1.35
CA SER B 36 -0.53 -12.74 0.25
C SER B 36 -0.12 -11.37 -0.32
N VAL B 37 -1.04 -10.41 -0.28
CA VAL B 37 -0.76 -9.09 -0.82
C VAL B 37 0.35 -8.39 -0.03
N VAL B 38 0.26 -8.41 1.29
CA VAL B 38 1.32 -7.84 2.12
C VAL B 38 2.64 -8.57 1.89
N HIS B 39 2.58 -9.90 1.92
CA HIS B 39 3.78 -10.72 1.83
C HIS B 39 4.49 -10.57 0.49
N THR B 40 3.72 -10.64 -0.59
CA THR B 40 4.31 -10.62 -1.92
C THR B 40 4.88 -9.23 -2.24
N LEU B 41 4.09 -8.19 -2.00
CA LEU B 41 4.55 -6.82 -2.19
C LEU B 41 5.72 -6.50 -1.26
N PHE B 42 5.71 -7.06 -0.07
CA PHE B 42 6.80 -6.91 0.88
C PHE B 42 8.11 -7.39 0.26
N LEU B 43 8.04 -8.50 -0.48
CA LEU B 43 9.20 -9.06 -1.15
C LEU B 43 9.64 -8.16 -2.30
N LYS B 44 8.66 -7.68 -3.07
CA LYS B 44 8.93 -6.84 -4.24
C LYS B 44 9.51 -5.49 -3.84
N LEU B 45 8.99 -4.94 -2.74
CA LEU B 45 9.47 -3.65 -2.25
C LEU B 45 10.78 -3.79 -1.50
N GLY B 46 11.19 -5.03 -1.24
CA GLY B 46 12.47 -5.28 -0.58
C GLY B 46 12.48 -4.77 0.84
N LEU B 47 11.34 -4.79 1.49
CA LEU B 47 11.19 -4.23 2.82
C LEU B 47 11.77 -5.16 3.87
N ASP B 48 12.48 -4.59 4.83
CA ASP B 48 13.03 -5.36 5.94
C ASP B 48 11.91 -5.74 6.90
N SER B 49 12.03 -6.92 7.50
CA SER B 49 11.00 -7.43 8.41
C SER B 49 11.08 -6.72 9.75
N SER A 12 8.08 -5.32 -18.37
CA SER A 12 8.43 -6.03 -17.14
C SER A 12 7.57 -5.51 -15.99
N ASP A 13 6.58 -6.29 -15.59
CA ASP A 13 5.64 -5.89 -14.54
C ASP A 13 4.94 -4.60 -14.92
N ALA A 14 4.52 -4.51 -16.18
CA ALA A 14 3.92 -3.29 -16.70
C ALA A 14 2.41 -3.32 -16.53
N VAL A 15 1.96 -3.29 -15.28
CA VAL A 15 0.53 -3.28 -14.94
C VAL A 15 -0.12 -4.58 -15.38
N GLU A 16 0.06 -5.61 -14.57
CA GLU A 16 -0.48 -6.93 -14.90
C GLU A 16 -2.00 -6.98 -14.60
N PRO A 17 -2.63 -8.17 -14.51
CA PRO A 17 -4.07 -8.25 -14.20
C PRO A 17 -4.40 -7.92 -12.75
N SER A 18 -3.59 -8.42 -11.83
CA SER A 18 -3.85 -8.29 -10.40
C SER A 18 -3.83 -6.84 -9.96
N VAL A 19 -3.14 -6.01 -10.73
CA VAL A 19 -2.86 -4.63 -10.36
C VAL A 19 -4.15 -3.84 -10.21
N GLU A 20 -5.15 -4.17 -11.01
CA GLU A 20 -6.43 -3.48 -10.91
C GLU A 20 -7.03 -3.71 -9.53
N LYS A 21 -7.05 -4.96 -9.08
CA LYS A 21 -7.53 -5.30 -7.75
C LYS A 21 -6.58 -4.79 -6.69
N GLU A 22 -5.28 -4.80 -7.01
CA GLU A 22 -4.26 -4.27 -6.13
C GLU A 22 -4.56 -2.81 -5.85
N TYR A 23 -5.11 -2.11 -6.84
CA TYR A 23 -5.56 -0.76 -6.58
C TYR A 23 -6.76 -0.74 -5.66
N LYS A 24 -7.72 -1.62 -5.91
CA LYS A 24 -8.96 -1.56 -5.14
C LYS A 24 -8.70 -1.75 -3.65
N LYS A 25 -7.98 -2.80 -3.31
CA LYS A 25 -7.59 -3.02 -1.91
C LYS A 25 -6.62 -1.96 -1.36
N ILE A 26 -5.57 -1.64 -2.10
CA ILE A 26 -4.54 -0.71 -1.60
C ILE A 26 -5.07 0.72 -1.51
N ILE A 27 -5.74 1.18 -2.57
CA ILE A 27 -6.31 2.54 -2.59
C ILE A 27 -7.34 2.72 -1.47
N SER A 28 -8.25 1.76 -1.37
CA SER A 28 -9.30 1.83 -0.35
C SER A 28 -8.69 1.90 1.06
N PHE A 29 -7.67 1.07 1.28
CA PHE A 29 -6.98 1.05 2.57
C PHE A 29 -6.21 2.34 2.79
N ARG A 30 -5.42 2.74 1.81
CA ARG A 30 -4.55 3.91 1.94
C ARG A 30 -5.38 5.20 2.04
N ASP A 31 -6.32 5.38 1.12
CA ASP A 31 -7.17 6.55 1.11
C ASP A 31 -7.91 6.78 2.42
N THR A 32 -8.39 5.75 3.10
CA THR A 32 -8.96 5.93 4.43
C THR A 32 -7.88 6.43 5.40
N VAL A 33 -6.68 5.86 5.27
CA VAL A 33 -5.52 6.26 6.06
C VAL A 33 -5.17 7.73 5.80
N PHE A 34 -5.35 8.17 4.56
CA PHE A 34 -4.98 9.51 4.15
C PHE A 34 -5.72 10.57 4.96
N GLU A 35 -6.95 10.28 5.34
CA GLU A 35 -7.73 11.23 6.12
C GLU A 35 -7.54 10.98 7.60
N GLY A 36 -7.02 9.82 7.95
CA GLY A 36 -6.80 9.48 9.34
C GLY A 36 -8.02 8.84 9.96
N LYS A 37 -8.86 8.25 9.11
CA LYS A 37 -10.11 7.66 9.56
C LYS A 37 -10.01 6.14 9.58
N HIS A 38 -8.79 5.63 9.54
CA HIS A 38 -8.56 4.19 9.50
C HIS A 38 -8.83 3.59 10.88
N GLN A 39 -9.77 2.65 10.92
CA GLN A 39 -10.28 2.09 12.18
C GLN A 39 -9.19 1.42 13.01
N GLN A 40 -8.25 0.77 12.36
CA GLN A 40 -7.20 0.05 13.07
C GLN A 40 -5.96 0.92 13.27
N PHE A 41 -5.82 1.96 12.44
CA PHE A 41 -4.64 2.82 12.48
C PHE A 41 -5.03 4.29 12.50
N LEU A 42 -4.77 4.96 13.60
CA LEU A 42 -5.02 6.39 13.69
C LEU A 42 -3.74 7.15 13.34
N VAL A 43 -3.77 7.86 12.22
CA VAL A 43 -2.59 8.56 11.74
C VAL A 43 -2.81 10.06 11.68
N PRO A 44 -1.78 10.85 12.02
CA PRO A 44 -1.83 12.30 11.97
C PRO A 44 -1.37 12.85 10.61
N ASN A 45 -1.28 14.17 10.51
CA ASN A 45 -0.94 14.84 9.26
C ASN A 45 0.42 14.39 8.75
N ASN A 46 1.43 14.42 9.62
CA ASN A 46 2.80 14.09 9.22
C ASN A 46 2.88 12.71 8.58
N VAL A 47 2.12 11.76 9.10
CA VAL A 47 2.16 10.40 8.59
C VAL A 47 1.45 10.28 7.25
N ARG A 48 0.29 10.91 7.11
CA ARG A 48 -0.39 10.92 5.82
C ARG A 48 0.49 11.60 4.77
N LEU A 49 1.20 12.63 5.21
CA LEU A 49 2.19 13.30 4.37
C LEU A 49 3.28 12.33 3.94
N LYS A 50 3.62 11.36 4.80
CA LYS A 50 4.61 10.34 4.45
C LYS A 50 4.11 9.52 3.27
N PHE A 51 2.81 9.30 3.24
CA PHE A 51 2.20 8.59 2.13
C PHE A 51 2.19 9.43 0.87
N LEU A 52 1.69 10.65 1.01
CA LEU A 52 1.38 11.49 -0.14
C LEU A 52 2.64 11.95 -0.85
N ARG A 53 3.69 12.18 -0.09
CA ARG A 53 4.96 12.64 -0.63
C ARG A 53 5.59 11.64 -1.58
N ASP A 54 5.40 10.36 -1.35
CA ASP A 54 6.17 9.34 -2.06
C ASP A 54 5.33 8.41 -2.93
N ARG A 55 4.03 8.62 -3.04
CA ARG A 55 3.23 7.73 -3.88
C ARG A 55 2.71 8.48 -5.10
N GLY B 1 4.22 6.04 -22.97
CA GLY B 1 3.40 6.55 -21.85
C GLY B 1 3.94 6.09 -20.51
N ALA B 2 3.36 6.60 -19.43
CA ALA B 2 3.82 6.30 -18.08
C ALA B 2 5.27 6.72 -17.89
N MET B 3 5.51 8.02 -17.93
CA MET B 3 6.85 8.57 -17.76
C MET B 3 7.18 8.66 -16.28
N GLY B 4 7.58 7.54 -15.72
CA GLY B 4 7.91 7.46 -14.32
C GLY B 4 7.60 6.10 -13.77
N THR B 5 6.53 6.01 -13.00
CA THR B 5 6.10 4.74 -12.44
C THR B 5 4.78 4.29 -13.06
N THR B 6 4.75 3.04 -13.51
CA THR B 6 3.53 2.43 -14.03
C THR B 6 2.50 2.22 -12.92
N ASN B 7 1.26 1.91 -13.30
CA ASN B 7 0.18 1.75 -12.34
C ASN B 7 0.54 0.71 -11.26
N GLN B 8 1.06 -0.42 -11.71
CA GLN B 8 1.52 -1.48 -10.80
C GLN B 8 2.51 -0.95 -9.80
N LYS B 9 3.41 -0.10 -10.25
CA LYS B 9 4.45 0.41 -9.39
C LYS B 9 3.85 1.32 -8.35
N GLU B 10 2.76 1.99 -8.73
CA GLU B 10 2.11 2.94 -7.82
C GLU B 10 1.42 2.22 -6.67
N ALA B 11 0.68 1.15 -6.98
CA ALA B 11 -0.03 0.42 -5.93
C ALA B 11 0.97 -0.18 -4.94
N GLU B 12 2.04 -0.78 -5.46
CA GLU B 12 3.11 -1.33 -4.62
C GLU B 12 3.75 -0.24 -3.79
N LYS B 13 3.93 0.91 -4.41
CA LYS B 13 4.61 2.03 -3.78
C LYS B 13 3.83 2.53 -2.58
N ALA B 14 2.51 2.60 -2.72
CA ALA B 14 1.64 3.02 -1.63
C ALA B 14 1.76 2.05 -0.45
N VAL B 15 1.88 0.77 -0.76
CA VAL B 15 2.12 -0.26 0.23
C VAL B 15 3.41 0.00 1.01
N SER B 16 4.41 0.55 0.34
CA SER B 16 5.69 0.82 1.00
C SER B 16 5.50 1.88 2.08
N GLN B 17 4.79 2.96 1.70
CA GLN B 17 4.38 3.98 2.69
C GLN B 17 3.45 3.38 3.74
N LEU B 18 2.59 2.46 3.34
CA LEU B 18 1.68 1.78 4.27
C LEU B 18 2.46 1.02 5.34
N PHE B 19 3.62 0.51 4.98
CA PHE B 19 4.43 -0.27 5.90
C PHE B 19 4.76 0.51 7.18
N GLU B 20 4.95 1.83 7.08
CA GLU B 20 5.34 2.62 8.24
C GLU B 20 4.20 2.75 9.27
N VAL B 21 2.97 2.46 8.86
CA VAL B 21 1.85 2.47 9.81
C VAL B 21 1.60 1.08 10.40
N GLY B 22 2.55 0.18 10.17
CA GLY B 22 2.47 -1.14 10.77
C GLY B 22 1.68 -2.14 9.95
N VAL B 23 1.52 -1.88 8.66
CA VAL B 23 0.82 -2.82 7.78
C VAL B 23 1.52 -4.17 7.71
N ARG B 24 0.70 -5.20 7.85
CA ARG B 24 1.16 -6.57 7.85
C ARG B 24 0.22 -7.30 6.92
N PHE B 25 0.53 -8.52 6.49
CA PHE B 25 -0.50 -9.32 5.85
C PHE B 25 -1.69 -9.48 6.81
N ASN B 26 -1.32 -9.73 8.06
CA ASN B 26 -2.29 -9.87 9.14
C ASN B 26 -3.18 -8.62 9.25
N ASP B 27 -2.58 -7.44 9.16
CA ASP B 27 -3.34 -6.19 9.19
C ASP B 27 -4.24 -6.00 7.96
N PHE B 28 -3.77 -6.39 6.77
CA PHE B 28 -4.62 -6.34 5.59
C PHE B 28 -5.80 -7.29 5.72
N ILE B 29 -5.54 -8.47 6.29
CA ILE B 29 -6.60 -9.44 6.61
C ILE B 29 -7.66 -8.83 7.53
N ALA B 30 -7.21 -7.90 8.37
CA ALA B 30 -8.14 -7.16 9.24
C ALA B 30 -9.08 -6.29 8.38
N GLU B 31 -8.58 -5.89 7.22
CA GLU B 31 -9.34 -5.08 6.25
C GLU B 31 -10.04 -5.94 5.18
N GLY B 32 -10.04 -7.26 5.34
CA GLY B 32 -10.61 -8.13 4.31
C GLY B 32 -9.65 -8.39 3.16
N ILE B 33 -8.45 -7.89 3.32
CA ILE B 33 -7.47 -7.89 2.25
C ILE B 33 -6.55 -9.11 2.31
N GLU B 34 -6.30 -9.67 1.14
CA GLU B 34 -5.48 -10.87 0.97
C GLU B 34 -4.06 -10.66 1.51
N PRO B 35 -3.59 -11.59 2.36
CA PRO B 35 -2.25 -11.56 2.94
C PRO B 35 -1.16 -11.70 1.88
N SER B 36 -1.51 -12.37 0.80
CA SER B 36 -0.58 -12.65 -0.29
C SER B 36 -0.06 -11.33 -0.87
N VAL B 37 -0.99 -10.39 -1.03
CA VAL B 37 -0.64 -9.06 -1.51
C VAL B 37 0.38 -8.35 -0.61
N VAL B 38 0.24 -8.49 0.71
CA VAL B 38 1.21 -7.85 1.59
C VAL B 38 2.54 -8.58 1.49
N HIS B 39 2.46 -9.91 1.58
CA HIS B 39 3.63 -10.76 1.62
C HIS B 39 4.47 -10.62 0.36
N THR B 40 3.84 -10.69 -0.80
CA THR B 40 4.55 -10.60 -2.06
C THR B 40 5.12 -9.20 -2.28
N LEU B 41 4.28 -8.19 -2.09
CA LEU B 41 4.72 -6.80 -2.21
C LEU B 41 5.86 -6.49 -1.23
N PHE B 42 5.83 -7.08 -0.05
CA PHE B 42 6.92 -6.91 0.92
C PHE B 42 8.21 -7.46 0.30
N LEU B 43 8.06 -8.65 -0.27
CA LEU B 43 9.13 -9.31 -1.02
C LEU B 43 9.62 -8.40 -2.16
N LYS B 44 8.69 -7.79 -2.88
CA LYS B 44 9.01 -6.89 -3.99
C LYS B 44 9.60 -5.56 -3.53
N LEU B 45 9.30 -5.19 -2.29
CA LEU B 45 9.65 -3.87 -1.78
C LEU B 45 10.99 -3.89 -1.06
N GLY B 46 11.52 -5.08 -0.86
CA GLY B 46 12.81 -5.22 -0.21
C GLY B 46 12.77 -4.79 1.23
N LEU B 47 11.62 -4.94 1.86
CA LEU B 47 11.44 -4.53 3.24
C LEU B 47 12.07 -5.54 4.17
N ASP B 48 12.80 -5.04 5.16
CA ASP B 48 13.49 -5.91 6.11
C ASP B 48 12.53 -6.53 7.10
N SER B 49 12.74 -7.80 7.38
CA SER B 49 11.92 -8.51 8.36
C SER B 49 12.62 -8.47 9.72
N SER A 12 8.57 -10.07 -13.99
CA SER A 12 7.75 -9.19 -14.81
C SER A 12 7.21 -8.03 -13.99
N ASP A 13 6.15 -8.29 -13.22
CA ASP A 13 5.43 -7.28 -12.42
C ASP A 13 5.37 -5.93 -13.13
N ALA A 14 5.00 -5.95 -14.41
CA ALA A 14 4.90 -4.75 -15.20
C ALA A 14 3.44 -4.52 -15.59
N VAL A 15 2.64 -4.17 -14.58
CA VAL A 15 1.19 -3.98 -14.76
C VAL A 15 0.54 -5.31 -15.14
N GLU A 16 0.66 -6.29 -14.25
CA GLU A 16 0.10 -7.62 -14.49
C GLU A 16 -1.39 -7.67 -14.12
N PRO A 17 -2.02 -8.86 -13.96
CA PRO A 17 -3.40 -8.94 -13.49
C PRO A 17 -3.53 -8.62 -12.00
N SER A 18 -2.45 -8.88 -11.27
CA SER A 18 -2.42 -8.73 -9.82
C SER A 18 -2.67 -7.30 -9.38
N VAL A 19 -2.40 -6.37 -10.28
CA VAL A 19 -2.46 -4.96 -9.99
C VAL A 19 -3.85 -4.53 -9.54
N GLU A 20 -4.87 -5.18 -10.05
CA GLU A 20 -6.22 -4.78 -9.72
C GLU A 20 -6.51 -5.00 -8.23
N LYS A 21 -6.21 -6.19 -7.72
CA LYS A 21 -6.27 -6.44 -6.28
C LYS A 21 -5.38 -5.49 -5.53
N GLU A 22 -4.23 -5.24 -6.11
CA GLU A 22 -3.26 -4.33 -5.54
C GLU A 22 -3.85 -2.93 -5.38
N TYR A 23 -4.50 -2.42 -6.42
CA TYR A 23 -5.08 -1.11 -6.31
C TYR A 23 -6.29 -1.08 -5.39
N LYS A 24 -7.20 -2.02 -5.55
CA LYS A 24 -8.46 -1.93 -4.84
C LYS A 24 -8.28 -2.08 -3.34
N LYS A 25 -7.61 -3.15 -2.92
CA LYS A 25 -7.30 -3.34 -1.52
C LYS A 25 -6.41 -2.23 -0.93
N ILE A 26 -5.32 -1.92 -1.63
CA ILE A 26 -4.35 -0.95 -1.10
C ILE A 26 -4.92 0.47 -1.10
N ILE A 27 -5.46 0.90 -2.23
CA ILE A 27 -5.96 2.27 -2.36
C ILE A 27 -7.08 2.55 -1.36
N SER A 28 -8.01 1.61 -1.28
CA SER A 28 -9.12 1.75 -0.34
C SER A 28 -8.58 1.86 1.09
N PHE A 29 -7.58 1.04 1.39
CA PHE A 29 -6.89 1.09 2.67
C PHE A 29 -6.23 2.45 2.90
N ARG A 30 -5.47 2.94 1.89
CA ARG A 30 -4.76 4.21 2.04
C ARG A 30 -5.72 5.35 2.21
N ASP A 31 -6.68 5.40 1.30
CA ASP A 31 -7.63 6.51 1.25
C ASP A 31 -8.32 6.76 2.59
N THR A 32 -8.75 5.74 3.32
CA THR A 32 -9.23 5.99 4.68
C THR A 32 -8.10 6.50 5.59
N VAL A 33 -6.90 5.93 5.41
CA VAL A 33 -5.70 6.36 6.16
C VAL A 33 -5.39 7.84 5.91
N PHE A 34 -5.62 8.30 4.68
CA PHE A 34 -5.28 9.66 4.27
C PHE A 34 -6.06 10.70 5.05
N GLU A 35 -7.25 10.34 5.50
CA GLU A 35 -8.06 11.28 6.27
C GLU A 35 -7.76 11.15 7.76
N GLY A 36 -7.10 10.05 8.12
CA GLY A 36 -6.75 9.84 9.50
C GLY A 36 -7.86 9.17 10.26
N LYS A 37 -8.68 8.43 9.53
CA LYS A 37 -9.90 7.84 10.09
C LYS A 37 -9.90 6.33 9.89
N HIS A 38 -8.72 5.77 9.64
CA HIS A 38 -8.61 4.35 9.32
C HIS A 38 -8.93 3.49 10.54
N GLN A 39 -9.82 2.52 10.37
CA GLN A 39 -10.33 1.68 11.46
C GLN A 39 -9.21 1.26 12.42
N GLN A 40 -8.16 0.66 11.87
CA GLN A 40 -7.06 0.12 12.68
C GLN A 40 -6.05 1.20 13.05
N PHE A 41 -5.99 2.26 12.24
CA PHE A 41 -4.90 3.23 12.35
C PHE A 41 -5.42 4.66 12.30
N LEU A 42 -5.30 5.38 13.39
CA LEU A 42 -5.62 6.80 13.38
C LEU A 42 -4.34 7.60 13.27
N VAL A 43 -4.17 8.28 12.13
CA VAL A 43 -2.93 8.98 11.84
C VAL A 43 -3.15 10.48 11.74
N PRO A 44 -2.13 11.27 12.11
CA PRO A 44 -2.19 12.71 12.03
C PRO A 44 -1.74 13.22 10.65
N ASN A 45 -1.66 14.53 10.49
CA ASN A 45 -1.29 15.12 9.22
C ASN A 45 0.09 14.66 8.76
N ASN A 46 1.05 14.67 9.67
CA ASN A 46 2.44 14.35 9.32
C ASN A 46 2.60 12.97 8.72
N VAL A 47 1.87 11.99 9.25
CA VAL A 47 1.99 10.62 8.77
C VAL A 47 1.38 10.48 7.37
N ARG A 48 0.21 11.08 7.20
CA ARG A 48 -0.45 11.02 5.90
C ARG A 48 0.35 11.79 4.86
N LEU A 49 0.99 12.87 5.31
CA LEU A 49 1.92 13.62 4.46
C LEU A 49 3.05 12.74 3.95
N LYS A 50 3.49 11.79 4.79
CA LYS A 50 4.53 10.85 4.37
C LYS A 50 4.04 10.00 3.22
N PHE A 51 2.80 9.54 3.33
CA PHE A 51 2.17 8.79 2.25
C PHE A 51 2.08 9.62 0.98
N LEU A 52 1.70 10.88 1.16
CA LEU A 52 1.44 11.77 0.05
C LEU A 52 2.73 12.19 -0.66
N ARG A 53 3.83 12.20 0.09
CA ARG A 53 5.14 12.48 -0.47
C ARG A 53 5.55 11.43 -1.52
N ASP A 54 5.16 10.19 -1.28
CA ASP A 54 5.51 9.10 -2.20
C ASP A 54 4.30 8.61 -2.97
N ARG A 55 4.47 7.45 -3.62
CA ARG A 55 3.46 6.83 -4.48
C ARG A 55 3.35 7.58 -5.80
N GLY B 1 -0.19 10.98 -15.74
CA GLY B 1 1.20 10.78 -15.27
C GLY B 1 1.72 9.41 -15.63
N ALA B 2 2.09 8.63 -14.61
CA ALA B 2 2.53 7.24 -14.78
C ALA B 2 3.80 7.15 -15.63
N MET B 3 4.54 8.24 -15.72
CA MET B 3 5.78 8.26 -16.47
C MET B 3 6.95 8.11 -15.51
N GLY B 4 7.33 6.88 -15.25
CA GLY B 4 8.35 6.58 -14.28
C GLY B 4 8.05 5.28 -13.57
N THR B 5 6.94 5.26 -12.86
CA THR B 5 6.47 4.03 -12.24
C THR B 5 5.19 3.56 -12.90
N THR B 6 5.17 2.31 -13.33
CA THR B 6 3.97 1.70 -13.89
C THR B 6 2.91 1.45 -12.81
N ASN B 7 1.69 1.13 -13.24
CA ASN B 7 0.57 1.00 -12.31
C ASN B 7 0.88 0.03 -11.17
N GLN B 8 1.42 -1.13 -11.52
CA GLN B 8 1.84 -2.12 -10.53
C GLN B 8 2.83 -1.52 -9.54
N LYS B 9 3.73 -0.67 -10.02
CA LYS B 9 4.72 -0.07 -9.15
C LYS B 9 4.07 0.94 -8.23
N GLU B 10 2.98 1.55 -8.69
CA GLU B 10 2.29 2.53 -7.88
C GLU B 10 1.64 1.86 -6.68
N ALA B 11 1.00 0.71 -6.90
CA ALA B 11 0.43 -0.06 -5.80
C ALA B 11 1.52 -0.49 -4.82
N GLU B 12 2.70 -0.83 -5.34
CA GLU B 12 3.86 -1.17 -4.52
C GLU B 12 4.25 -0.01 -3.60
N LYS B 13 4.30 1.18 -4.19
CA LYS B 13 4.77 2.37 -3.49
C LYS B 13 3.86 2.73 -2.33
N ALA B 14 2.56 2.54 -2.56
CA ALA B 14 1.57 2.80 -1.53
C ALA B 14 1.80 1.90 -0.32
N VAL B 15 2.04 0.61 -0.60
CA VAL B 15 2.38 -0.36 0.44
C VAL B 15 3.63 0.08 1.20
N SER B 16 4.57 0.69 0.50
CA SER B 16 5.84 1.06 1.11
C SER B 16 5.59 2.14 2.16
N GLN B 17 4.81 3.15 1.78
CA GLN B 17 4.36 4.17 2.73
C GLN B 17 3.53 3.54 3.85
N LEU B 18 2.68 2.58 3.49
CA LEU B 18 1.84 1.89 4.46
C LEU B 18 2.66 1.17 5.52
N PHE B 19 3.86 0.75 5.17
CA PHE B 19 4.76 0.06 6.09
C PHE B 19 4.98 0.90 7.37
N GLU B 20 4.99 2.22 7.23
CA GLU B 20 5.27 3.10 8.37
C GLU B 20 4.17 3.00 9.45
N VAL B 21 2.97 2.59 9.05
CA VAL B 21 1.87 2.47 10.00
C VAL B 21 1.71 1.02 10.48
N GLY B 22 2.67 0.17 10.15
CA GLY B 22 2.68 -1.17 10.69
C GLY B 22 1.90 -2.18 9.88
N VAL B 23 1.66 -1.89 8.61
CA VAL B 23 0.92 -2.80 7.75
C VAL B 23 1.60 -4.16 7.62
N ARG B 24 0.77 -5.19 7.78
CA ARG B 24 1.22 -6.56 7.75
C ARG B 24 0.23 -7.29 6.85
N PHE B 25 0.52 -8.49 6.37
CA PHE B 25 -0.53 -9.25 5.67
C PHE B 25 -1.72 -9.46 6.62
N ASN B 26 -1.38 -9.85 7.84
CA ASN B 26 -2.37 -10.06 8.89
C ASN B 26 -3.24 -8.81 9.11
N ASP B 27 -2.64 -7.62 9.12
CA ASP B 27 -3.39 -6.38 9.26
C ASP B 27 -4.34 -6.14 8.09
N PHE B 28 -3.90 -6.45 6.87
CA PHE B 28 -4.75 -6.31 5.70
C PHE B 28 -5.95 -7.27 5.78
N ILE B 29 -5.70 -8.50 6.22
CA ILE B 29 -6.76 -9.50 6.43
C ILE B 29 -7.82 -8.99 7.40
N ALA B 30 -7.38 -8.18 8.34
CA ALA B 30 -8.28 -7.60 9.33
C ALA B 30 -9.36 -6.74 8.66
N GLU B 31 -9.00 -6.13 7.52
CA GLU B 31 -9.97 -5.41 6.69
C GLU B 31 -10.53 -6.23 5.53
N GLY B 32 -10.33 -7.54 5.57
CA GLY B 32 -10.80 -8.41 4.48
C GLY B 32 -9.87 -8.45 3.28
N ILE B 33 -8.69 -7.93 3.50
CA ILE B 33 -7.69 -7.84 2.43
C ILE B 33 -6.80 -9.09 2.43
N GLU B 34 -6.54 -9.61 1.24
CA GLU B 34 -5.76 -10.84 1.07
C GLU B 34 -4.30 -10.63 1.46
N PRO B 35 -3.72 -11.63 2.16
CA PRO B 35 -2.32 -11.63 2.58
C PRO B 35 -1.35 -11.62 1.41
N SER B 36 -1.82 -12.15 0.29
CA SER B 36 -1.00 -12.31 -0.91
C SER B 36 -0.50 -10.95 -1.38
N VAL B 37 -1.40 -9.97 -1.32
CA VAL B 37 -1.05 -8.60 -1.69
C VAL B 37 0.08 -8.04 -0.82
N VAL B 38 -0.02 -8.20 0.50
CA VAL B 38 1.01 -7.63 1.37
C VAL B 38 2.32 -8.37 1.21
N HIS B 39 2.22 -9.70 1.26
CA HIS B 39 3.40 -10.55 1.30
C HIS B 39 4.20 -10.42 0.01
N THR B 40 3.53 -10.50 -1.14
CA THR B 40 4.22 -10.46 -2.41
C THR B 40 4.84 -9.10 -2.67
N LEU B 41 4.04 -8.05 -2.50
CA LEU B 41 4.54 -6.69 -2.69
C LEU B 41 5.70 -6.37 -1.76
N PHE B 42 5.67 -6.87 -0.55
CA PHE B 42 6.76 -6.65 0.41
C PHE B 42 8.03 -7.31 -0.13
N LEU B 43 7.83 -8.54 -0.58
CA LEU B 43 8.87 -9.31 -1.26
C LEU B 43 9.41 -8.51 -2.47
N LYS B 44 8.52 -7.85 -3.20
CA LYS B 44 8.89 -7.01 -4.34
C LYS B 44 9.58 -5.71 -3.88
N LEU B 45 9.35 -5.33 -2.64
CA LEU B 45 9.81 -4.03 -2.13
C LEU B 45 11.25 -4.13 -1.65
N GLY B 46 11.78 -5.35 -1.61
CA GLY B 46 13.14 -5.56 -1.17
C GLY B 46 13.30 -5.36 0.33
N LEU B 47 12.19 -5.51 1.05
CA LEU B 47 12.20 -5.31 2.50
C LEU B 47 12.46 -6.63 3.21
N ASP B 48 13.32 -6.60 4.22
CA ASP B 48 13.70 -7.80 4.96
C ASP B 48 12.58 -8.26 5.90
N SER B 49 12.48 -9.56 6.08
CA SER B 49 11.49 -10.14 6.99
C SER B 49 12.18 -11.02 8.02
N SER A 12 8.35 -9.14 -15.60
CA SER A 12 8.70 -7.74 -15.72
C SER A 12 7.69 -6.90 -14.94
N ASP A 13 6.52 -7.50 -14.74
CA ASP A 13 5.43 -6.91 -13.95
C ASP A 13 4.98 -5.57 -14.52
N ALA A 14 5.00 -5.47 -15.85
CA ALA A 14 4.59 -4.24 -16.52
C ALA A 14 3.07 -4.13 -16.57
N VAL A 15 2.47 -3.98 -15.39
CA VAL A 15 1.02 -3.82 -15.26
C VAL A 15 0.28 -5.05 -15.78
N GLU A 16 0.35 -6.13 -15.02
CA GLU A 16 -0.29 -7.36 -15.41
C GLU A 16 -1.74 -7.42 -14.84
N PRO A 17 -2.42 -8.60 -14.73
CA PRO A 17 -3.82 -8.65 -14.29
C PRO A 17 -4.08 -8.23 -12.83
N SER A 18 -3.24 -8.70 -11.92
CA SER A 18 -3.53 -8.57 -10.48
C SER A 18 -3.47 -7.12 -10.01
N VAL A 19 -2.73 -6.30 -10.73
CA VAL A 19 -2.40 -4.96 -10.27
C VAL A 19 -3.67 -4.13 -10.08
N GLU A 20 -4.65 -4.36 -10.92
CA GLU A 20 -5.88 -3.58 -10.85
C GLU A 20 -6.61 -3.80 -9.54
N LYS A 21 -6.82 -5.05 -9.15
CA LYS A 21 -7.45 -5.37 -7.89
C LYS A 21 -6.55 -5.02 -6.72
N GLU A 22 -5.24 -5.18 -6.91
CA GLU A 22 -4.29 -4.79 -5.90
C GLU A 22 -4.43 -3.30 -5.63
N TYR A 23 -4.77 -2.53 -6.66
CA TYR A 23 -5.06 -1.12 -6.45
C TYR A 23 -6.29 -0.93 -5.60
N LYS A 24 -7.36 -1.64 -5.94
CA LYS A 24 -8.63 -1.38 -5.30
C LYS A 24 -8.55 -1.58 -3.79
N LYS A 25 -7.98 -2.70 -3.37
CA LYS A 25 -7.75 -2.93 -1.94
C LYS A 25 -6.80 -1.92 -1.30
N ILE A 26 -5.66 -1.67 -1.92
CA ILE A 26 -4.63 -0.80 -1.35
C ILE A 26 -5.10 0.67 -1.31
N ILE A 27 -5.63 1.13 -2.43
CA ILE A 27 -6.11 2.50 -2.55
C ILE A 27 -7.24 2.79 -1.55
N SER A 28 -8.22 1.89 -1.51
CA SER A 28 -9.34 2.06 -0.58
C SER A 28 -8.85 2.09 0.87
N PHE A 29 -7.87 1.24 1.16
CA PHE A 29 -7.25 1.19 2.48
C PHE A 29 -6.48 2.48 2.77
N ARG A 30 -5.62 2.88 1.83
CA ARG A 30 -4.77 4.06 2.01
C ARG A 30 -5.61 5.34 2.07
N ASP A 31 -6.57 5.46 1.15
CA ASP A 31 -7.45 6.62 1.13
C ASP A 31 -8.12 6.86 2.46
N THR A 32 -8.67 5.84 3.10
CA THR A 32 -9.17 6.01 4.45
C THR A 32 -8.06 6.49 5.41
N VAL A 33 -6.86 5.95 5.22
CA VAL A 33 -5.71 6.30 6.04
C VAL A 33 -5.33 7.77 5.85
N PHE A 34 -5.46 8.27 4.62
CA PHE A 34 -4.98 9.61 4.26
C PHE A 34 -5.65 10.68 5.12
N GLU A 35 -6.90 10.44 5.50
CA GLU A 35 -7.64 11.41 6.29
C GLU A 35 -7.46 11.17 7.78
N GLY A 36 -6.99 9.99 8.13
CA GLY A 36 -6.74 9.67 9.52
C GLY A 36 -7.96 9.06 10.17
N LYS A 37 -8.77 8.40 9.36
CA LYS A 37 -10.03 7.82 9.84
C LYS A 37 -10.01 6.31 9.69
N HIS A 38 -8.82 5.76 9.43
CA HIS A 38 -8.66 4.35 9.16
C HIS A 38 -8.97 3.50 10.40
N GLN A 39 -9.80 2.48 10.22
CA GLN A 39 -10.35 1.69 11.34
C GLN A 39 -9.28 1.23 12.31
N GLN A 40 -8.26 0.52 11.81
CA GLN A 40 -7.23 -0.04 12.68
C GLN A 40 -6.16 0.99 13.03
N PHE A 41 -6.00 1.99 12.18
CA PHE A 41 -4.87 2.91 12.32
C PHE A 41 -5.30 4.36 12.18
N LEU A 42 -5.20 5.11 13.26
CA LEU A 42 -5.44 6.54 13.20
C LEU A 42 -4.12 7.26 12.99
N VAL A 43 -3.97 7.90 11.84
CA VAL A 43 -2.73 8.57 11.50
C VAL A 43 -2.90 10.09 11.51
N PRO A 44 -1.89 10.81 12.02
CA PRO A 44 -1.90 12.25 12.08
C PRO A 44 -1.34 12.89 10.80
N ASN A 45 -1.12 14.20 10.83
CA ASN A 45 -0.65 14.93 9.66
C ASN A 45 0.68 14.40 9.16
N ASN A 46 1.64 14.25 10.08
CA ASN A 46 3.00 13.85 9.71
C ASN A 46 3.02 12.54 8.92
N VAL A 47 2.17 11.60 9.32
CA VAL A 47 2.16 10.30 8.69
C VAL A 47 1.51 10.36 7.32
N ARG A 48 0.38 11.05 7.22
CA ARG A 48 -0.32 11.18 5.95
C ARG A 48 0.56 11.95 4.95
N LEU A 49 1.30 12.92 5.48
CA LEU A 49 2.30 13.63 4.68
C LEU A 49 3.36 12.68 4.13
N LYS A 50 3.79 11.70 4.94
CA LYS A 50 4.74 10.69 4.46
C LYS A 50 4.10 9.84 3.37
N PHE A 51 2.83 9.57 3.54
CA PHE A 51 2.06 8.82 2.57
C PHE A 51 1.99 9.53 1.22
N LEU A 52 1.65 10.81 1.24
CA LEU A 52 1.41 11.58 0.03
C LEU A 52 2.71 11.91 -0.72
N ARG A 53 3.81 12.00 0.02
CA ARG A 53 5.10 12.34 -0.57
C ARG A 53 5.58 11.34 -1.61
N ASP A 54 5.23 10.08 -1.46
CA ASP A 54 5.70 9.06 -2.41
C ASP A 54 4.65 8.71 -3.45
N ARG A 55 3.63 7.92 -3.05
CA ARG A 55 2.58 7.51 -3.97
C ARG A 55 2.04 8.69 -4.78
N GLY B 1 -0.83 7.61 -21.09
CA GLY B 1 -0.64 8.71 -20.12
C GLY B 1 0.79 8.75 -19.60
N ALA B 2 1.10 9.79 -18.83
CA ALA B 2 2.44 9.96 -18.28
C ALA B 2 2.54 9.31 -16.90
N MET B 3 3.35 8.27 -16.80
CA MET B 3 3.56 7.59 -15.53
C MET B 3 5.03 7.26 -15.36
N GLY B 4 5.60 7.73 -14.25
CA GLY B 4 7.00 7.46 -13.97
C GLY B 4 7.18 6.07 -13.39
N THR B 5 6.26 5.69 -12.52
CA THR B 5 6.25 4.35 -11.97
C THR B 5 5.07 3.57 -12.52
N THR B 6 5.33 2.35 -12.98
CA THR B 6 4.28 1.52 -13.56
C THR B 6 3.24 1.15 -12.50
N ASN B 7 2.06 0.76 -12.96
CA ASN B 7 0.93 0.54 -12.04
C ASN B 7 1.26 -0.46 -10.94
N GLN B 8 1.88 -1.57 -11.34
CA GLN B 8 2.34 -2.58 -10.39
C GLN B 8 3.24 -1.95 -9.33
N LYS B 9 4.14 -1.08 -9.76
CA LYS B 9 5.07 -0.43 -8.84
C LYS B 9 4.35 0.63 -8.03
N GLU B 10 3.31 1.22 -8.62
CA GLU B 10 2.55 2.27 -7.98
C GLU B 10 1.79 1.71 -6.77
N ALA B 11 1.15 0.55 -6.96
CA ALA B 11 0.49 -0.12 -5.85
C ALA B 11 1.53 -0.49 -4.77
N GLU B 12 2.74 -0.85 -5.21
CA GLU B 12 3.86 -1.11 -4.30
C GLU B 12 4.18 0.13 -3.47
N LYS B 13 4.13 1.30 -4.11
CA LYS B 13 4.52 2.55 -3.45
C LYS B 13 3.61 2.83 -2.28
N ALA B 14 2.31 2.71 -2.50
CA ALA B 14 1.33 3.00 -1.48
C ALA B 14 1.52 2.08 -0.27
N VAL B 15 1.75 0.81 -0.57
CA VAL B 15 2.07 -0.19 0.44
C VAL B 15 3.33 0.19 1.24
N SER B 16 4.30 0.82 0.58
CA SER B 16 5.55 1.14 1.25
C SER B 16 5.32 2.17 2.35
N GLN B 17 4.60 3.24 2.02
CA GLN B 17 4.18 4.21 3.03
C GLN B 17 3.27 3.54 4.06
N LEU B 18 2.42 2.62 3.61
CA LEU B 18 1.53 1.89 4.51
C LEU B 18 2.32 1.11 5.57
N PHE B 19 3.50 0.65 5.20
CA PHE B 19 4.35 -0.09 6.12
C PHE B 19 4.63 0.68 7.41
N GLU B 20 4.73 2.02 7.32
CA GLU B 20 5.11 2.84 8.47
C GLU B 20 4.01 2.84 9.55
N VAL B 21 2.78 2.52 9.15
CA VAL B 21 1.65 2.51 10.08
C VAL B 21 1.38 1.12 10.62
N GLY B 22 2.29 0.20 10.34
CA GLY B 22 2.16 -1.14 10.86
C GLY B 22 1.36 -2.07 9.96
N VAL B 23 1.23 -1.70 8.69
CA VAL B 23 0.58 -2.58 7.74
C VAL B 23 1.34 -3.87 7.55
N ARG B 24 0.64 -4.97 7.75
CA ARG B 24 1.23 -6.28 7.69
C ARG B 24 0.28 -7.12 6.86
N PHE B 25 0.65 -8.31 6.42
CA PHE B 25 -0.35 -9.15 5.77
C PHE B 25 -1.48 -9.48 6.75
N ASN B 26 -1.06 -9.84 7.96
CA ASN B 26 -1.99 -10.11 9.05
C ASN B 26 -2.94 -8.93 9.30
N ASP B 27 -2.42 -7.70 9.27
CA ASP B 27 -3.28 -6.52 9.44
C ASP B 27 -4.20 -6.27 8.24
N PHE B 28 -3.74 -6.58 7.04
CA PHE B 28 -4.61 -6.50 5.87
C PHE B 28 -5.77 -7.50 6.01
N ILE B 29 -5.44 -8.71 6.46
CA ILE B 29 -6.44 -9.75 6.73
C ILE B 29 -7.43 -9.27 7.81
N ALA B 30 -6.92 -8.45 8.71
CA ALA B 30 -7.75 -7.90 9.77
C ALA B 30 -8.89 -7.06 9.18
N GLU B 31 -8.65 -6.44 8.04
CA GLU B 31 -9.73 -5.77 7.29
C GLU B 31 -10.31 -6.65 6.17
N GLY B 32 -9.68 -7.78 5.86
CA GLY B 32 -10.25 -8.72 4.90
C GLY B 32 -9.47 -8.68 3.60
N ILE B 33 -8.48 -7.81 3.60
CA ILE B 33 -7.56 -7.65 2.49
C ILE B 33 -6.57 -8.81 2.45
N GLU B 34 -6.33 -9.32 1.25
CA GLU B 34 -5.50 -10.50 1.03
C GLU B 34 -4.07 -10.30 1.55
N PRO B 35 -3.53 -11.34 2.22
CA PRO B 35 -2.14 -11.39 2.67
C PRO B 35 -1.17 -11.33 1.50
N SER B 36 -1.66 -11.79 0.36
CA SER B 36 -0.86 -11.89 -0.85
C SER B 36 -0.42 -10.49 -1.29
N VAL B 37 -1.32 -9.53 -1.13
CA VAL B 37 -1.02 -8.14 -1.45
C VAL B 37 0.16 -7.64 -0.63
N VAL B 38 0.15 -7.87 0.68
CA VAL B 38 1.25 -7.41 1.51
C VAL B 38 2.49 -8.23 1.22
N HIS B 39 2.33 -9.55 1.22
CA HIS B 39 3.45 -10.46 1.13
C HIS B 39 4.19 -10.31 -0.19
N THR B 40 3.45 -10.30 -1.29
CA THR B 40 4.07 -10.21 -2.61
C THR B 40 4.72 -8.84 -2.84
N LEU B 41 3.94 -7.80 -2.58
CA LEU B 41 4.47 -6.44 -2.70
C LEU B 41 5.68 -6.22 -1.79
N PHE B 42 5.67 -6.83 -0.60
CA PHE B 42 6.81 -6.74 0.33
C PHE B 42 8.03 -7.44 -0.31
N LEU B 43 7.74 -8.61 -0.85
CA LEU B 43 8.74 -9.39 -1.59
C LEU B 43 9.33 -8.54 -2.71
N LYS B 44 8.47 -7.85 -3.43
CA LYS B 44 8.88 -6.95 -4.51
C LYS B 44 9.55 -5.68 -3.97
N LEU B 45 9.26 -5.35 -2.72
CA LEU B 45 9.79 -4.12 -2.12
C LEU B 45 11.20 -4.35 -1.57
N GLY B 46 11.61 -5.62 -1.56
CA GLY B 46 12.95 -5.97 -1.14
C GLY B 46 13.19 -5.70 0.33
N LEU B 47 12.11 -5.64 1.09
CA LEU B 47 12.19 -5.32 2.52
C LEU B 47 12.55 -6.54 3.34
N ASP B 48 13.32 -6.32 4.39
CA ASP B 48 13.71 -7.38 5.31
C ASP B 48 12.52 -7.80 6.18
N SER B 49 12.30 -9.11 6.27
CA SER B 49 11.24 -9.66 7.10
C SER B 49 11.70 -9.74 8.55
N SER A 12 6.16 -9.38 -16.75
CA SER A 12 6.20 -7.93 -16.83
C SER A 12 5.40 -7.30 -15.70
N ASP A 13 5.50 -5.99 -15.57
CA ASP A 13 4.71 -5.25 -14.59
C ASP A 13 4.25 -3.93 -15.19
N ALA A 14 4.25 -3.86 -16.52
CA ALA A 14 3.86 -2.65 -17.23
C ALA A 14 2.34 -2.47 -17.19
N VAL A 15 1.81 -2.35 -15.97
CA VAL A 15 0.39 -2.21 -15.72
C VAL A 15 -0.35 -3.44 -16.22
N GLU A 16 -0.25 -4.51 -15.44
CA GLU A 16 -0.83 -5.79 -15.82
C GLU A 16 -2.31 -5.87 -15.40
N PRO A 17 -2.95 -7.07 -15.34
CA PRO A 17 -4.34 -7.17 -14.90
C PRO A 17 -4.50 -6.99 -13.39
N SER A 18 -3.52 -7.46 -12.64
CA SER A 18 -3.56 -7.46 -11.18
C SER A 18 -3.65 -6.04 -10.63
N VAL A 19 -3.20 -5.10 -11.43
CA VAL A 19 -3.02 -3.73 -10.98
C VAL A 19 -4.31 -3.11 -10.49
N GLU A 20 -5.44 -3.47 -11.10
CA GLU A 20 -6.70 -2.90 -10.67
C GLU A 20 -7.05 -3.38 -9.28
N LYS A 21 -7.01 -4.69 -9.08
CA LYS A 21 -7.21 -5.27 -7.77
C LYS A 21 -6.20 -4.74 -6.75
N GLU A 22 -4.96 -4.62 -7.19
CA GLU A 22 -3.91 -4.08 -6.35
C GLU A 22 -4.22 -2.63 -5.97
N TYR A 23 -4.72 -1.86 -6.94
CA TYR A 23 -5.13 -0.49 -6.65
C TYR A 23 -6.36 -0.44 -5.76
N LYS A 24 -7.36 -1.23 -6.08
CA LYS A 24 -8.65 -1.05 -5.44
C LYS A 24 -8.56 -1.27 -3.94
N LYS A 25 -7.95 -2.37 -3.52
CA LYS A 25 -7.69 -2.59 -2.10
C LYS A 25 -6.72 -1.57 -1.48
N ILE A 26 -5.59 -1.31 -2.12
CA ILE A 26 -4.56 -0.46 -1.54
C ILE A 26 -5.00 1.00 -1.48
N ILE A 27 -5.54 1.49 -2.58
CA ILE A 27 -6.04 2.87 -2.69
C ILE A 27 -7.19 3.14 -1.71
N SER A 28 -8.16 2.24 -1.68
CA SER A 28 -9.31 2.39 -0.78
C SER A 28 -8.82 2.39 0.67
N PHE A 29 -7.88 1.50 0.96
CA PHE A 29 -7.28 1.40 2.28
C PHE A 29 -6.53 2.68 2.62
N ARG A 30 -5.68 3.13 1.69
CA ARG A 30 -4.83 4.29 1.92
C ARG A 30 -5.66 5.57 2.03
N ASP A 31 -6.65 5.75 1.16
CA ASP A 31 -7.53 6.92 1.28
C ASP A 31 -8.18 7.06 2.64
N THR A 32 -8.74 6.00 3.22
CA THR A 32 -9.19 6.09 4.60
C THR A 32 -8.05 6.45 5.56
N VAL A 33 -6.87 5.87 5.29
CA VAL A 33 -5.68 6.15 6.10
C VAL A 33 -5.29 7.63 6.00
N PHE A 34 -5.46 8.23 4.83
CA PHE A 34 -4.97 9.59 4.58
C PHE A 34 -5.57 10.59 5.55
N GLU A 35 -6.86 10.44 5.81
CA GLU A 35 -7.58 11.42 6.61
C GLU A 35 -7.45 11.10 8.09
N GLY A 36 -7.03 9.90 8.40
CA GLY A 36 -6.85 9.50 9.78
C GLY A 36 -8.12 8.87 10.32
N LYS A 37 -8.87 8.24 9.45
CA LYS A 37 -10.17 7.67 9.81
C LYS A 37 -10.12 6.15 9.77
N HIS A 38 -8.92 5.60 9.60
CA HIS A 38 -8.76 4.16 9.50
C HIS A 38 -9.08 3.50 10.84
N GLN A 39 -9.86 2.43 10.80
CA GLN A 39 -10.40 1.81 12.01
C GLN A 39 -9.32 1.11 12.84
N GLN A 40 -8.33 0.52 12.19
CA GLN A 40 -7.29 -0.19 12.92
C GLN A 40 -6.05 0.69 13.12
N PHE A 41 -5.91 1.72 12.31
CA PHE A 41 -4.70 2.53 12.31
C PHE A 41 -5.02 4.02 12.37
N LEU A 42 -4.39 4.72 13.30
CA LEU A 42 -4.58 6.16 13.42
C LEU A 42 -3.30 6.88 13.00
N VAL A 43 -3.41 7.79 12.05
CA VAL A 43 -2.25 8.47 11.51
C VAL A 43 -2.40 9.98 11.60
N PRO A 44 -1.29 10.69 11.81
CA PRO A 44 -1.24 12.14 11.79
C PRO A 44 -0.87 12.67 10.40
N ASN A 45 -0.72 13.97 10.28
CA ASN A 45 -0.45 14.61 8.99
C ASN A 45 0.83 14.07 8.36
N ASN A 46 1.91 14.05 9.12
CA ASN A 46 3.22 13.65 8.61
C ASN A 46 3.22 12.25 8.01
N VAL A 47 2.38 11.38 8.54
CA VAL A 47 2.32 10.00 8.05
C VAL A 47 1.62 9.95 6.69
N ARG A 48 0.51 10.67 6.55
CA ARG A 48 -0.16 10.74 5.27
C ARG A 48 0.79 11.38 4.25
N LEU A 49 1.57 12.35 4.73
CA LEU A 49 2.61 12.98 3.92
C LEU A 49 3.63 11.95 3.44
N LYS A 50 3.88 10.91 4.23
CA LYS A 50 4.79 9.84 3.80
C LYS A 50 4.24 9.18 2.55
N PHE A 51 2.94 8.90 2.58
CA PHE A 51 2.26 8.28 1.45
C PHE A 51 2.35 9.15 0.21
N LEU A 52 2.19 10.43 0.43
CA LEU A 52 2.08 11.39 -0.66
C LEU A 52 3.44 11.62 -1.32
N ARG A 53 4.49 11.59 -0.51
CA ARG A 53 5.85 11.75 -1.01
C ARG A 53 6.27 10.64 -1.96
N ASP A 54 5.84 9.41 -1.69
CA ASP A 54 6.30 8.28 -2.50
C ASP A 54 5.14 7.40 -2.97
N ARG A 55 4.99 7.32 -4.28
CA ARG A 55 4.00 6.50 -4.94
C ARG A 55 4.14 6.67 -6.45
N GLY B 1 5.81 7.83 -8.92
CA GLY B 1 4.91 8.78 -9.61
C GLY B 1 4.22 8.17 -10.80
N ALA B 2 3.72 9.01 -11.69
CA ALA B 2 3.06 8.54 -12.90
C ALA B 2 4.09 8.14 -13.95
N MET B 3 5.30 8.64 -13.80
CA MET B 3 6.41 8.24 -14.65
C MET B 3 7.49 7.60 -13.78
N GLY B 4 8.29 6.74 -14.37
CA GLY B 4 9.32 6.04 -13.63
C GLY B 4 8.80 4.75 -13.02
N THR B 5 7.67 4.86 -12.32
CA THR B 5 6.99 3.70 -11.78
C THR B 5 5.68 3.45 -12.51
N THR B 6 5.48 2.23 -12.95
CA THR B 6 4.23 1.83 -13.58
C THR B 6 3.08 1.82 -12.58
N ASN B 7 1.86 1.73 -13.07
CA ASN B 7 0.68 1.70 -12.20
C ASN B 7 0.80 0.58 -11.17
N GLN B 8 1.22 -0.58 -11.66
CA GLN B 8 1.48 -1.74 -10.81
C GLN B 8 2.48 -1.39 -9.71
N LYS B 9 3.50 -0.64 -10.08
CA LYS B 9 4.53 -0.27 -9.13
C LYS B 9 4.01 0.76 -8.14
N GLU B 10 3.06 1.58 -8.59
CA GLU B 10 2.47 2.60 -7.72
C GLU B 10 1.73 1.91 -6.59
N ALA B 11 1.00 0.84 -6.93
CA ALA B 11 0.30 0.07 -5.91
C ALA B 11 1.31 -0.53 -4.92
N GLU B 12 2.47 -0.97 -5.43
CA GLU B 12 3.56 -1.45 -4.58
C GLU B 12 4.04 -0.35 -3.64
N LYS B 13 4.25 0.83 -4.20
CA LYS B 13 4.81 1.96 -3.48
C LYS B 13 3.89 2.37 -2.36
N ALA B 14 2.60 2.34 -2.63
CA ALA B 14 1.60 2.70 -1.66
C ALA B 14 1.69 1.79 -0.43
N VAL B 15 1.86 0.49 -0.69
CA VAL B 15 2.08 -0.48 0.37
C VAL B 15 3.33 -0.16 1.20
N SER B 16 4.35 0.36 0.54
CA SER B 16 5.61 0.65 1.22
C SER B 16 5.37 1.78 2.23
N GLN B 17 4.69 2.81 1.77
CA GLN B 17 4.22 3.89 2.65
C GLN B 17 3.22 3.36 3.69
N LEU B 18 2.39 2.41 3.30
CA LEU B 18 1.45 1.77 4.23
C LEU B 18 2.19 1.09 5.38
N PHE B 19 3.38 0.61 5.11
CA PHE B 19 4.17 -0.11 6.10
C PHE B 19 4.37 0.71 7.37
N GLU B 20 4.55 2.02 7.25
CA GLU B 20 4.85 2.84 8.43
C GLU B 20 3.64 3.00 9.35
N VAL B 21 2.43 2.70 8.85
CA VAL B 21 1.24 2.76 9.68
C VAL B 21 1.00 1.42 10.39
N GLY B 22 1.93 0.49 10.20
CA GLY B 22 1.84 -0.80 10.86
C GLY B 22 1.14 -1.87 10.04
N VAL B 23 1.04 -1.66 8.73
CA VAL B 23 0.45 -2.67 7.85
C VAL B 23 1.26 -3.96 7.84
N ARG B 24 0.54 -5.07 8.01
CA ARG B 24 1.15 -6.38 8.02
C ARG B 24 0.27 -7.23 7.12
N PHE B 25 0.66 -8.43 6.72
CA PHE B 25 -0.29 -9.29 6.03
C PHE B 25 -1.47 -9.59 6.95
N ASN B 26 -1.12 -9.91 8.20
CA ASN B 26 -2.12 -10.12 9.25
C ASN B 26 -3.07 -8.93 9.38
N ASP B 27 -2.56 -7.71 9.32
CA ASP B 27 -3.41 -6.53 9.41
C ASP B 27 -4.23 -6.29 8.14
N PHE B 28 -3.69 -6.62 6.97
CA PHE B 28 -4.49 -6.54 5.76
C PHE B 28 -5.68 -7.50 5.85
N ILE B 29 -5.43 -8.70 6.38
CA ILE B 29 -6.50 -9.67 6.64
C ILE B 29 -7.53 -9.09 7.61
N ALA B 30 -7.04 -8.25 8.51
CA ALA B 30 -7.92 -7.57 9.46
C ALA B 30 -8.91 -6.67 8.72
N GLU B 31 -8.49 -6.14 7.58
CA GLU B 31 -9.38 -5.36 6.72
C GLU B 31 -10.11 -6.23 5.68
N GLY B 32 -9.68 -7.48 5.49
CA GLY B 32 -10.35 -8.38 4.54
C GLY B 32 -9.48 -8.57 3.31
N ILE B 33 -8.30 -8.02 3.43
CA ILE B 33 -7.31 -8.02 2.35
C ILE B 33 -6.37 -9.23 2.48
N GLU B 34 -6.13 -9.89 1.35
CA GLU B 34 -5.31 -11.09 1.28
C GLU B 34 -3.88 -10.85 1.77
N PRO B 35 -3.34 -11.84 2.51
CA PRO B 35 -1.95 -11.83 3.01
C PRO B 35 -0.93 -11.83 1.87
N SER B 36 -1.35 -12.37 0.74
CA SER B 36 -0.48 -12.51 -0.42
C SER B 36 -0.12 -11.11 -0.95
N VAL B 37 -1.09 -10.22 -0.85
CA VAL B 37 -0.90 -8.84 -1.25
C VAL B 37 0.22 -8.17 -0.44
N VAL B 38 0.21 -8.33 0.87
CA VAL B 38 1.28 -7.76 1.68
C VAL B 38 2.58 -8.52 1.42
N HIS B 39 2.49 -9.84 1.47
CA HIS B 39 3.67 -10.70 1.39
C HIS B 39 4.42 -10.48 0.07
N THR B 40 3.72 -10.50 -1.04
CA THR B 40 4.37 -10.35 -2.34
C THR B 40 4.89 -8.93 -2.54
N LEU B 41 4.05 -7.95 -2.29
CA LEU B 41 4.43 -6.55 -2.43
C LEU B 41 5.59 -6.18 -1.51
N PHE B 42 5.60 -6.70 -0.29
CA PHE B 42 6.71 -6.48 0.65
C PHE B 42 7.99 -7.11 0.10
N LEU B 43 7.81 -8.33 -0.35
CA LEU B 43 8.87 -9.09 -1.03
C LEU B 43 9.44 -8.29 -2.21
N LYS B 44 8.56 -7.69 -2.99
CA LYS B 44 8.96 -6.83 -4.10
C LYS B 44 9.52 -5.48 -3.64
N LEU B 45 9.14 -5.08 -2.43
CA LEU B 45 9.52 -3.75 -1.92
C LEU B 45 10.88 -3.79 -1.24
N GLY B 46 11.42 -4.99 -1.06
CA GLY B 46 12.76 -5.13 -0.51
C GLY B 46 12.84 -4.69 0.94
N LEU B 47 11.72 -4.74 1.63
CA LEU B 47 11.66 -4.28 3.01
C LEU B 47 12.24 -5.34 3.96
N ASP B 48 12.92 -4.87 5.00
CA ASP B 48 13.53 -5.74 5.99
C ASP B 48 12.48 -6.37 6.90
N SER B 49 12.68 -7.63 7.25
CA SER B 49 11.78 -8.34 8.15
C SER B 49 12.58 -9.31 9.02
N SER A 12 8.18 -10.40 -13.74
CA SER A 12 7.76 -9.42 -14.72
C SER A 12 6.65 -8.55 -14.15
N ASP A 13 6.95 -7.89 -13.04
CA ASP A 13 5.98 -7.05 -12.35
C ASP A 13 5.78 -5.73 -13.07
N ALA A 14 5.25 -5.81 -14.28
CA ALA A 14 4.94 -4.61 -15.05
C ALA A 14 3.44 -4.52 -15.31
N VAL A 15 2.71 -4.41 -14.22
CA VAL A 15 1.24 -4.27 -14.25
C VAL A 15 0.61 -5.59 -14.65
N GLU A 16 0.68 -6.54 -13.74
CA GLU A 16 0.15 -7.87 -13.97
C GLU A 16 -1.38 -7.90 -13.71
N PRO A 17 -2.02 -9.09 -13.53
CA PRO A 17 -3.45 -9.13 -13.24
C PRO A 17 -3.79 -8.66 -11.83
N SER A 18 -2.99 -9.09 -10.86
CA SER A 18 -3.24 -8.79 -9.45
C SER A 18 -3.20 -7.29 -9.18
N VAL A 19 -2.46 -6.60 -10.00
CA VAL A 19 -2.17 -5.19 -9.77
C VAL A 19 -3.44 -4.36 -9.78
N GLU A 20 -4.40 -4.75 -10.61
CA GLU A 20 -5.63 -4.00 -10.71
C GLU A 20 -6.44 -4.04 -9.41
N LYS A 21 -6.65 -5.22 -8.84
CA LYS A 21 -7.34 -5.32 -7.56
C LYS A 21 -6.45 -4.82 -6.44
N GLU A 22 -5.14 -5.00 -6.61
CA GLU A 22 -4.18 -4.43 -5.67
C GLU A 22 -4.37 -2.93 -5.60
N TYR A 23 -4.75 -2.31 -6.72
CA TYR A 23 -5.14 -0.92 -6.64
C TYR A 23 -6.38 -0.76 -5.78
N LYS A 24 -7.36 -1.61 -6.00
CA LYS A 24 -8.62 -1.46 -5.31
C LYS A 24 -8.44 -1.65 -3.80
N LYS A 25 -7.80 -2.75 -3.39
CA LYS A 25 -7.48 -2.95 -1.99
C LYS A 25 -6.58 -1.86 -1.39
N ILE A 26 -5.48 -1.55 -2.07
CA ILE A 26 -4.49 -0.61 -1.55
C ILE A 26 -5.01 0.82 -1.52
N ILE A 27 -5.57 1.24 -2.64
CA ILE A 27 -6.11 2.59 -2.79
C ILE A 27 -7.24 2.85 -1.77
N SER A 28 -8.18 1.93 -1.68
CA SER A 28 -9.31 2.07 -0.77
C SER A 28 -8.82 2.13 0.68
N PHE A 29 -7.85 1.29 0.99
CA PHE A 29 -7.25 1.25 2.31
C PHE A 29 -6.53 2.57 2.59
N ARG A 30 -5.69 3.00 1.65
CA ARG A 30 -4.90 4.21 1.83
C ARG A 30 -5.78 5.47 1.89
N ASP A 31 -6.81 5.55 1.04
CA ASP A 31 -7.75 6.67 1.10
C ASP A 31 -8.34 6.85 2.50
N THR A 32 -8.81 5.79 3.13
CA THR A 32 -9.23 5.91 4.53
C THR A 32 -8.07 6.34 5.43
N VAL A 33 -6.87 5.82 5.16
CA VAL A 33 -5.68 6.16 5.94
C VAL A 33 -5.32 7.64 5.82
N PHE A 34 -5.51 8.22 4.63
CA PHE A 34 -5.00 9.56 4.33
C PHE A 34 -5.49 10.59 5.32
N GLU A 35 -6.77 10.50 5.67
CA GLU A 35 -7.40 11.54 6.44
C GLU A 35 -7.28 11.27 7.93
N GLY A 36 -6.90 10.04 8.28
CA GLY A 36 -6.69 9.68 9.66
C GLY A 36 -7.92 9.07 10.28
N LYS A 37 -8.69 8.36 9.46
CA LYS A 37 -9.95 7.80 9.92
C LYS A 37 -10.00 6.30 9.64
N HIS A 38 -8.84 5.67 9.54
CA HIS A 38 -8.78 4.24 9.34
C HIS A 38 -9.13 3.50 10.64
N GLN A 39 -10.00 2.51 10.51
CA GLN A 39 -10.59 1.81 11.64
C GLN A 39 -9.54 1.18 12.56
N GLN A 40 -8.49 0.62 11.98
CA GLN A 40 -7.45 -0.02 12.78
C GLN A 40 -6.28 0.92 13.05
N PHE A 41 -6.14 1.94 12.22
CA PHE A 41 -4.93 2.79 12.26
C PHE A 41 -5.29 4.26 12.26
N LEU A 42 -4.80 4.99 13.23
CA LEU A 42 -5.00 6.43 13.29
C LEU A 42 -3.69 7.15 12.96
N VAL A 43 -3.74 8.03 11.97
CA VAL A 43 -2.54 8.74 11.52
C VAL A 43 -2.75 10.25 11.54
N PRO A 44 -1.70 11.01 11.86
CA PRO A 44 -1.71 12.46 11.83
C PRO A 44 -1.19 13.03 10.50
N ASN A 45 -0.96 14.34 10.47
CA ASN A 45 -0.54 15.02 9.25
C ASN A 45 0.78 14.46 8.71
N ASN A 46 1.77 14.31 9.59
CA ASN A 46 3.10 13.86 9.17
C ASN A 46 3.07 12.53 8.44
N VAL A 47 2.20 11.64 8.90
CA VAL A 47 2.12 10.30 8.33
C VAL A 47 1.43 10.33 6.97
N ARG A 48 0.34 11.09 6.85
CA ARG A 48 -0.34 11.22 5.58
C ARG A 48 0.58 11.87 4.54
N LEU A 49 1.39 12.81 5.02
CA LEU A 49 2.42 13.43 4.20
C LEU A 49 3.40 12.38 3.66
N LYS A 50 3.69 11.35 4.46
CA LYS A 50 4.55 10.27 4.00
C LYS A 50 3.90 9.52 2.83
N PHE A 51 2.61 9.24 2.98
CA PHE A 51 1.85 8.52 1.97
C PHE A 51 1.79 9.26 0.64
N LEU A 52 1.57 10.55 0.71
CA LEU A 52 1.34 11.34 -0.49
C LEU A 52 2.62 11.52 -1.30
N ARG A 53 3.72 11.75 -0.60
CA ARG A 53 5.02 11.98 -1.24
C ARG A 53 5.50 10.76 -2.02
N ASP A 54 5.24 9.57 -1.50
CA ASP A 54 5.75 8.36 -2.10
C ASP A 54 4.64 7.46 -2.64
N ARG A 55 4.62 7.32 -3.96
CA ARG A 55 3.66 6.52 -4.68
C ARG A 55 3.95 6.61 -6.18
N GLY B 1 16.33 7.29 -14.05
CA GLY B 1 15.44 7.06 -12.89
C GLY B 1 14.03 6.77 -13.33
N ALA B 2 13.08 6.86 -12.41
CA ALA B 2 11.69 6.63 -12.72
C ALA B 2 10.96 7.94 -12.92
N MET B 3 10.44 8.14 -14.12
CA MET B 3 9.64 9.33 -14.43
C MET B 3 8.31 9.23 -13.71
N GLY B 4 7.78 8.02 -13.67
CA GLY B 4 6.55 7.74 -12.97
C GLY B 4 6.42 6.26 -12.68
N THR B 5 5.72 5.93 -11.62
CA THR B 5 5.56 4.54 -11.25
C THR B 5 4.41 3.89 -11.99
N THR B 6 4.67 2.72 -12.56
CA THR B 6 3.65 1.95 -13.26
C THR B 6 2.55 1.52 -12.30
N ASN B 7 1.44 1.02 -12.83
CA ASN B 7 0.32 0.60 -12.00
C ASN B 7 0.78 -0.38 -10.92
N GLN B 8 1.78 -1.15 -11.28
CA GLN B 8 2.31 -2.18 -10.40
C GLN B 8 3.15 -1.51 -9.32
N LYS B 9 4.03 -0.61 -9.75
CA LYS B 9 4.98 0.04 -8.87
C LYS B 9 4.32 1.08 -7.97
N GLU B 10 3.27 1.70 -8.49
CA GLU B 10 2.48 2.66 -7.74
C GLU B 10 1.81 1.95 -6.56
N ALA B 11 1.22 0.79 -6.84
CA ALA B 11 0.62 -0.02 -5.78
C ALA B 11 1.70 -0.47 -4.78
N GLU B 12 2.91 -0.75 -5.29
CA GLU B 12 4.04 -1.15 -4.43
C GLU B 12 4.37 -0.06 -3.41
N LYS B 13 4.45 1.17 -3.90
CA LYS B 13 4.91 2.29 -3.10
C LYS B 13 3.91 2.65 -2.01
N ALA B 14 2.63 2.57 -2.35
CA ALA B 14 1.57 2.85 -1.41
C ALA B 14 1.63 1.88 -0.23
N VAL B 15 1.77 0.60 -0.55
CA VAL B 15 1.97 -0.44 0.46
C VAL B 15 3.21 -0.19 1.32
N SER B 16 4.26 0.35 0.72
CA SER B 16 5.48 0.63 1.45
C SER B 16 5.20 1.73 2.48
N GLN B 17 4.49 2.76 2.02
CA GLN B 17 4.01 3.82 2.91
C GLN B 17 3.06 3.24 3.97
N LEU B 18 2.23 2.28 3.55
CA LEU B 18 1.30 1.61 4.46
C LEU B 18 2.06 0.87 5.56
N PHE B 19 3.24 0.37 5.23
CA PHE B 19 4.08 -0.34 6.18
C PHE B 19 4.36 0.51 7.44
N GLU B 20 4.44 1.83 7.26
CA GLU B 20 4.83 2.71 8.36
C GLU B 20 3.73 2.75 9.43
N VAL B 21 2.48 2.53 9.01
CA VAL B 21 1.34 2.59 9.92
C VAL B 21 1.09 1.24 10.57
N GLY B 22 2.00 0.31 10.34
CA GLY B 22 1.90 -0.99 10.98
C GLY B 22 1.18 -2.02 10.12
N VAL B 23 0.99 -1.72 8.84
CA VAL B 23 0.39 -2.69 7.93
C VAL B 23 1.27 -3.91 7.78
N ARG B 24 0.65 -5.07 7.94
CA ARG B 24 1.35 -6.34 7.82
C ARG B 24 0.43 -7.16 6.93
N PHE B 25 0.80 -8.36 6.50
CA PHE B 25 -0.19 -9.18 5.80
C PHE B 25 -1.34 -9.52 6.75
N ASN B 26 -0.97 -9.92 7.97
CA ASN B 26 -1.94 -10.18 9.03
C ASN B 26 -2.88 -8.99 9.27
N ASP B 27 -2.35 -7.77 9.27
CA ASP B 27 -3.19 -6.58 9.45
C ASP B 27 -4.10 -6.31 8.26
N PHE B 28 -3.64 -6.63 7.07
CA PHE B 28 -4.50 -6.52 5.88
C PHE B 28 -5.68 -7.48 6.03
N ILE B 29 -5.41 -8.68 6.52
CA ILE B 29 -6.46 -9.66 6.82
C ILE B 29 -7.44 -9.11 7.86
N ALA B 30 -6.91 -8.29 8.76
CA ALA B 30 -7.74 -7.63 9.77
C ALA B 30 -8.77 -6.73 9.09
N GLU B 31 -8.42 -6.19 7.93
CA GLU B 31 -9.38 -5.44 7.12
C GLU B 31 -10.11 -6.33 6.10
N GLY B 32 -9.62 -7.54 5.89
CA GLY B 32 -10.27 -8.49 4.97
C GLY B 32 -9.50 -8.58 3.66
N ILE B 33 -8.47 -7.77 3.63
CA ILE B 33 -7.54 -7.68 2.51
C ILE B 33 -6.57 -8.88 2.50
N GLU B 34 -6.33 -9.41 1.31
CA GLU B 34 -5.48 -10.59 1.11
C GLU B 34 -4.07 -10.40 1.68
N PRO B 35 -3.55 -11.44 2.37
CA PRO B 35 -2.17 -11.47 2.88
C PRO B 35 -1.14 -11.44 1.75
N SER B 36 -1.57 -11.93 0.59
CA SER B 36 -0.69 -12.07 -0.56
C SER B 36 -0.29 -10.68 -1.06
N VAL B 37 -1.23 -9.75 -0.93
CA VAL B 37 -0.98 -8.37 -1.33
C VAL B 37 0.19 -7.76 -0.54
N VAL B 38 0.20 -7.93 0.77
CA VAL B 38 1.30 -7.40 1.56
C VAL B 38 2.56 -8.18 1.27
N HIS B 39 2.44 -9.50 1.29
CA HIS B 39 3.60 -10.37 1.18
C HIS B 39 4.29 -10.22 -0.17
N THR B 40 3.53 -10.25 -1.26
CA THR B 40 4.12 -10.17 -2.58
C THR B 40 4.73 -8.79 -2.84
N LEU B 41 3.97 -7.76 -2.54
CA LEU B 41 4.49 -6.39 -2.63
C LEU B 41 5.71 -6.19 -1.74
N PHE B 42 5.74 -6.83 -0.58
CA PHE B 42 6.91 -6.82 0.31
C PHE B 42 8.09 -7.50 -0.42
N LEU B 43 7.73 -8.59 -1.08
CA LEU B 43 8.67 -9.34 -1.92
C LEU B 43 9.24 -8.42 -3.01
N LYS B 44 8.36 -7.64 -3.63
CA LYS B 44 8.76 -6.67 -4.64
C LYS B 44 9.52 -5.47 -4.04
N LEU B 45 9.26 -5.17 -2.78
CA LEU B 45 9.82 -3.98 -2.14
C LEU B 45 11.18 -4.26 -1.54
N GLY B 46 11.56 -5.54 -1.49
CA GLY B 46 12.87 -5.92 -1.01
C GLY B 46 13.07 -5.61 0.46
N LEU B 47 11.98 -5.57 1.21
CA LEU B 47 12.02 -5.16 2.61
C LEU B 47 12.57 -6.28 3.48
N ASP B 48 13.26 -5.89 4.55
CA ASP B 48 13.80 -6.86 5.50
C ASP B 48 12.69 -7.48 6.33
N SER B 49 12.67 -8.81 6.39
CA SER B 49 11.63 -9.53 7.10
C SER B 49 12.16 -10.03 8.44
N SER A 12 8.39 -10.23 -13.97
CA SER A 12 7.90 -9.70 -15.24
C SER A 12 6.52 -9.06 -15.07
N ASP A 13 6.25 -8.58 -13.87
CA ASP A 13 4.95 -8.03 -13.51
C ASP A 13 4.85 -6.56 -13.91
N ALA A 14 4.97 -6.30 -15.21
CA ALA A 14 4.89 -4.95 -15.73
C ALA A 14 3.44 -4.58 -16.05
N VAL A 15 2.65 -4.34 -15.00
CA VAL A 15 1.23 -4.01 -15.13
C VAL A 15 0.43 -5.22 -15.59
N GLU A 16 0.29 -6.19 -14.71
CA GLU A 16 -0.45 -7.41 -15.01
C GLU A 16 -1.97 -7.22 -14.76
N PRO A 17 -2.78 -8.30 -14.66
CA PRO A 17 -4.19 -8.15 -14.31
C PRO A 17 -4.40 -7.81 -12.83
N SER A 18 -3.41 -8.18 -12.03
CA SER A 18 -3.47 -8.03 -10.59
C SER A 18 -3.59 -6.57 -10.17
N VAL A 19 -3.13 -5.68 -11.04
CA VAL A 19 -2.95 -4.27 -10.70
C VAL A 19 -4.26 -3.62 -10.29
N GLU A 20 -5.36 -4.05 -10.90
CA GLU A 20 -6.63 -3.45 -10.57
C GLU A 20 -7.02 -3.80 -9.14
N LYS A 21 -6.93 -5.08 -8.78
CA LYS A 21 -7.11 -5.49 -7.40
C LYS A 21 -6.11 -4.80 -6.50
N GLU A 22 -4.87 -4.74 -6.93
CA GLU A 22 -3.82 -4.13 -6.14
C GLU A 22 -4.17 -2.68 -5.85
N TYR A 23 -4.72 -1.99 -6.82
CA TYR A 23 -5.17 -0.63 -6.59
C TYR A 23 -6.39 -0.58 -5.69
N LYS A 24 -7.39 -1.40 -5.96
CA LYS A 24 -8.66 -1.24 -5.28
C LYS A 24 -8.52 -1.46 -3.77
N LYS A 25 -7.90 -2.55 -3.36
CA LYS A 25 -7.65 -2.75 -1.93
C LYS A 25 -6.66 -1.74 -1.33
N ILE A 26 -5.54 -1.49 -2.00
CA ILE A 26 -4.51 -0.61 -1.44
C ILE A 26 -4.96 0.85 -1.38
N ILE A 27 -5.60 1.31 -2.44
CA ILE A 27 -6.15 2.68 -2.50
C ILE A 27 -7.24 2.88 -1.44
N SER A 28 -8.18 1.94 -1.39
CA SER A 28 -9.30 2.07 -0.46
C SER A 28 -8.81 2.09 0.99
N PHE A 29 -7.86 1.20 1.28
CA PHE A 29 -7.26 1.12 2.60
C PHE A 29 -6.55 2.43 2.94
N ARG A 30 -5.72 2.91 2.03
CA ARG A 30 -4.94 4.12 2.27
C ARG A 30 -5.84 5.36 2.33
N ASP A 31 -6.85 5.41 1.47
CA ASP A 31 -7.79 6.54 1.47
C ASP A 31 -8.38 6.78 2.84
N THR A 32 -8.88 5.76 3.52
CA THR A 32 -9.32 5.96 4.91
C THR A 32 -8.16 6.41 5.80
N VAL A 33 -6.98 5.85 5.55
CA VAL A 33 -5.77 6.21 6.29
C VAL A 33 -5.45 7.70 6.16
N PHE A 34 -5.67 8.26 4.97
CA PHE A 34 -5.25 9.63 4.67
C PHE A 34 -5.89 10.64 5.62
N GLU A 35 -7.15 10.44 5.95
CA GLU A 35 -7.87 11.39 6.77
C GLU A 35 -7.58 11.17 8.25
N GLY A 36 -7.00 10.02 8.56
CA GLY A 36 -6.66 9.71 9.93
C GLY A 36 -7.80 9.01 10.62
N LYS A 37 -8.58 8.27 9.84
CA LYS A 37 -9.80 7.65 10.34
C LYS A 37 -9.82 6.16 10.03
N HIS A 38 -8.65 5.57 9.82
CA HIS A 38 -8.58 4.14 9.56
C HIS A 38 -8.98 3.40 10.82
N GLN A 39 -9.98 2.54 10.69
CA GLN A 39 -10.63 1.90 11.83
C GLN A 39 -9.66 1.14 12.73
N GLN A 40 -8.56 0.64 12.16
CA GLN A 40 -7.56 -0.07 12.94
C GLN A 40 -6.28 0.76 13.12
N PHE A 41 -6.11 1.81 12.33
CA PHE A 41 -4.87 2.58 12.35
C PHE A 41 -5.14 4.07 12.43
N LEU A 42 -4.70 4.70 13.50
CA LEU A 42 -4.87 6.14 13.65
C LEU A 42 -3.56 6.86 13.31
N VAL A 43 -3.59 7.63 12.24
CA VAL A 43 -2.41 8.33 11.76
C VAL A 43 -2.60 9.85 11.80
N PRO A 44 -1.52 10.59 12.06
CA PRO A 44 -1.53 12.04 12.02
C PRO A 44 -1.07 12.58 10.66
N ASN A 45 -0.97 13.90 10.53
CA ASN A 45 -0.61 14.53 9.27
C ASN A 45 0.74 14.04 8.75
N ASN A 46 1.74 13.98 9.63
CA ASN A 46 3.10 13.60 9.24
C ASN A 46 3.15 12.22 8.57
N VAL A 47 2.31 11.31 9.03
CA VAL A 47 2.26 9.97 8.47
C VAL A 47 1.55 10.00 7.11
N ARG A 48 0.46 10.75 7.04
CA ARG A 48 -0.24 10.97 5.79
C ARG A 48 0.70 11.61 4.77
N LEU A 49 1.44 12.58 5.23
CA LEU A 49 2.46 13.24 4.44
C LEU A 49 3.51 12.24 3.94
N LYS A 50 3.78 11.19 4.72
CA LYS A 50 4.73 10.16 4.29
C LYS A 50 4.22 9.50 3.02
N PHE A 51 2.91 9.27 2.97
CA PHE A 51 2.28 8.70 1.79
C PHE A 51 2.44 9.63 0.59
N LEU A 52 2.14 10.89 0.82
CA LEU A 52 1.98 11.86 -0.25
C LEU A 52 3.32 12.23 -0.90
N ARG A 53 4.39 12.13 -0.11
CA ARG A 53 5.75 12.36 -0.61
C ARG A 53 6.13 11.35 -1.69
N ASP A 54 5.45 10.22 -1.74
CA ASP A 54 5.72 9.21 -2.76
C ASP A 54 4.55 9.01 -3.71
N ARG A 55 3.52 8.30 -3.27
CA ARG A 55 2.38 7.98 -4.14
C ARG A 55 1.65 9.24 -4.57
N GLY B 1 13.45 7.97 -14.36
CA GLY B 1 13.45 8.77 -15.60
C GLY B 1 12.31 9.76 -15.63
N ALA B 2 11.60 9.82 -16.74
CA ALA B 2 10.43 10.68 -16.87
C ALA B 2 9.31 10.15 -15.99
N MET B 3 9.20 8.83 -15.94
CA MET B 3 8.24 8.18 -15.07
C MET B 3 8.99 7.27 -14.10
N GLY B 4 8.33 6.88 -13.02
CA GLY B 4 8.98 6.05 -12.03
C GLY B 4 8.58 4.60 -12.13
N THR B 5 7.53 4.25 -11.42
CA THR B 5 7.08 2.87 -11.34
C THR B 5 5.82 2.63 -12.19
N THR B 6 5.77 1.47 -12.83
CA THR B 6 4.58 1.05 -13.56
C THR B 6 3.42 0.87 -12.61
N ASN B 7 2.20 0.77 -13.14
CA ASN B 7 0.99 0.77 -12.30
C ASN B 7 1.03 -0.33 -11.23
N GLN B 8 1.42 -1.54 -11.63
CA GLN B 8 1.64 -2.64 -10.69
C GLN B 8 2.61 -2.23 -9.58
N LYS B 9 3.70 -1.58 -9.96
CA LYS B 9 4.71 -1.19 -8.99
C LYS B 9 4.22 0.00 -8.18
N GLU B 10 3.38 0.81 -8.80
CA GLU B 10 2.85 2.01 -8.17
C GLU B 10 1.92 1.64 -7.02
N ALA B 11 1.12 0.59 -7.21
CA ALA B 11 0.29 0.06 -6.14
C ALA B 11 1.19 -0.46 -5.01
N GLU B 12 2.28 -1.12 -5.38
CA GLU B 12 3.29 -1.59 -4.42
C GLU B 12 3.91 -0.43 -3.65
N LYS B 13 4.13 0.67 -4.37
CA LYS B 13 4.79 1.82 -3.81
C LYS B 13 3.96 2.41 -2.68
N ALA B 14 2.65 2.47 -2.89
CA ALA B 14 1.74 2.94 -1.86
C ALA B 14 1.82 2.03 -0.63
N VAL B 15 1.98 0.73 -0.88
CA VAL B 15 2.21 -0.25 0.18
C VAL B 15 3.44 0.10 1.01
N SER B 16 4.45 0.65 0.34
CA SER B 16 5.70 0.96 1.02
C SER B 16 5.45 2.08 2.05
N GLN B 17 4.76 3.13 1.62
CA GLN B 17 4.31 4.17 2.54
C GLN B 17 3.36 3.62 3.61
N LEU B 18 2.52 2.67 3.21
CA LEU B 18 1.60 2.01 4.14
C LEU B 18 2.35 1.27 5.24
N PHE B 19 3.54 0.78 4.93
CA PHE B 19 4.31 0.00 5.88
C PHE B 19 4.54 0.75 7.20
N GLU B 20 4.71 2.07 7.14
CA GLU B 20 5.02 2.81 8.36
C GLU B 20 3.80 2.94 9.28
N VAL B 21 2.60 2.68 8.77
CA VAL B 21 1.40 2.75 9.60
C VAL B 21 1.12 1.40 10.25
N GLY B 22 2.07 0.48 10.14
CA GLY B 22 1.94 -0.81 10.79
C GLY B 22 1.22 -1.84 9.93
N VAL B 23 1.15 -1.60 8.63
CA VAL B 23 0.55 -2.58 7.72
C VAL B 23 1.32 -3.87 7.71
N ARG B 24 0.57 -4.96 7.88
CA ARG B 24 1.13 -6.30 7.90
C ARG B 24 0.22 -7.10 6.99
N PHE B 25 0.60 -8.29 6.53
CA PHE B 25 -0.37 -9.10 5.79
C PHE B 25 -1.59 -9.38 6.68
N ASN B 26 -1.30 -9.77 7.90
CA ASN B 26 -2.33 -10.01 8.92
C ASN B 26 -3.24 -8.79 9.10
N ASP B 27 -2.67 -7.59 9.13
CA ASP B 27 -3.47 -6.36 9.27
C ASP B 27 -4.31 -6.05 8.02
N PHE B 28 -3.81 -6.38 6.85
CA PHE B 28 -4.62 -6.22 5.63
C PHE B 28 -5.83 -7.15 5.70
N ILE B 29 -5.64 -8.36 6.21
CA ILE B 29 -6.73 -9.32 6.43
C ILE B 29 -7.80 -8.73 7.37
N ALA B 30 -7.35 -7.87 8.26
CA ALA B 30 -8.27 -7.16 9.16
C ALA B 30 -9.23 -6.29 8.34
N GLU B 31 -8.76 -5.82 7.18
CA GLU B 31 -9.59 -5.08 6.23
C GLU B 31 -10.17 -5.99 5.13
N GLY B 32 -10.07 -7.31 5.30
CA GLY B 32 -10.56 -8.24 4.29
C GLY B 32 -9.57 -8.46 3.14
N ILE B 33 -8.40 -7.89 3.31
CA ILE B 33 -7.39 -7.85 2.26
C ILE B 33 -6.43 -9.05 2.37
N GLU B 34 -6.27 -9.74 1.24
CA GLU B 34 -5.43 -10.94 1.16
C GLU B 34 -4.00 -10.68 1.62
N PRO B 35 -3.45 -11.61 2.42
CA PRO B 35 -2.07 -11.54 2.94
C PRO B 35 -1.02 -11.62 1.83
N SER B 36 -1.43 -12.26 0.75
CA SER B 36 -0.54 -12.51 -0.39
C SER B 36 -0.04 -11.18 -0.95
N VAL B 37 -0.97 -10.23 -1.03
CA VAL B 37 -0.66 -8.89 -1.49
C VAL B 37 0.38 -8.18 -0.62
N VAL B 38 0.26 -8.27 0.71
CA VAL B 38 1.22 -7.57 1.55
C VAL B 38 2.57 -8.27 1.46
N HIS B 39 2.54 -9.59 1.60
CA HIS B 39 3.75 -10.38 1.67
C HIS B 39 4.55 -10.29 0.38
N THR B 40 3.88 -10.47 -0.76
CA THR B 40 4.56 -10.47 -2.05
C THR B 40 5.09 -9.08 -2.40
N LEU B 41 4.22 -8.09 -2.30
CA LEU B 41 4.63 -6.71 -2.58
C LEU B 41 5.76 -6.25 -1.67
N PHE B 42 5.75 -6.69 -0.42
CA PHE B 42 6.82 -6.37 0.54
C PHE B 42 8.15 -6.98 0.04
N LEU B 43 8.03 -8.24 -0.31
CA LEU B 43 9.14 -8.97 -0.94
C LEU B 43 9.64 -8.24 -2.19
N LYS B 44 8.70 -7.74 -2.99
CA LYS B 44 9.02 -6.96 -4.19
C LYS B 44 9.57 -5.57 -3.85
N LEU B 45 9.28 -5.12 -2.64
CA LEU B 45 9.68 -3.79 -2.18
C LEU B 45 11.09 -3.82 -1.60
N GLY B 46 11.63 -5.03 -1.44
CA GLY B 46 12.97 -5.18 -0.92
C GLY B 46 13.07 -4.80 0.54
N LEU B 47 11.97 -4.93 1.26
CA LEU B 47 11.91 -4.57 2.67
C LEU B 47 12.42 -5.72 3.52
N ASP B 48 13.15 -5.39 4.58
CA ASP B 48 13.75 -6.38 5.47
C ASP B 48 12.67 -7.20 6.17
N SER B 49 12.74 -8.51 6.02
CA SER B 49 11.76 -9.40 6.63
C SER B 49 12.17 -9.75 8.07
N SER A 12 8.72 -8.66 -14.68
CA SER A 12 7.81 -8.31 -15.76
C SER A 12 6.62 -7.56 -15.19
N ASP A 13 6.90 -6.41 -14.58
CA ASP A 13 5.90 -5.67 -13.83
C ASP A 13 5.32 -4.51 -14.62
N ALA A 14 5.42 -4.58 -15.94
CA ALA A 14 4.85 -3.55 -16.80
C ALA A 14 3.33 -3.67 -16.83
N VAL A 15 2.73 -3.53 -15.65
CA VAL A 15 1.29 -3.65 -15.47
C VAL A 15 0.81 -5.09 -15.67
N GLU A 16 0.37 -5.70 -14.58
CA GLU A 16 -0.02 -7.09 -14.61
C GLU A 16 -1.55 -7.19 -14.72
N PRO A 17 -2.17 -8.35 -14.42
CA PRO A 17 -3.60 -8.38 -14.15
C PRO A 17 -3.91 -7.87 -12.75
N SER A 18 -2.91 -8.00 -11.90
CA SER A 18 -2.98 -7.70 -10.47
C SER A 18 -3.29 -6.23 -10.18
N VAL A 19 -3.01 -5.36 -11.14
CA VAL A 19 -2.81 -3.93 -10.84
C VAL A 19 -4.07 -3.28 -10.27
N GLU A 20 -5.21 -3.44 -10.95
CA GLU A 20 -6.43 -2.82 -10.49
C GLU A 20 -6.96 -3.48 -9.23
N LYS A 21 -6.82 -4.80 -9.18
CA LYS A 21 -7.23 -5.57 -8.00
C LYS A 21 -6.46 -5.08 -6.79
N GLU A 22 -5.17 -4.90 -6.96
CA GLU A 22 -4.33 -4.39 -5.91
C GLU A 22 -4.68 -2.92 -5.64
N TYR A 23 -4.87 -2.14 -6.70
CA TYR A 23 -5.24 -0.74 -6.50
C TYR A 23 -6.52 -0.58 -5.69
N LYS A 24 -7.59 -1.29 -6.04
CA LYS A 24 -8.84 -1.13 -5.32
C LYS A 24 -8.69 -1.44 -3.83
N LYS A 25 -8.01 -2.52 -3.54
CA LYS A 25 -7.77 -2.92 -2.15
C LYS A 25 -6.79 -1.97 -1.43
N ILE A 26 -5.72 -1.61 -2.12
CA ILE A 26 -4.67 -0.77 -1.54
C ILE A 26 -5.17 0.67 -1.37
N ILE A 27 -5.71 1.20 -2.46
CA ILE A 27 -6.23 2.57 -2.48
C ILE A 27 -7.32 2.78 -1.42
N SER A 28 -8.32 1.90 -1.35
CA SER A 28 -9.39 2.04 -0.34
C SER A 28 -8.85 2.00 1.09
N PHE A 29 -7.90 1.09 1.33
CA PHE A 29 -7.24 1.02 2.64
C PHE A 29 -6.58 2.36 2.93
N ARG A 30 -5.89 2.87 1.92
CA ARG A 30 -5.24 4.15 2.03
C ARG A 30 -6.24 5.29 2.21
N ASP A 31 -7.38 5.26 1.51
CA ASP A 31 -8.35 6.34 1.62
C ASP A 31 -8.82 6.57 3.05
N THR A 32 -9.00 5.51 3.81
CA THR A 32 -9.41 5.66 5.20
C THR A 32 -8.25 6.25 6.02
N VAL A 33 -7.03 5.81 5.71
CA VAL A 33 -5.82 6.30 6.38
C VAL A 33 -5.56 7.78 5.99
N PHE A 34 -5.80 8.07 4.73
CA PHE A 34 -5.79 9.46 4.20
C PHE A 34 -6.64 10.41 5.05
N GLU A 35 -7.67 9.89 5.71
CA GLU A 35 -8.49 10.72 6.60
C GLU A 35 -7.93 10.62 8.02
N GLY A 36 -7.12 9.60 8.18
CA GLY A 36 -6.40 9.36 9.40
C GLY A 36 -7.26 8.74 10.47
N LYS A 37 -8.37 8.16 10.06
CA LYS A 37 -9.31 7.55 11.02
C LYS A 37 -9.34 6.04 10.85
N HIS A 38 -8.29 5.49 10.23
CA HIS A 38 -8.21 4.06 10.03
C HIS A 38 -8.26 3.36 11.37
N GLN A 39 -9.25 2.50 11.55
CA GLN A 39 -9.51 1.85 12.83
C GLN A 39 -8.32 1.04 13.32
N GLN A 40 -7.49 0.58 12.39
CA GLN A 40 -6.31 -0.18 12.75
C GLN A 40 -5.06 0.72 12.84
N PHE A 41 -5.10 1.86 12.16
CA PHE A 41 -3.91 2.72 12.08
C PHE A 41 -4.24 4.19 12.26
N LEU A 42 -3.69 4.78 13.30
CA LEU A 42 -3.78 6.23 13.50
C LEU A 42 -2.52 6.88 12.98
N VAL A 43 -2.64 7.74 11.97
CA VAL A 43 -1.46 8.33 11.34
C VAL A 43 -1.15 9.73 11.88
N PRO A 44 0.09 9.92 12.38
CA PRO A 44 0.58 11.22 12.82
C PRO A 44 0.84 12.18 11.66
N ASN A 45 1.37 13.35 11.96
CA ASN A 45 1.55 14.42 10.98
C ASN A 45 2.43 13.99 9.81
N ASN A 46 3.64 13.54 10.09
CA ASN A 46 4.58 13.16 9.05
C ASN A 46 4.02 12.05 8.17
N VAL A 47 3.33 11.10 8.78
CA VAL A 47 2.81 9.95 8.08
C VAL A 47 1.65 10.33 7.17
N ARG A 48 0.82 11.26 7.64
CA ARG A 48 -0.30 11.73 6.84
C ARG A 48 0.24 12.44 5.60
N LEU A 49 1.37 13.11 5.79
CA LEU A 49 2.06 13.80 4.71
C LEU A 49 2.67 12.79 3.72
N LYS A 50 3.17 11.66 4.24
CA LYS A 50 3.78 10.64 3.40
C LYS A 50 2.76 10.07 2.43
N PHE A 51 1.59 9.79 2.97
CA PHE A 51 0.51 9.22 2.18
C PHE A 51 0.08 10.16 1.07
N LEU A 52 -0.11 11.42 1.41
CA LEU A 52 -0.63 12.37 0.45
C LEU A 52 0.43 12.81 -0.58
N ARG A 53 1.67 13.00 -0.12
CA ARG A 53 2.73 13.51 -1.00
C ARG A 53 3.29 12.44 -1.95
N ASP A 54 3.40 11.21 -1.47
CA ASP A 54 4.00 10.13 -2.27
C ASP A 54 2.99 9.55 -3.26
N ARG A 55 3.28 8.33 -3.75
CA ARG A 55 2.49 7.63 -4.77
C ARG A 55 1.74 8.56 -5.72
N GLY B 1 9.87 7.86 -23.54
CA GLY B 1 10.76 8.13 -22.40
C GLY B 1 10.57 7.12 -21.28
N ALA B 2 11.22 7.37 -20.15
CA ALA B 2 11.13 6.47 -19.02
C ALA B 2 9.85 6.73 -18.24
N MET B 3 9.14 5.66 -17.91
CA MET B 3 7.88 5.76 -17.19
C MET B 3 8.13 6.02 -15.70
N GLY B 4 9.35 5.73 -15.26
CA GLY B 4 9.67 5.88 -13.86
C GLY B 4 9.06 4.77 -13.03
N THR B 5 7.86 5.03 -12.50
CA THR B 5 7.13 4.02 -11.76
C THR B 5 6.05 3.40 -12.63
N THR B 6 6.00 2.08 -12.64
CA THR B 6 4.94 1.38 -13.34
C THR B 6 3.65 1.46 -12.54
N ASN B 7 2.52 1.13 -13.14
CA ASN B 7 1.26 1.17 -12.42
C ASN B 7 1.29 0.13 -11.31
N GLN B 8 1.81 -1.04 -11.65
CA GLN B 8 2.00 -2.11 -10.67
C GLN B 8 2.85 -1.61 -9.50
N LYS B 9 3.97 -0.99 -9.81
CA LYS B 9 4.88 -0.49 -8.78
C LYS B 9 4.30 0.71 -8.04
N GLU B 10 3.46 1.50 -8.68
CA GLU B 10 2.86 2.64 -8.00
C GLU B 10 1.90 2.13 -6.92
N ALA B 11 1.28 0.99 -7.18
CA ALA B 11 0.47 0.32 -6.17
C ALA B 11 1.37 -0.17 -5.04
N GLU B 12 2.58 -0.62 -5.40
CA GLU B 12 3.55 -1.08 -4.42
C GLU B 12 4.05 0.06 -3.53
N LYS B 13 4.44 1.18 -4.13
CA LYS B 13 4.82 2.38 -3.36
C LYS B 13 3.69 2.82 -2.44
N ALA B 14 2.46 2.67 -2.91
CA ALA B 14 1.31 2.93 -2.09
C ALA B 14 1.31 1.97 -0.89
N VAL B 15 1.70 0.73 -1.16
CA VAL B 15 1.87 -0.27 -0.13
C VAL B 15 2.94 0.14 0.87
N SER B 16 4.02 0.77 0.40
CA SER B 16 5.12 1.13 1.29
C SER B 16 4.67 2.19 2.28
N GLN B 17 3.85 3.14 1.81
CA GLN B 17 3.27 4.12 2.71
C GLN B 17 2.49 3.41 3.81
N LEU B 18 1.74 2.38 3.45
CA LEU B 18 1.03 1.59 4.45
C LEU B 18 2.03 0.82 5.33
N PHE B 19 3.05 0.29 4.71
CA PHE B 19 4.15 -0.35 5.44
C PHE B 19 4.73 0.60 6.49
N GLU B 20 4.81 1.89 6.19
CA GLU B 20 5.37 2.86 7.12
C GLU B 20 4.43 3.11 8.30
N VAL B 21 3.18 2.65 8.21
CA VAL B 21 2.26 2.81 9.33
C VAL B 21 2.20 1.51 10.10
N GLY B 22 2.79 0.47 9.52
CA GLY B 22 3.05 -0.75 10.27
C GLY B 22 2.16 -1.89 9.82
N VAL B 23 1.64 -1.79 8.60
CA VAL B 23 0.78 -2.83 8.02
C VAL B 23 1.49 -4.16 7.87
N ARG B 24 0.85 -5.18 8.41
CA ARG B 24 1.25 -6.55 8.20
C ARG B 24 0.11 -7.28 7.48
N PHE B 25 0.30 -8.54 7.13
CA PHE B 25 -0.72 -9.24 6.35
C PHE B 25 -2.04 -9.32 7.12
N ASN B 26 -1.95 -9.57 8.42
CA ASN B 26 -3.12 -9.59 9.30
C ASN B 26 -3.94 -8.30 9.22
N ASP B 27 -3.27 -7.17 9.04
CA ASP B 27 -3.97 -5.88 8.98
C ASP B 27 -4.74 -5.79 7.68
N PHE B 28 -4.08 -6.19 6.61
CA PHE B 28 -4.72 -6.30 5.30
C PHE B 28 -5.92 -7.25 5.35
N ILE B 29 -5.74 -8.42 5.96
CA ILE B 29 -6.84 -9.37 6.13
C ILE B 29 -8.03 -8.77 6.88
N ALA B 30 -7.78 -7.86 7.81
CA ALA B 30 -8.87 -7.26 8.56
C ALA B 30 -9.68 -6.33 7.65
N GLU B 31 -8.97 -5.75 6.69
CA GLU B 31 -9.58 -4.87 5.70
C GLU B 31 -10.10 -5.63 4.46
N GLY B 32 -10.15 -6.96 4.51
CA GLY B 32 -10.65 -7.71 3.36
C GLY B 32 -9.59 -7.96 2.30
N ILE B 33 -8.41 -7.44 2.54
CA ILE B 33 -7.30 -7.56 1.60
C ILE B 33 -6.58 -8.89 1.78
N GLU B 34 -6.14 -9.45 0.65
CA GLU B 34 -5.52 -10.77 0.63
C GLU B 34 -4.13 -10.69 1.28
N PRO B 35 -3.85 -11.59 2.24
CA PRO B 35 -2.59 -11.60 2.99
C PRO B 35 -1.36 -11.69 2.09
N SER B 36 -1.50 -12.45 1.00
CA SER B 36 -0.44 -12.58 0.02
C SER B 36 0.01 -11.23 -0.53
N VAL B 37 -0.89 -10.26 -0.57
CA VAL B 37 -0.53 -8.95 -1.11
C VAL B 37 0.55 -8.28 -0.26
N VAL B 38 0.42 -8.34 1.07
CA VAL B 38 1.45 -7.81 1.95
C VAL B 38 2.74 -8.60 1.77
N HIS B 39 2.65 -9.93 1.81
CA HIS B 39 3.84 -10.79 1.83
C HIS B 39 4.61 -10.71 0.50
N THR B 40 3.89 -10.79 -0.60
CA THR B 40 4.50 -10.84 -1.91
C THR B 40 5.17 -9.51 -2.25
N LEU B 41 4.43 -8.42 -2.06
CA LEU B 41 4.96 -7.08 -2.28
C LEU B 41 6.07 -6.76 -1.28
N PHE B 42 5.94 -7.28 -0.06
CA PHE B 42 6.93 -7.07 0.99
C PHE B 42 8.31 -7.52 0.52
N LEU B 43 8.32 -8.66 -0.18
CA LEU B 43 9.55 -9.22 -0.70
C LEU B 43 10.11 -8.35 -1.81
N LYS B 44 9.23 -7.92 -2.70
CA LYS B 44 9.64 -7.15 -3.88
C LYS B 44 10.12 -5.75 -3.48
N LEU B 45 9.49 -5.19 -2.45
CA LEU B 45 9.89 -3.89 -1.92
C LEU B 45 11.15 -3.99 -1.07
N GLY B 46 11.58 -5.22 -0.81
CA GLY B 46 12.82 -5.46 -0.09
C GLY B 46 12.76 -5.00 1.35
N LEU B 47 11.59 -5.12 1.94
CA LEU B 47 11.36 -4.64 3.29
C LEU B 47 11.93 -5.60 4.33
N ASP B 48 12.38 -5.06 5.45
CA ASP B 48 12.94 -5.89 6.52
C ASP B 48 11.83 -6.65 7.24
N SER B 49 12.02 -7.96 7.39
CA SER B 49 11.00 -8.81 7.94
C SER B 49 10.97 -8.71 9.48
N SER A 12 7.61 -8.30 -17.29
CA SER A 12 7.82 -6.97 -16.78
C SER A 12 6.54 -6.49 -16.11
N ASP A 13 6.67 -5.81 -14.98
CA ASP A 13 5.50 -5.38 -14.22
C ASP A 13 4.96 -4.07 -14.79
N ALA A 14 4.72 -4.07 -16.09
CA ALA A 14 4.23 -2.88 -16.78
C ALA A 14 2.71 -2.83 -16.73
N VAL A 15 2.17 -2.80 -15.52
CA VAL A 15 0.72 -2.74 -15.28
C VAL A 15 0.04 -4.00 -15.82
N GLU A 16 0.10 -5.07 -15.05
CA GLU A 16 -0.49 -6.33 -15.47
C GLU A 16 -1.98 -6.40 -15.07
N PRO A 17 -2.63 -7.59 -15.05
CA PRO A 17 -4.02 -7.69 -14.60
C PRO A 17 -4.17 -7.55 -13.08
N SER A 18 -3.07 -7.74 -12.36
CA SER A 18 -3.08 -7.72 -10.90
C SER A 18 -3.42 -6.34 -10.36
N VAL A 19 -3.11 -5.35 -11.15
CA VAL A 19 -3.06 -3.98 -10.69
C VAL A 19 -4.40 -3.48 -10.16
N GLU A 20 -5.51 -3.92 -10.75
CA GLU A 20 -6.80 -3.45 -10.30
C GLU A 20 -7.12 -3.98 -8.90
N LYS A 21 -6.95 -5.29 -8.70
CA LYS A 21 -7.06 -5.88 -7.36
C LYS A 21 -6.13 -5.21 -6.37
N GLU A 22 -4.91 -4.97 -6.81
CA GLU A 22 -3.94 -4.28 -5.98
C GLU A 22 -4.44 -2.88 -5.64
N TYR A 23 -4.97 -2.17 -6.63
CA TYR A 23 -5.44 -0.82 -6.38
C TYR A 23 -6.66 -0.79 -5.50
N LYS A 24 -7.63 -1.65 -5.76
CA LYS A 24 -8.89 -1.54 -5.02
C LYS A 24 -8.66 -1.76 -3.54
N LYS A 25 -7.98 -2.83 -3.19
CA LYS A 25 -7.62 -3.05 -1.79
C LYS A 25 -6.61 -2.03 -1.22
N ILE A 26 -5.53 -1.74 -1.95
CA ILE A 26 -4.50 -0.83 -1.43
C ILE A 26 -5.03 0.60 -1.33
N ILE A 27 -5.68 1.07 -2.38
CA ILE A 27 -6.25 2.41 -2.44
C ILE A 27 -7.32 2.60 -1.34
N SER A 28 -8.20 1.62 -1.19
CA SER A 28 -9.27 1.72 -0.19
C SER A 28 -8.68 1.86 1.21
N PHE A 29 -7.67 1.04 1.49
CA PHE A 29 -6.98 1.05 2.77
C PHE A 29 -6.22 2.36 2.97
N ARG A 30 -5.42 2.74 1.96
CA ARG A 30 -4.58 3.93 2.06
C ARG A 30 -5.43 5.21 2.12
N ASP A 31 -6.40 5.33 1.22
CA ASP A 31 -7.28 6.50 1.18
C ASP A 31 -7.92 6.79 2.51
N THR A 32 -8.46 5.79 3.19
CA THR A 32 -8.95 5.99 4.55
C THR A 32 -7.82 6.48 5.48
N VAL A 33 -6.63 5.94 5.29
CA VAL A 33 -5.44 6.33 6.04
C VAL A 33 -5.10 7.81 5.81
N PHE A 34 -5.28 8.28 4.58
CA PHE A 34 -4.88 9.63 4.19
C PHE A 34 -5.58 10.69 5.02
N GLU A 35 -6.82 10.43 5.38
CA GLU A 35 -7.62 11.40 6.11
C GLU A 35 -7.47 11.22 7.61
N GLY A 36 -6.95 10.08 8.02
CA GLY A 36 -6.74 9.83 9.42
C GLY A 36 -7.94 9.18 10.04
N LYS A 37 -8.73 8.50 9.22
CA LYS A 37 -9.98 7.90 9.67
C LYS A 37 -9.88 6.38 9.62
N HIS A 38 -8.68 5.89 9.32
CA HIS A 38 -8.44 4.46 9.19
C HIS A 38 -8.81 3.71 10.45
N GLN A 39 -9.62 2.67 10.26
CA GLN A 39 -10.25 1.93 11.36
C GLN A 39 -9.22 1.29 12.29
N GLN A 40 -8.20 0.66 11.74
CA GLN A 40 -7.23 -0.04 12.57
C GLN A 40 -6.12 0.88 13.04
N PHE A 41 -5.88 1.95 12.31
CA PHE A 41 -4.78 2.87 12.61
C PHE A 41 -5.23 4.32 12.52
N LEU A 42 -5.26 5.02 13.63
CA LEU A 42 -5.52 6.45 13.59
C LEU A 42 -4.19 7.18 13.42
N VAL A 43 -4.03 7.83 12.27
CA VAL A 43 -2.76 8.45 11.92
C VAL A 43 -2.83 9.97 12.04
N PRO A 44 -1.73 10.59 12.48
CA PRO A 44 -1.64 12.03 12.63
C PRO A 44 -1.18 12.75 11.36
N ASN A 45 -0.94 14.04 11.48
CA ASN A 45 -0.60 14.88 10.33
C ASN A 45 0.68 14.41 9.63
N ASN A 46 1.71 14.14 10.41
CA ASN A 46 3.02 13.76 9.86
C ASN A 46 2.95 12.50 9.01
N VAL A 47 2.15 11.54 9.45
CA VAL A 47 2.09 10.25 8.77
C VAL A 47 1.34 10.35 7.46
N ARG A 48 0.22 11.05 7.46
CA ARG A 48 -0.55 11.25 6.24
C ARG A 48 0.30 12.03 5.22
N LEU A 49 1.08 12.97 5.73
CA LEU A 49 2.05 13.69 4.90
C LEU A 49 3.07 12.74 4.27
N LYS A 50 3.43 11.67 4.98
CA LYS A 50 4.37 10.69 4.44
C LYS A 50 3.80 10.05 3.19
N PHE A 51 2.53 9.69 3.26
CA PHE A 51 1.84 9.10 2.12
C PHE A 51 1.73 10.07 0.97
N LEU A 52 1.29 11.28 1.26
CA LEU A 52 0.95 12.24 0.21
C LEU A 52 2.19 12.73 -0.53
N ARG A 53 3.29 12.88 0.20
CA ARG A 53 4.58 13.25 -0.41
C ARG A 53 5.08 12.21 -1.41
N ASP A 54 4.62 10.97 -1.30
CA ASP A 54 5.03 9.92 -2.22
C ASP A 54 3.86 9.42 -3.07
N ARG A 55 4.05 8.27 -3.73
CA ARG A 55 3.09 7.67 -4.67
C ARG A 55 2.26 8.70 -5.43
N GLY B 1 -0.72 3.57 -17.67
CA GLY B 1 0.40 4.08 -18.50
C GLY B 1 1.73 3.84 -17.83
N ALA B 2 2.77 4.49 -18.33
CA ALA B 2 4.12 4.32 -17.79
C ALA B 2 4.93 5.60 -17.93
N MET B 3 4.25 6.74 -17.90
CA MET B 3 4.90 8.03 -18.04
C MET B 3 5.89 8.26 -16.90
N GLY B 4 5.44 8.03 -15.68
CA GLY B 4 6.29 8.18 -14.52
C GLY B 4 6.43 6.88 -13.78
N THR B 5 5.53 6.66 -12.83
CA THR B 5 5.49 5.40 -12.13
C THR B 5 4.34 4.55 -12.68
N THR B 6 4.63 3.30 -13.01
CA THR B 6 3.61 2.42 -13.53
C THR B 6 2.55 2.12 -12.48
N ASN B 7 1.38 1.74 -12.91
CA ASN B 7 0.28 1.51 -11.98
C ASN B 7 0.60 0.35 -11.04
N GLN B 8 1.16 -0.71 -11.62
CA GLN B 8 1.60 -1.87 -10.84
C GLN B 8 2.56 -1.43 -9.75
N LYS B 9 3.56 -0.64 -10.12
CA LYS B 9 4.57 -0.21 -9.17
C LYS B 9 4.00 0.81 -8.19
N GLU B 10 3.02 1.59 -8.65
CA GLU B 10 2.43 2.62 -7.81
C GLU B 10 1.56 1.99 -6.72
N ALA B 11 0.87 0.89 -7.04
CA ALA B 11 0.16 0.13 -6.02
C ALA B 11 1.15 -0.37 -4.97
N GLU B 12 2.30 -0.84 -5.45
CA GLU B 12 3.40 -1.27 -4.57
C GLU B 12 3.91 -0.12 -3.71
N LYS B 13 4.03 1.05 -4.34
CA LYS B 13 4.60 2.23 -3.70
C LYS B 13 3.73 2.69 -2.53
N ALA B 14 2.42 2.65 -2.73
CA ALA B 14 1.49 3.01 -1.67
C ALA B 14 1.65 2.07 -0.49
N VAL B 15 1.82 0.79 -0.80
CA VAL B 15 2.10 -0.23 0.21
C VAL B 15 3.37 0.08 1.00
N SER B 16 4.37 0.65 0.33
CA SER B 16 5.62 0.95 1.00
C SER B 16 5.40 2.04 2.06
N GLN B 17 4.68 3.08 1.66
CA GLN B 17 4.24 4.12 2.59
C GLN B 17 3.36 3.53 3.69
N LEU B 18 2.52 2.57 3.31
CA LEU B 18 1.62 1.90 4.25
C LEU B 18 2.40 1.18 5.35
N PHE B 19 3.58 0.69 5.04
CA PHE B 19 4.38 -0.05 6.00
C PHE B 19 4.62 0.74 7.29
N GLU B 20 4.76 2.06 7.18
CA GLU B 20 5.09 2.89 8.34
C GLU B 20 3.93 2.94 9.35
N VAL B 21 2.72 2.59 8.92
CA VAL B 21 1.57 2.59 9.82
C VAL B 21 1.34 1.21 10.43
N GLY B 22 2.30 0.30 10.22
CA GLY B 22 2.22 -1.00 10.86
C GLY B 22 1.47 -2.03 10.03
N VAL B 23 1.34 -1.78 8.74
CA VAL B 23 0.66 -2.72 7.86
C VAL B 23 1.37 -4.07 7.81
N ARG B 24 0.56 -5.10 7.97
CA ARG B 24 1.05 -6.47 8.01
C ARG B 24 0.14 -7.26 7.09
N PHE B 25 0.49 -8.47 6.67
CA PHE B 25 -0.51 -9.27 5.95
C PHE B 25 -1.68 -9.56 6.89
N ASN B 26 -1.34 -9.90 8.12
CA ASN B 26 -2.34 -10.10 9.17
C ASN B 26 -3.26 -8.88 9.33
N ASP B 27 -2.69 -7.67 9.30
CA ASP B 27 -3.51 -6.45 9.39
C ASP B 27 -4.35 -6.23 8.14
N PHE B 28 -3.84 -6.58 6.98
CA PHE B 28 -4.62 -6.48 5.75
C PHE B 28 -5.83 -7.42 5.81
N ILE B 29 -5.60 -8.66 6.23
CA ILE B 29 -6.68 -9.64 6.40
C ILE B 29 -7.71 -9.13 7.39
N ALA B 30 -7.22 -8.38 8.36
CA ALA B 30 -8.09 -7.82 9.40
C ALA B 30 -9.14 -6.90 8.78
N GLU B 31 -8.79 -6.22 7.68
CA GLU B 31 -9.78 -5.44 6.93
C GLU B 31 -10.37 -6.18 5.73
N GLY B 32 -9.83 -7.34 5.35
CA GLY B 32 -10.42 -8.13 4.27
C GLY B 32 -9.54 -8.09 3.03
N ILE B 33 -8.33 -7.61 3.24
CA ILE B 33 -7.32 -7.54 2.19
C ILE B 33 -6.42 -8.77 2.22
N GLU B 34 -6.13 -9.30 1.04
CA GLU B 34 -5.35 -10.53 0.90
C GLU B 34 -3.95 -10.41 1.50
N PRO B 35 -3.50 -11.47 2.19
CA PRO B 35 -2.16 -11.55 2.76
C PRO B 35 -1.09 -11.56 1.68
N SER B 36 -1.50 -12.03 0.51
CA SER B 36 -0.61 -12.19 -0.63
C SER B 36 -0.11 -10.82 -1.08
N VAL B 37 -1.01 -9.85 -1.03
CA VAL B 37 -0.66 -8.47 -1.38
C VAL B 37 0.45 -7.94 -0.48
N VAL B 38 0.34 -8.15 0.83
CA VAL B 38 1.41 -7.68 1.71
C VAL B 38 2.68 -8.51 1.52
N HIS B 39 2.49 -9.83 1.53
CA HIS B 39 3.62 -10.75 1.52
C HIS B 39 4.42 -10.62 0.23
N THR B 40 3.75 -10.64 -0.91
CA THR B 40 4.44 -10.58 -2.19
C THR B 40 5.04 -9.19 -2.42
N LEU B 41 4.25 -8.16 -2.20
CA LEU B 41 4.76 -6.79 -2.34
C LEU B 41 5.95 -6.51 -1.43
N PHE B 42 5.95 -7.09 -0.24
CA PHE B 42 7.10 -6.97 0.67
C PHE B 42 8.34 -7.60 0.00
N LEU B 43 8.07 -8.76 -0.55
CA LEU B 43 9.06 -9.51 -1.33
C LEU B 43 9.56 -8.67 -2.51
N LYS B 44 8.64 -8.02 -3.21
CA LYS B 44 8.96 -7.18 -4.36
C LYS B 44 9.67 -5.89 -3.96
N LEU B 45 9.46 -5.48 -2.71
CA LEU B 45 9.94 -4.18 -2.24
C LEU B 45 11.32 -4.32 -1.61
N GLY B 46 11.75 -5.56 -1.42
CA GLY B 46 13.06 -5.81 -0.85
C GLY B 46 13.14 -5.37 0.59
N LEU B 47 12.02 -5.40 1.28
CA LEU B 47 11.94 -4.90 2.64
C LEU B 47 12.57 -5.88 3.62
N ASP B 48 13.35 -5.34 4.55
CA ASP B 48 13.97 -6.15 5.59
C ASP B 48 12.93 -6.60 6.61
N SER B 49 13.09 -7.80 7.14
CA SER B 49 12.17 -8.34 8.13
C SER B 49 12.75 -8.15 9.53
N SER A 12 10.33 -6.53 -9.19
CA SER A 12 8.91 -6.38 -9.45
C SER A 12 8.59 -6.66 -10.92
N ASP A 13 7.33 -6.54 -11.28
CA ASP A 13 6.88 -6.83 -12.63
C ASP A 13 6.38 -5.56 -13.30
N ALA A 14 6.68 -5.42 -14.58
CA ALA A 14 6.32 -4.22 -15.32
C ALA A 14 4.86 -4.23 -15.74
N VAL A 15 3.97 -4.07 -14.75
CA VAL A 15 2.53 -3.98 -14.99
C VAL A 15 1.94 -5.33 -15.38
N GLU A 16 1.29 -5.96 -14.41
CA GLU A 16 0.69 -7.27 -14.66
C GLU A 16 -0.81 -7.11 -14.90
N PRO A 17 -1.64 -8.17 -14.79
CA PRO A 17 -3.07 -7.99 -14.61
C PRO A 17 -3.38 -7.55 -13.19
N SER A 18 -2.41 -7.78 -12.32
CA SER A 18 -2.51 -7.56 -10.89
C SER A 18 -2.75 -6.10 -10.52
N VAL A 19 -2.43 -5.19 -11.44
CA VAL A 19 -2.19 -3.79 -11.06
C VAL A 19 -3.44 -3.13 -10.50
N GLU A 20 -4.55 -3.25 -11.21
CA GLU A 20 -5.80 -2.65 -10.79
C GLU A 20 -6.35 -3.33 -9.54
N LYS A 21 -6.24 -4.65 -9.53
CA LYS A 21 -6.66 -5.45 -8.38
C LYS A 21 -5.91 -5.00 -7.14
N GLU A 22 -4.60 -4.81 -7.28
CA GLU A 22 -3.79 -4.31 -6.21
C GLU A 22 -4.19 -2.88 -5.89
N TYR A 23 -4.37 -2.05 -6.92
CA TYR A 23 -4.76 -0.66 -6.68
C TYR A 23 -6.04 -0.53 -5.88
N LYS A 24 -7.10 -1.22 -6.26
CA LYS A 24 -8.36 -1.10 -5.53
C LYS A 24 -8.23 -1.48 -4.06
N LYS A 25 -7.57 -2.58 -3.81
CA LYS A 25 -7.36 -3.03 -2.43
C LYS A 25 -6.40 -2.09 -1.66
N ILE A 26 -5.33 -1.70 -2.32
CA ILE A 26 -4.30 -0.88 -1.68
C ILE A 26 -4.79 0.56 -1.45
N ILE A 27 -5.29 1.15 -2.53
CA ILE A 27 -5.79 2.51 -2.51
C ILE A 27 -6.95 2.68 -1.52
N SER A 28 -7.94 1.80 -1.53
CA SER A 28 -9.06 1.91 -0.58
C SER A 28 -8.58 1.84 0.88
N PHE A 29 -7.65 0.93 1.17
CA PHE A 29 -7.06 0.87 2.50
C PHE A 29 -6.40 2.20 2.81
N ARG A 30 -5.69 2.71 1.81
CA ARG A 30 -5.05 4.00 1.92
C ARG A 30 -6.04 5.12 2.12
N ASP A 31 -7.19 5.10 1.45
CA ASP A 31 -8.22 6.13 1.61
C ASP A 31 -8.67 6.29 3.04
N THR A 32 -8.79 5.18 3.76
CA THR A 32 -9.21 5.26 5.14
C THR A 32 -8.11 5.92 5.98
N VAL A 33 -6.87 5.57 5.66
CA VAL A 33 -5.70 6.12 6.36
C VAL A 33 -5.50 7.61 5.99
N PHE A 34 -5.75 7.91 4.71
CA PHE A 34 -5.77 9.29 4.20
C PHE A 34 -6.67 10.20 5.05
N GLU A 35 -7.74 9.64 5.59
CA GLU A 35 -8.62 10.43 6.46
C GLU A 35 -8.19 10.19 7.90
N GLY A 36 -7.44 9.12 8.04
CA GLY A 36 -6.73 8.83 9.27
C GLY A 36 -7.60 8.20 10.32
N LYS A 37 -8.80 7.76 9.94
CA LYS A 37 -9.71 7.16 10.89
C LYS A 37 -9.60 5.65 10.81
N HIS A 38 -8.47 5.18 10.31
CA HIS A 38 -8.23 3.76 10.14
C HIS A 38 -8.34 3.04 11.48
N GLN A 39 -9.21 2.04 11.51
CA GLN A 39 -9.57 1.35 12.74
C GLN A 39 -8.36 0.79 13.47
N GLN A 40 -7.38 0.32 12.71
CA GLN A 40 -6.17 -0.25 13.31
C GLN A 40 -5.07 0.80 13.47
N PHE A 41 -5.13 1.87 12.68
CA PHE A 41 -4.03 2.84 12.66
C PHE A 41 -4.55 4.28 12.72
N LEU A 42 -4.27 4.97 13.80
CA LEU A 42 -4.55 6.40 13.88
C LEU A 42 -3.31 7.19 13.50
N VAL A 43 -3.38 7.91 12.39
CA VAL A 43 -2.22 8.59 11.84
C VAL A 43 -2.17 10.05 12.29
N PRO A 44 -0.99 10.53 12.74
CA PRO A 44 -0.83 11.89 13.26
C PRO A 44 -0.55 12.94 12.18
N ASN A 45 0.73 13.14 11.84
CA ASN A 45 1.12 14.26 10.97
C ASN A 45 2.02 13.80 9.82
N ASN A 46 3.19 13.25 10.16
CA ASN A 46 4.15 12.81 9.16
C ASN A 46 3.53 11.77 8.23
N VAL A 47 2.72 10.89 8.81
CA VAL A 47 2.02 9.87 8.05
C VAL A 47 1.04 10.50 7.07
N ARG A 48 0.43 11.58 7.52
CA ARG A 48 -0.55 12.31 6.72
C ARG A 48 0.12 12.81 5.46
N LEU A 49 1.29 13.40 5.64
CA LEU A 49 2.06 13.94 4.56
C LEU A 49 2.62 12.84 3.66
N LYS A 50 3.15 11.77 4.27
CA LYS A 50 3.75 10.68 3.51
C LYS A 50 2.73 9.99 2.61
N PHE A 51 1.51 9.86 3.08
CA PHE A 51 0.47 9.22 2.30
C PHE A 51 0.03 10.08 1.12
N LEU A 52 -0.25 11.33 1.39
CA LEU A 52 -0.76 12.22 0.35
C LEU A 52 0.32 12.61 -0.64
N ARG A 53 1.52 12.90 -0.13
CA ARG A 53 2.63 13.29 -0.98
C ARG A 53 3.27 12.10 -1.69
N ASP A 54 3.38 10.97 -1.01
CA ASP A 54 4.15 9.85 -1.55
C ASP A 54 3.27 8.73 -2.08
N ARG A 55 3.72 8.21 -3.21
CA ARG A 55 3.01 7.29 -4.08
C ARG A 55 3.30 7.66 -5.53
N GLY B 1 18.61 7.29 -9.55
CA GLY B 1 17.59 7.30 -10.62
C GLY B 1 17.96 6.39 -11.76
N ALA B 2 16.96 5.75 -12.34
CA ALA B 2 17.16 4.84 -13.46
C ALA B 2 15.99 4.91 -14.41
N MET B 3 14.79 4.69 -13.87
CA MET B 3 13.58 4.74 -14.66
C MET B 3 12.42 5.17 -13.77
N GLY B 4 11.29 5.48 -14.40
CA GLY B 4 10.10 5.80 -13.65
C GLY B 4 9.47 4.56 -13.06
N THR B 5 8.51 4.74 -12.18
CA THR B 5 7.85 3.62 -11.56
C THR B 5 6.70 3.11 -12.42
N THR B 6 6.67 1.81 -12.61
CA THR B 6 5.61 1.17 -13.36
C THR B 6 4.35 1.12 -12.53
N ASN B 7 3.19 1.01 -13.17
CA ASN B 7 1.92 1.07 -12.44
C ASN B 7 1.86 0.01 -11.33
N GLN B 8 2.32 -1.19 -11.64
CA GLN B 8 2.43 -2.24 -10.63
C GLN B 8 3.27 -1.76 -9.45
N LYS B 9 4.41 -1.16 -9.75
CA LYS B 9 5.31 -0.64 -8.72
C LYS B 9 4.73 0.57 -8.02
N GLU B 10 3.91 1.33 -8.73
CA GLU B 10 3.27 2.50 -8.16
C GLU B 10 2.34 2.06 -7.02
N ALA B 11 1.70 0.91 -7.23
CA ALA B 11 0.89 0.29 -6.20
C ALA B 11 1.79 -0.21 -5.07
N GLU B 12 2.98 -0.69 -5.43
CA GLU B 12 3.95 -1.14 -4.43
C GLU B 12 4.39 0.02 -3.53
N LYS B 13 4.73 1.16 -4.13
CA LYS B 13 5.06 2.35 -3.37
C LYS B 13 3.91 2.77 -2.47
N ALA B 14 2.69 2.65 -2.96
CA ALA B 14 1.51 2.93 -2.15
C ALA B 14 1.49 1.99 -0.94
N VAL B 15 1.91 0.76 -1.19
CA VAL B 15 2.12 -0.22 -0.15
C VAL B 15 3.14 0.24 0.87
N SER B 16 4.21 0.89 0.42
CA SER B 16 5.30 1.21 1.31
C SER B 16 4.85 2.23 2.36
N GLN B 17 4.07 3.22 1.94
CA GLN B 17 3.48 4.15 2.91
C GLN B 17 2.57 3.43 3.89
N LEU B 18 1.83 2.42 3.44
CA LEU B 18 1.05 1.61 4.37
C LEU B 18 1.98 0.84 5.32
N PHE B 19 2.97 0.23 4.74
CA PHE B 19 4.04 -0.39 5.51
C PHE B 19 4.69 0.61 6.48
N GLU B 20 4.75 1.89 6.11
CA GLU B 20 5.42 2.88 6.91
C GLU B 20 4.63 3.14 8.21
N VAL B 21 3.36 2.70 8.25
CA VAL B 21 2.58 2.86 9.48
C VAL B 21 2.53 1.54 10.23
N GLY B 22 3.02 0.48 9.57
CA GLY B 22 3.22 -0.78 10.26
C GLY B 22 2.24 -1.84 9.81
N VAL B 23 1.66 -1.64 8.62
CA VAL B 23 0.75 -2.63 8.03
C VAL B 23 1.44 -3.96 7.77
N ARG B 24 0.88 -4.99 8.37
CA ARG B 24 1.27 -6.35 8.09
C ARG B 24 0.09 -7.09 7.48
N PHE B 25 0.27 -8.34 7.11
CA PHE B 25 -0.80 -9.08 6.43
C PHE B 25 -2.05 -9.15 7.30
N ASN B 26 -1.85 -9.35 8.60
CA ASN B 26 -2.95 -9.39 9.56
C ASN B 26 -3.82 -8.13 9.51
N ASP B 27 -3.20 -6.98 9.23
CA ASP B 27 -3.94 -5.72 9.16
C ASP B 27 -4.77 -5.66 7.89
N PHE B 28 -4.16 -6.09 6.79
CA PHE B 28 -4.88 -6.22 5.52
C PHE B 28 -6.02 -7.21 5.67
N ILE B 29 -5.76 -8.35 6.31
CA ILE B 29 -6.79 -9.35 6.60
C ILE B 29 -7.95 -8.76 7.41
N ALA B 30 -7.67 -7.81 8.30
CA ALA B 30 -8.73 -7.19 9.08
C ALA B 30 -9.59 -6.30 8.17
N GLU B 31 -8.93 -5.73 7.18
CA GLU B 31 -9.60 -4.86 6.21
C GLU B 31 -10.22 -5.61 5.03
N GLY B 32 -10.31 -6.94 5.09
CA GLY B 32 -10.91 -7.68 3.99
C GLY B 32 -9.93 -7.95 2.86
N ILE B 33 -8.73 -7.43 3.01
CA ILE B 33 -7.69 -7.57 2.02
C ILE B 33 -6.92 -8.87 2.19
N GLU B 34 -6.52 -9.44 1.06
CA GLU B 34 -5.89 -10.74 1.04
C GLU B 34 -4.45 -10.61 1.54
N PRO B 35 -4.05 -11.47 2.49
CA PRO B 35 -2.73 -11.43 3.11
C PRO B 35 -1.61 -11.54 2.09
N SER B 36 -1.88 -12.24 1.00
CA SER B 36 -0.95 -12.39 -0.09
C SER B 36 -0.50 -11.04 -0.65
N VAL B 37 -1.38 -10.04 -0.58
CA VAL B 37 -1.05 -8.71 -1.10
C VAL B 37 0.09 -8.08 -0.29
N VAL B 38 0.00 -8.11 1.04
CA VAL B 38 1.08 -7.60 1.88
C VAL B 38 2.35 -8.40 1.61
N HIS B 39 2.23 -9.72 1.64
CA HIS B 39 3.39 -10.60 1.55
C HIS B 39 4.13 -10.45 0.22
N THR B 40 3.37 -10.46 -0.87
CA THR B 40 3.97 -10.47 -2.20
C THR B 40 4.65 -9.14 -2.52
N LEU B 41 3.93 -8.05 -2.33
CA LEU B 41 4.46 -6.72 -2.61
C LEU B 41 5.60 -6.35 -1.66
N PHE B 42 5.48 -6.79 -0.41
CA PHE B 42 6.51 -6.55 0.60
C PHE B 42 7.85 -7.14 0.14
N LEU B 43 7.79 -8.32 -0.46
CA LEU B 43 8.97 -9.02 -0.91
C LEU B 43 9.62 -8.28 -2.08
N LYS B 44 8.80 -7.80 -3.01
CA LYS B 44 9.28 -7.15 -4.22
C LYS B 44 9.92 -5.81 -3.89
N LEU B 45 9.45 -5.19 -2.83
CA LEU B 45 10.03 -3.93 -2.35
C LEU B 45 11.34 -4.19 -1.61
N GLY B 46 11.65 -5.46 -1.39
CA GLY B 46 12.90 -5.85 -0.77
C GLY B 46 12.97 -5.47 0.70
N LEU B 47 11.81 -5.40 1.33
CA LEU B 47 11.72 -4.99 2.72
C LEU B 47 11.89 -6.20 3.63
N ASP B 48 12.67 -6.03 4.70
CA ASP B 48 12.84 -7.09 5.69
C ASP B 48 11.58 -7.24 6.54
N SER B 49 11.12 -8.46 6.69
CA SER B 49 9.88 -8.74 7.39
C SER B 49 10.09 -8.61 8.90
N SER A 12 8.63 -9.05 -14.62
CA SER A 12 7.75 -8.49 -15.62
C SER A 12 6.41 -8.09 -15.01
N ASP A 13 6.47 -7.31 -13.95
CA ASP A 13 5.26 -6.78 -13.31
C ASP A 13 4.87 -5.45 -13.93
N ALA A 14 4.90 -5.41 -15.25
CA ALA A 14 4.52 -4.21 -15.98
C ALA A 14 3.01 -4.18 -16.17
N VAL A 15 2.30 -3.94 -15.07
CA VAL A 15 0.84 -3.92 -15.05
C VAL A 15 0.28 -5.30 -15.38
N GLU A 16 0.39 -6.21 -14.44
CA GLU A 16 -0.13 -7.56 -14.62
C GLU A 16 -1.66 -7.57 -14.39
N PRO A 17 -2.30 -8.75 -14.20
CA PRO A 17 -3.71 -8.79 -13.80
C PRO A 17 -3.92 -8.38 -12.36
N SER A 18 -2.85 -8.48 -11.59
CA SER A 18 -2.87 -8.25 -10.15
C SER A 18 -3.24 -6.81 -9.81
N VAL A 19 -2.98 -5.93 -10.74
CA VAL A 19 -2.99 -4.50 -10.48
C VAL A 19 -4.34 -4.01 -9.97
N GLU A 20 -5.42 -4.58 -10.44
CA GLU A 20 -6.73 -4.13 -10.01
C GLU A 20 -6.96 -4.50 -8.54
N LYS A 21 -6.72 -5.76 -8.17
CA LYS A 21 -6.75 -6.17 -6.78
C LYS A 21 -5.78 -5.34 -5.93
N GLU A 22 -4.61 -5.09 -6.49
CA GLU A 22 -3.61 -4.28 -5.83
C GLU A 22 -4.13 -2.87 -5.61
N TYR A 23 -4.74 -2.28 -6.62
CA TYR A 23 -5.30 -0.95 -6.47
C TYR A 23 -6.49 -0.93 -5.53
N LYS A 24 -7.42 -1.84 -5.75
CA LYS A 24 -8.69 -1.73 -5.05
C LYS A 24 -8.52 -1.88 -3.55
N LYS A 25 -7.84 -2.93 -3.12
CA LYS A 25 -7.56 -3.10 -1.70
C LYS A 25 -6.59 -2.06 -1.13
N ILE A 26 -5.47 -1.84 -1.80
CA ILE A 26 -4.43 -0.95 -1.27
C ILE A 26 -4.88 0.51 -1.28
N ILE A 27 -5.44 0.95 -2.40
CA ILE A 27 -5.91 2.32 -2.54
C ILE A 27 -7.07 2.61 -1.58
N SER A 28 -8.03 1.70 -1.50
CA SER A 28 -9.15 1.87 -0.58
C SER A 28 -8.64 1.97 0.86
N PHE A 29 -7.69 1.11 1.20
CA PHE A 29 -7.04 1.14 2.50
C PHE A 29 -6.34 2.48 2.70
N ARG A 30 -5.55 2.90 1.71
CA ARG A 30 -4.74 4.11 1.83
C ARG A 30 -5.61 5.37 1.90
N ASP A 31 -6.62 5.48 1.03
CA ASP A 31 -7.52 6.64 1.08
C ASP A 31 -8.14 6.87 2.44
N THR A 32 -8.65 5.85 3.11
CA THR A 32 -9.15 6.05 4.47
C THR A 32 -8.02 6.51 5.40
N VAL A 33 -6.83 5.96 5.19
CA VAL A 33 -5.65 6.31 5.98
C VAL A 33 -5.24 7.77 5.73
N PHE A 34 -5.41 8.24 4.49
CA PHE A 34 -4.97 9.58 4.08
C PHE A 34 -5.65 10.66 4.93
N GLU A 35 -6.88 10.39 5.34
CA GLU A 35 -7.65 11.37 6.10
C GLU A 35 -7.42 11.19 7.60
N GLY A 36 -6.89 10.04 7.98
CA GLY A 36 -6.69 9.76 9.38
C GLY A 36 -7.92 9.14 10.00
N LYS A 37 -8.78 8.59 9.15
CA LYS A 37 -10.06 8.04 9.60
C LYS A 37 -10.05 6.51 9.50
N HIS A 38 -8.86 5.94 9.37
CA HIS A 38 -8.74 4.50 9.15
C HIS A 38 -9.12 3.72 10.40
N GLN A 39 -10.13 2.87 10.27
CA GLN A 39 -10.71 2.12 11.40
C GLN A 39 -9.64 1.59 12.37
N GLN A 40 -8.71 0.81 11.83
CA GLN A 40 -7.70 0.15 12.65
C GLN A 40 -6.50 1.05 12.96
N PHE A 41 -6.30 2.08 12.14
CA PHE A 41 -5.12 2.94 12.29
C PHE A 41 -5.48 4.42 12.23
N LEU A 42 -5.34 5.12 13.34
CA LEU A 42 -5.56 6.56 13.36
C LEU A 42 -4.24 7.27 13.19
N VAL A 43 -4.09 7.99 12.07
CA VAL A 43 -2.82 8.61 11.73
C VAL A 43 -2.93 10.14 11.72
N PRO A 44 -1.90 10.82 12.25
CA PRO A 44 -1.86 12.28 12.31
C PRO A 44 -1.25 12.90 11.05
N ASN A 45 -0.80 14.15 11.17
CA ASN A 45 -0.28 14.89 10.03
C ASN A 45 1.02 14.27 9.50
N ASN A 46 1.98 14.09 10.39
CA ASN A 46 3.31 13.60 10.01
C ASN A 46 3.26 12.28 9.25
N VAL A 47 2.38 11.39 9.67
CA VAL A 47 2.28 10.07 9.05
C VAL A 47 1.68 10.18 7.65
N ARG A 48 0.61 10.95 7.52
CA ARG A 48 -0.02 11.14 6.22
C ARG A 48 0.93 11.86 5.26
N LEU A 49 1.73 12.77 5.81
CA LEU A 49 2.79 13.42 5.05
C LEU A 49 3.74 12.40 4.45
N LYS A 50 4.09 11.36 5.22
CA LYS A 50 4.96 10.30 4.71
C LYS A 50 4.29 9.59 3.53
N PHE A 51 2.99 9.42 3.64
CA PHE A 51 2.20 8.77 2.60
C PHE A 51 2.21 9.58 1.31
N LEU A 52 1.94 10.87 1.44
CA LEU A 52 1.73 11.73 0.27
C LEU A 52 3.03 12.03 -0.47
N ARG A 53 4.14 12.01 0.26
CA ARG A 53 5.46 12.29 -0.33
C ARG A 53 5.83 11.28 -1.41
N ASP A 54 5.45 10.02 -1.23
CA ASP A 54 5.74 8.99 -2.22
C ASP A 54 4.45 8.55 -2.91
N ARG A 55 4.53 7.42 -3.63
CA ARG A 55 3.45 6.92 -4.48
C ARG A 55 3.18 7.89 -5.65
N GLY B 1 -0.26 11.51 -17.24
CA GLY B 1 0.15 10.72 -16.06
C GLY B 1 0.64 9.33 -16.44
N ALA B 2 0.79 8.47 -15.43
CA ALA B 2 1.22 7.08 -15.63
C ALA B 2 2.61 7.01 -16.27
N MET B 3 3.49 7.91 -15.85
CA MET B 3 4.86 7.90 -16.33
C MET B 3 5.81 7.58 -15.19
N GLY B 4 6.96 7.02 -15.53
CA GLY B 4 7.93 6.64 -14.52
C GLY B 4 7.60 5.30 -13.90
N THR B 5 6.54 5.26 -13.11
CA THR B 5 6.09 4.03 -12.48
C THR B 5 4.76 3.58 -13.06
N THR B 6 4.69 2.32 -13.46
CA THR B 6 3.46 1.73 -13.97
C THR B 6 2.42 1.51 -12.86
N ASN B 7 1.19 1.22 -13.26
CA ASN B 7 0.08 1.10 -12.31
C ASN B 7 0.40 0.12 -11.18
N GLN B 8 0.93 -1.04 -11.56
CA GLN B 8 1.37 -2.05 -10.59
C GLN B 8 2.37 -1.46 -9.60
N LYS B 9 3.26 -0.61 -10.08
CA LYS B 9 4.27 -0.02 -9.22
C LYS B 9 3.63 1.00 -8.28
N GLU B 10 2.54 1.61 -8.74
CA GLU B 10 1.81 2.57 -7.92
C GLU B 10 1.24 1.87 -6.69
N ALA B 11 0.65 0.70 -6.89
CA ALA B 11 0.12 -0.09 -5.78
C ALA B 11 1.27 -0.51 -4.84
N GLU B 12 2.43 -0.82 -5.40
CA GLU B 12 3.63 -1.17 -4.61
C GLU B 12 4.06 -0.01 -3.71
N LYS B 13 4.12 1.17 -4.28
CA LYS B 13 4.62 2.35 -3.57
C LYS B 13 3.71 2.66 -2.40
N ALA B 14 2.41 2.51 -2.64
CA ALA B 14 1.42 2.79 -1.62
C ALA B 14 1.63 1.89 -0.40
N VAL B 15 1.88 0.62 -0.67
CA VAL B 15 2.22 -0.35 0.37
C VAL B 15 3.46 0.07 1.16
N SER B 16 4.42 0.67 0.49
CA SER B 16 5.68 1.01 1.14
C SER B 16 5.45 2.05 2.25
N GLN B 17 4.72 3.10 1.91
CA GLN B 17 4.28 4.08 2.92
C GLN B 17 3.38 3.43 3.97
N LEU B 18 2.54 2.50 3.52
CA LEU B 18 1.63 1.78 4.41
C LEU B 18 2.39 1.00 5.48
N PHE B 19 3.58 0.54 5.14
CA PHE B 19 4.41 -0.23 6.05
C PHE B 19 4.65 0.52 7.37
N GLU B 20 4.73 1.85 7.32
CA GLU B 20 5.10 2.64 8.48
C GLU B 20 3.98 2.63 9.53
N VAL B 21 2.74 2.40 9.10
CA VAL B 21 1.61 2.41 10.02
C VAL B 21 1.38 1.02 10.62
N GLY B 22 2.33 0.12 10.40
CA GLY B 22 2.26 -1.19 10.99
C GLY B 22 1.51 -2.20 10.14
N VAL B 23 1.36 -1.91 8.85
CA VAL B 23 0.69 -2.84 7.95
C VAL B 23 1.43 -4.17 7.85
N ARG B 24 0.65 -5.24 7.99
CA ARG B 24 1.17 -6.59 7.95
C ARG B 24 0.22 -7.34 7.03
N PHE B 25 0.51 -8.56 6.59
CA PHE B 25 -0.53 -9.33 5.92
C PHE B 25 -1.69 -9.55 6.89
N ASN B 26 -1.32 -9.90 8.12
CA ASN B 26 -2.27 -10.08 9.21
C ASN B 26 -3.15 -8.84 9.39
N ASP B 27 -2.54 -7.66 9.34
CA ASP B 27 -3.30 -6.40 9.44
C ASP B 27 -4.17 -6.14 8.22
N PHE B 28 -3.73 -6.54 7.03
CA PHE B 28 -4.57 -6.41 5.84
C PHE B 28 -5.77 -7.35 5.94
N ILE B 29 -5.52 -8.56 6.44
CA ILE B 29 -6.59 -9.54 6.70
C ILE B 29 -7.63 -8.96 7.66
N ALA B 30 -7.18 -8.08 8.53
CA ALA B 30 -8.09 -7.38 9.45
C ALA B 30 -9.11 -6.54 8.65
N GLU B 31 -8.68 -6.06 7.49
CA GLU B 31 -9.55 -5.32 6.57
C GLU B 31 -10.13 -6.22 5.46
N GLY B 32 -9.99 -7.54 5.60
CA GLY B 32 -10.47 -8.46 4.57
C GLY B 32 -9.51 -8.59 3.40
N ILE B 33 -8.42 -7.87 3.51
CA ILE B 33 -7.46 -7.77 2.42
C ILE B 33 -6.53 -8.98 2.38
N GLU B 34 -6.29 -9.47 1.16
CA GLU B 34 -5.49 -10.67 0.93
C GLU B 34 -4.08 -10.53 1.50
N PRO B 35 -3.62 -11.55 2.24
CA PRO B 35 -2.27 -11.61 2.81
C PRO B 35 -1.19 -11.64 1.73
N SER B 36 -1.58 -12.15 0.58
CA SER B 36 -0.66 -12.34 -0.54
C SER B 36 -0.12 -10.98 -1.00
N VAL B 37 -1.03 -10.00 -1.02
CA VAL B 37 -0.67 -8.64 -1.41
C VAL B 37 0.42 -8.03 -0.51
N VAL B 38 0.32 -8.22 0.81
CA VAL B 38 1.34 -7.65 1.68
C VAL B 38 2.65 -8.39 1.51
N HIS B 39 2.57 -9.71 1.53
CA HIS B 39 3.76 -10.54 1.51
C HIS B 39 4.52 -10.39 0.20
N THR B 40 3.83 -10.48 -0.93
CA THR B 40 4.49 -10.43 -2.22
C THR B 40 5.03 -9.03 -2.53
N LEU B 41 4.19 -8.02 -2.33
CA LEU B 41 4.62 -6.64 -2.54
C LEU B 41 5.81 -6.25 -1.65
N PHE B 42 5.85 -6.79 -0.45
CA PHE B 42 7.00 -6.58 0.45
C PHE B 42 8.26 -7.18 -0.20
N LEU B 43 8.06 -8.40 -0.67
CA LEU B 43 9.08 -9.11 -1.44
C LEU B 43 9.52 -8.28 -2.67
N LYS B 44 8.55 -7.65 -3.33
CA LYS B 44 8.82 -6.76 -4.46
C LYS B 44 9.48 -5.45 -4.03
N LEU B 45 9.29 -5.09 -2.77
CA LEU B 45 9.79 -3.81 -2.26
C LEU B 45 11.23 -3.96 -1.80
N GLY B 46 11.70 -5.21 -1.80
CA GLY B 46 13.08 -5.49 -1.44
C GLY B 46 13.33 -5.28 0.03
N LEU B 47 12.27 -5.31 0.82
CA LEU B 47 12.37 -5.09 2.25
C LEU B 47 12.85 -6.35 2.96
N ASP B 48 13.73 -6.18 3.93
CA ASP B 48 14.28 -7.29 4.69
C ASP B 48 13.24 -7.83 5.65
N SER B 49 13.03 -9.13 5.63
CA SER B 49 12.06 -9.76 6.51
C SER B 49 12.76 -10.23 7.78
N SER A 12 8.42 -7.70 -12.70
CA SER A 12 8.38 -6.29 -13.06
C SER A 12 7.57 -6.13 -14.34
N ASP A 13 6.40 -6.77 -14.36
CA ASP A 13 5.57 -6.78 -15.56
C ASP A 13 4.85 -5.44 -15.72
N ALA A 14 4.67 -5.02 -16.96
CA ALA A 14 4.08 -3.72 -17.25
C ALA A 14 2.57 -3.74 -17.04
N VAL A 15 2.16 -3.59 -15.78
CA VAL A 15 0.76 -3.51 -15.39
C VAL A 15 0.00 -4.76 -15.77
N GLU A 16 -0.02 -5.74 -14.88
CA GLU A 16 -0.71 -6.98 -15.18
C GLU A 16 -2.21 -6.82 -14.94
N PRO A 17 -3.00 -7.93 -14.86
CA PRO A 17 -4.39 -7.82 -14.44
C PRO A 17 -4.52 -7.57 -12.95
N SER A 18 -3.63 -8.18 -12.18
CA SER A 18 -3.69 -8.16 -10.73
C SER A 18 -3.54 -6.75 -10.18
N VAL A 19 -2.85 -5.91 -10.93
CA VAL A 19 -2.51 -4.58 -10.47
C VAL A 19 -3.76 -3.74 -10.23
N GLU A 20 -4.78 -3.99 -11.03
CA GLU A 20 -6.03 -3.26 -10.87
C GLU A 20 -6.65 -3.56 -9.51
N LYS A 21 -6.74 -4.84 -9.14
CA LYS A 21 -7.16 -5.22 -7.80
C LYS A 21 -6.15 -4.77 -6.74
N GLU A 22 -4.86 -4.80 -7.08
CA GLU A 22 -3.85 -4.32 -6.15
C GLU A 22 -4.14 -2.87 -5.82
N TYR A 23 -4.62 -2.12 -6.80
CA TYR A 23 -4.99 -0.74 -6.57
C TYR A 23 -6.20 -0.62 -5.67
N LYS A 24 -7.22 -1.39 -5.97
CA LYS A 24 -8.50 -1.16 -5.29
C LYS A 24 -8.37 -1.41 -3.80
N LYS A 25 -7.81 -2.56 -3.44
CA LYS A 25 -7.54 -2.85 -2.03
C LYS A 25 -6.57 -1.86 -1.37
N ILE A 26 -5.46 -1.56 -2.03
CA ILE A 26 -4.43 -0.69 -1.44
C ILE A 26 -4.92 0.76 -1.32
N ILE A 27 -5.48 1.27 -2.41
CA ILE A 27 -5.96 2.65 -2.45
C ILE A 27 -7.12 2.86 -1.47
N SER A 28 -8.05 1.91 -1.44
CA SER A 28 -9.20 2.00 -0.52
C SER A 28 -8.72 1.99 0.93
N PHE A 29 -7.77 1.11 1.22
CA PHE A 29 -7.19 1.01 2.56
C PHE A 29 -6.52 2.33 2.93
N ARG A 30 -5.69 2.85 2.02
CA ARG A 30 -4.98 4.09 2.27
C ARG A 30 -5.94 5.27 2.36
N ASP A 31 -6.98 5.28 1.53
CA ASP A 31 -7.99 6.34 1.56
C ASP A 31 -8.56 6.56 2.95
N THR A 32 -8.99 5.51 3.64
CA THR A 32 -9.38 5.65 5.04
C THR A 32 -8.20 6.13 5.91
N VAL A 33 -7.02 5.60 5.61
CA VAL A 33 -5.80 5.95 6.35
C VAL A 33 -5.48 7.43 6.25
N PHE A 34 -5.72 8.05 5.09
CA PHE A 34 -5.28 9.42 4.82
C PHE A 34 -5.83 10.42 5.83
N GLU A 35 -7.07 10.23 6.23
CA GLU A 35 -7.73 11.18 7.13
C GLU A 35 -7.50 10.81 8.58
N GLY A 36 -7.08 9.57 8.80
CA GLY A 36 -6.81 9.11 10.14
C GLY A 36 -8.05 8.49 10.76
N LYS A 37 -8.84 7.84 9.92
CA LYS A 37 -10.10 7.26 10.36
C LYS A 37 -10.03 5.75 10.30
N HIS A 38 -8.84 5.24 9.97
CA HIS A 38 -8.64 3.81 9.80
C HIS A 38 -8.84 3.07 11.11
N GLN A 39 -9.65 2.02 11.09
CA GLN A 39 -10.10 1.35 12.31
C GLN A 39 -8.94 1.01 13.25
N GLN A 40 -7.91 0.36 12.72
CA GLN A 40 -6.81 -0.09 13.57
C GLN A 40 -5.72 0.98 13.71
N PHE A 41 -5.66 1.92 12.78
CA PHE A 41 -4.53 2.85 12.70
C PHE A 41 -4.99 4.29 12.54
N LEU A 42 -4.48 5.18 13.37
CA LEU A 42 -4.85 6.59 13.31
C LEU A 42 -3.64 7.44 12.95
N VAL A 43 -3.71 8.14 11.82
CA VAL A 43 -2.62 8.99 11.37
C VAL A 43 -2.87 10.43 11.79
N PRO A 44 -1.81 11.19 12.09
CA PRO A 44 -1.91 12.57 12.55
C PRO A 44 -1.92 13.58 11.40
N ASN A 45 -0.78 13.78 10.76
CA ASN A 45 -0.68 14.73 9.64
C ASN A 45 0.44 14.33 8.67
N ASN A 46 1.66 14.31 9.17
CA ASN A 46 2.84 14.05 8.35
C ASN A 46 2.81 12.67 7.73
N VAL A 47 2.11 11.74 8.37
CA VAL A 47 2.01 10.37 7.86
C VAL A 47 1.35 10.34 6.48
N ARG A 48 0.25 11.07 6.34
CA ARG A 48 -0.43 11.17 5.05
C ARG A 48 0.50 11.74 3.99
N LEU A 49 1.19 12.78 4.39
CA LEU A 49 2.14 13.45 3.52
C LEU A 49 3.23 12.50 3.04
N LYS A 50 3.65 11.56 3.89
CA LYS A 50 4.64 10.56 3.49
C LYS A 50 4.10 9.64 2.42
N PHE A 51 2.81 9.30 2.53
CA PHE A 51 2.13 8.49 1.53
C PHE A 51 2.14 9.19 0.18
N LEU A 52 1.88 10.47 0.22
CA LEU A 52 1.68 11.26 -0.99
C LEU A 52 3.00 11.49 -1.73
N ARG A 53 4.08 11.64 -0.97
CA ARG A 53 5.40 11.92 -1.53
C ARG A 53 5.91 10.79 -2.42
N ASP A 54 5.63 9.55 -2.05
CA ASP A 54 6.17 8.41 -2.78
C ASP A 54 5.10 7.39 -3.12
N ARG A 55 4.79 7.29 -4.41
CA ARG A 55 3.76 6.39 -4.90
C ARG A 55 3.68 6.50 -6.42
N GLY B 1 4.42 13.32 -14.78
CA GLY B 1 5.87 13.24 -15.08
C GLY B 1 6.12 12.65 -16.45
N ALA B 2 7.39 12.43 -16.78
CA ALA B 2 7.74 11.82 -18.06
C ALA B 2 7.24 10.38 -18.11
N MET B 3 7.66 9.59 -17.15
CA MET B 3 7.20 8.22 -17.02
C MET B 3 6.47 8.03 -15.70
N GLY B 4 6.98 8.69 -14.67
CA GLY B 4 6.42 8.54 -13.34
C GLY B 4 6.68 7.15 -12.81
N THR B 5 5.71 6.59 -12.11
CA THR B 5 5.78 5.20 -11.70
C THR B 5 4.70 4.39 -12.42
N THR B 6 5.08 3.24 -12.95
CA THR B 6 4.13 2.38 -13.63
C THR B 6 3.14 1.80 -12.64
N ASN B 7 2.01 1.30 -13.12
CA ASN B 7 0.91 0.97 -12.23
C ASN B 7 1.28 -0.11 -11.22
N GLN B 8 1.90 -1.18 -11.71
CA GLN B 8 2.38 -2.25 -10.84
C GLN B 8 3.32 -1.69 -9.77
N LYS B 9 4.22 -0.81 -10.17
CA LYS B 9 5.18 -0.21 -9.24
C LYS B 9 4.49 0.76 -8.29
N GLU B 10 3.45 1.41 -8.78
CA GLU B 10 2.76 2.41 -8.00
C GLU B 10 2.01 1.77 -6.85
N ALA B 11 1.32 0.66 -7.12
CA ALA B 11 0.63 -0.07 -6.08
C ALA B 11 1.64 -0.58 -5.04
N GLU B 12 2.82 -0.99 -5.52
CA GLU B 12 3.90 -1.42 -4.62
C GLU B 12 4.34 -0.30 -3.68
N LYS B 13 4.50 0.91 -4.23
CA LYS B 13 5.04 2.02 -3.47
C LYS B 13 4.04 2.49 -2.42
N ALA B 14 2.77 2.42 -2.74
CA ALA B 14 1.72 2.78 -1.80
C ALA B 14 1.78 1.86 -0.58
N VAL B 15 1.99 0.57 -0.83
CA VAL B 15 2.24 -0.41 0.23
C VAL B 15 3.46 -0.04 1.06
N SER B 16 4.46 0.52 0.40
CA SER B 16 5.70 0.87 1.07
C SER B 16 5.43 2.01 2.04
N GLN B 17 4.70 3.02 1.58
CA GLN B 17 4.25 4.11 2.45
C GLN B 17 3.32 3.58 3.55
N LEU B 18 2.48 2.60 3.19
CA LEU B 18 1.58 1.97 4.15
C LEU B 18 2.34 1.31 5.29
N PHE B 19 3.55 0.87 5.02
CA PHE B 19 4.37 0.20 6.03
C PHE B 19 4.53 1.04 7.29
N GLU B 20 4.58 2.37 7.15
CA GLU B 20 4.83 3.25 8.28
C GLU B 20 3.66 3.24 9.29
N VAL B 21 2.49 2.78 8.85
CA VAL B 21 1.32 2.74 9.74
C VAL B 21 1.14 1.35 10.34
N GLY B 22 2.13 0.49 10.17
CA GLY B 22 2.10 -0.80 10.83
C GLY B 22 1.41 -1.89 10.04
N VAL B 23 1.28 -1.69 8.74
CA VAL B 23 0.65 -2.68 7.87
C VAL B 23 1.39 -4.01 7.87
N ARG B 24 0.61 -5.08 8.00
CA ARG B 24 1.13 -6.43 8.03
C ARG B 24 0.23 -7.19 7.07
N PHE B 25 0.59 -8.38 6.58
CA PHE B 25 -0.39 -9.16 5.82
C PHE B 25 -1.62 -9.42 6.68
N ASN B 26 -1.36 -9.83 7.91
CA ASN B 26 -2.42 -10.05 8.91
C ASN B 26 -3.30 -8.80 9.11
N ASP B 27 -2.69 -7.63 9.16
CA ASP B 27 -3.46 -6.39 9.32
C ASP B 27 -4.27 -6.03 8.07
N PHE B 28 -3.77 -6.37 6.89
CA PHE B 28 -4.56 -6.18 5.67
C PHE B 28 -5.79 -7.09 5.71
N ILE B 29 -5.61 -8.31 6.21
CA ILE B 29 -6.73 -9.24 6.43
C ILE B 29 -7.78 -8.65 7.36
N ALA B 30 -7.31 -7.79 8.27
CA ALA B 30 -8.22 -7.07 9.17
C ALA B 30 -9.17 -6.20 8.34
N GLU B 31 -8.71 -5.76 7.18
CA GLU B 31 -9.52 -5.02 6.22
C GLU B 31 -10.13 -5.93 5.13
N GLY B 32 -10.04 -7.25 5.32
CA GLY B 32 -10.53 -8.18 4.30
C GLY B 32 -9.54 -8.42 3.19
N ILE B 33 -8.41 -7.75 3.30
CA ILE B 33 -7.40 -7.75 2.25
C ILE B 33 -6.52 -8.99 2.33
N GLU B 34 -6.28 -9.58 1.16
CA GLU B 34 -5.48 -10.79 1.03
C GLU B 34 -4.04 -10.61 1.52
N PRO B 35 -3.54 -11.61 2.26
CA PRO B 35 -2.16 -11.64 2.76
C PRO B 35 -1.15 -11.63 1.61
N SER B 36 -1.60 -12.13 0.47
CA SER B 36 -0.75 -12.27 -0.71
C SER B 36 -0.36 -10.88 -1.22
N VAL B 37 -1.31 -9.96 -1.12
CA VAL B 37 -1.07 -8.58 -1.50
C VAL B 37 0.05 -7.96 -0.66
N VAL B 38 0.00 -8.12 0.66
CA VAL B 38 1.06 -7.55 1.48
C VAL B 38 2.35 -8.32 1.28
N HIS B 39 2.23 -9.63 1.38
CA HIS B 39 3.39 -10.50 1.42
C HIS B 39 4.20 -10.39 0.14
N THR B 40 3.54 -10.47 -1.00
CA THR B 40 4.24 -10.42 -2.27
C THR B 40 4.80 -9.02 -2.54
N LEU B 41 3.96 -8.01 -2.40
CA LEU B 41 4.41 -6.63 -2.61
C LEU B 41 5.54 -6.23 -1.66
N PHE B 42 5.48 -6.71 -0.41
CA PHE B 42 6.55 -6.48 0.57
C PHE B 42 7.83 -7.17 0.11
N LEU B 43 7.64 -8.42 -0.27
CA LEU B 43 8.70 -9.23 -0.85
C LEU B 43 9.33 -8.53 -2.05
N LYS B 44 8.52 -7.96 -2.92
CA LYS B 44 9.00 -7.20 -4.08
C LYS B 44 9.62 -5.86 -3.66
N LEU B 45 9.21 -5.38 -2.49
CA LEU B 45 9.66 -4.08 -2.00
C LEU B 45 11.00 -4.21 -1.30
N GLY B 46 11.42 -5.44 -1.07
CA GLY B 46 12.71 -5.69 -0.45
C GLY B 46 12.77 -5.20 0.99
N LEU B 47 11.60 -5.13 1.63
CA LEU B 47 11.51 -4.59 2.97
C LEU B 47 12.04 -5.59 3.98
N ASP B 48 12.65 -5.09 5.04
CA ASP B 48 13.24 -5.93 6.07
C ASP B 48 12.16 -6.57 6.91
N SER B 49 12.37 -7.83 7.27
CA SER B 49 11.39 -8.58 8.04
C SER B 49 11.88 -8.75 9.48
N SER A 12 7.41 -9.63 -16.47
CA SER A 12 6.50 -10.48 -15.73
C SER A 12 5.64 -9.66 -14.78
N ASP A 13 6.23 -8.60 -14.24
CA ASP A 13 5.57 -7.79 -13.23
C ASP A 13 5.17 -6.45 -13.81
N ALA A 14 5.20 -6.35 -15.13
CA ALA A 14 4.87 -5.11 -15.82
C ALA A 14 3.35 -4.91 -15.88
N VAL A 15 2.77 -4.66 -14.71
CA VAL A 15 1.32 -4.46 -14.58
C VAL A 15 0.57 -5.73 -14.95
N GLU A 16 0.52 -6.65 -14.00
CA GLU A 16 -0.15 -7.93 -14.21
C GLU A 16 -1.67 -7.76 -14.10
N PRO A 17 -2.45 -8.86 -13.98
CA PRO A 17 -3.87 -8.75 -13.66
C PRO A 17 -4.11 -8.38 -12.20
N SER A 18 -3.26 -8.90 -11.32
CA SER A 18 -3.39 -8.72 -9.87
C SER A 18 -3.29 -7.26 -9.49
N VAL A 19 -2.61 -6.48 -10.32
CA VAL A 19 -2.32 -5.09 -10.00
C VAL A 19 -3.60 -4.28 -9.87
N GLU A 20 -4.62 -4.64 -10.62
CA GLU A 20 -5.89 -3.94 -10.50
C GLU A 20 -6.45 -4.13 -9.08
N LYS A 21 -6.47 -5.37 -8.61
CA LYS A 21 -6.83 -5.66 -7.23
C LYS A 21 -5.91 -4.98 -6.25
N GLU A 22 -4.64 -4.95 -6.60
CA GLU A 22 -3.66 -4.31 -5.76
C GLU A 22 -4.03 -2.85 -5.60
N TYR A 23 -4.48 -2.22 -6.69
CA TYR A 23 -4.87 -0.83 -6.59
C TYR A 23 -6.12 -0.64 -5.76
N LYS A 24 -7.16 -1.41 -6.05
CA LYS A 24 -8.45 -1.14 -5.44
C LYS A 24 -8.40 -1.34 -3.93
N LYS A 25 -7.93 -2.49 -3.49
CA LYS A 25 -7.75 -2.74 -2.07
C LYS A 25 -6.76 -1.79 -1.39
N ILE A 26 -5.60 -1.59 -2.00
CA ILE A 26 -4.55 -0.76 -1.38
C ILE A 26 -4.95 0.71 -1.32
N ILE A 27 -5.43 1.22 -2.43
CA ILE A 27 -5.83 2.62 -2.53
C ILE A 27 -7.02 2.92 -1.58
N SER A 28 -8.02 2.04 -1.60
CA SER A 28 -9.20 2.21 -0.75
C SER A 28 -8.81 2.15 0.74
N PHE A 29 -7.85 1.28 1.05
CA PHE A 29 -7.30 1.18 2.39
C PHE A 29 -6.69 2.52 2.78
N ARG A 30 -5.89 3.06 1.86
CA ARG A 30 -5.27 4.36 2.04
C ARG A 30 -6.32 5.47 2.14
N ASP A 31 -7.39 5.37 1.35
CA ASP A 31 -8.45 6.36 1.38
C ASP A 31 -8.97 6.60 2.79
N THR A 32 -9.29 5.56 3.54
CA THR A 32 -9.62 5.75 4.96
C THR A 32 -8.41 6.24 5.77
N VAL A 33 -7.22 5.71 5.48
CA VAL A 33 -6.00 6.06 6.21
C VAL A 33 -5.67 7.54 6.10
N PHE A 34 -5.91 8.13 4.93
CA PHE A 34 -5.46 9.50 4.63
C PHE A 34 -6.00 10.52 5.62
N GLU A 35 -7.22 10.31 6.07
CA GLU A 35 -7.87 11.28 6.94
C GLU A 35 -7.60 10.97 8.41
N GLY A 36 -7.12 9.77 8.66
CA GLY A 36 -6.78 9.39 10.02
C GLY A 36 -7.96 8.75 10.72
N LYS A 37 -8.73 8.00 9.96
CA LYS A 37 -9.96 7.40 10.47
C LYS A 37 -9.97 5.90 10.25
N HIS A 38 -8.81 5.32 9.97
CA HIS A 38 -8.74 3.88 9.75
C HIS A 38 -8.99 3.17 11.07
N GLN A 39 -9.91 2.22 11.03
CA GLN A 39 -10.45 1.60 12.24
C GLN A 39 -9.37 0.98 13.11
N GLN A 40 -8.29 0.47 12.50
CA GLN A 40 -7.20 -0.11 13.27
C GLN A 40 -5.97 0.81 13.30
N PHE A 41 -5.95 1.83 12.44
CA PHE A 41 -4.77 2.69 12.30
C PHE A 41 -5.14 4.17 12.31
N LEU A 42 -4.58 4.91 13.25
CA LEU A 42 -4.79 6.36 13.30
C LEU A 42 -3.52 7.09 12.92
N VAL A 43 -3.62 7.96 11.91
CA VAL A 43 -2.46 8.70 11.43
C VAL A 43 -2.72 10.21 11.47
N PRO A 44 -1.65 10.99 11.71
CA PRO A 44 -1.71 12.44 11.65
C PRO A 44 -1.37 13.00 10.28
N ASN A 45 -1.33 14.33 10.16
CA ASN A 45 -1.10 14.98 8.87
C ASN A 45 0.27 14.62 8.27
N ASN A 46 1.31 14.59 9.09
CA ASN A 46 2.67 14.29 8.60
C ASN A 46 2.76 12.90 7.98
N VAL A 47 2.02 11.96 8.53
CA VAL A 47 2.07 10.58 8.04
C VAL A 47 1.37 10.46 6.69
N ARG A 48 0.23 11.12 6.54
CA ARG A 48 -0.48 11.12 5.25
C ARG A 48 0.43 11.74 4.18
N LEU A 49 1.20 12.76 4.60
CA LEU A 49 2.20 13.38 3.74
C LEU A 49 3.25 12.37 3.29
N LYS A 50 3.60 11.43 4.16
CA LYS A 50 4.55 10.37 3.80
C LYS A 50 3.98 9.52 2.67
N PHE A 51 2.70 9.23 2.78
CA PHE A 51 2.01 8.42 1.78
C PHE A 51 2.02 9.10 0.41
N LEU A 52 1.66 10.37 0.42
CA LEU A 52 1.48 11.15 -0.79
C LEU A 52 2.81 11.51 -1.45
N ARG A 53 3.86 11.65 -0.65
CA ARG A 53 5.18 12.00 -1.19
C ARG A 53 5.70 10.95 -2.17
N ASP A 54 5.42 9.69 -1.90
CA ASP A 54 5.81 8.63 -2.82
C ASP A 54 4.68 8.32 -3.78
N ARG A 55 3.57 7.80 -3.27
CA ARG A 55 2.39 7.60 -4.08
C ARG A 55 1.50 8.84 -4.00
N GLY B 1 5.60 10.80 -8.73
CA GLY B 1 5.50 11.93 -9.69
C GLY B 1 4.71 11.55 -10.91
N ALA B 2 5.34 11.60 -12.07
CA ALA B 2 4.71 11.22 -13.32
C ALA B 2 5.48 10.08 -13.98
N MET B 3 4.96 8.87 -13.83
CA MET B 3 5.60 7.67 -14.36
C MET B 3 6.95 7.44 -13.69
N GLY B 4 7.73 6.52 -14.22
CA GLY B 4 8.98 6.15 -13.59
C GLY B 4 8.88 4.78 -12.96
N THR B 5 7.86 4.60 -12.15
CA THR B 5 7.51 3.30 -11.63
C THR B 5 6.18 2.85 -12.24
N THR B 6 6.14 1.62 -12.74
CA THR B 6 4.95 1.10 -13.41
C THR B 6 3.75 1.04 -12.46
N ASN B 7 2.56 0.85 -13.01
CA ASN B 7 1.35 0.82 -12.19
C ASN B 7 1.48 -0.23 -11.08
N GLN B 8 1.98 -1.40 -11.47
CA GLN B 8 2.30 -2.46 -10.52
C GLN B 8 3.24 -1.96 -9.44
N LYS B 9 4.23 -1.19 -9.84
CA LYS B 9 5.21 -0.69 -8.90
C LYS B 9 4.60 0.40 -8.03
N GLU B 10 3.63 1.11 -8.59
CA GLU B 10 2.99 2.19 -7.86
C GLU B 10 2.11 1.63 -6.74
N ALA B 11 1.45 0.50 -7.00
CA ALA B 11 0.73 -0.19 -5.93
C ALA B 11 1.72 -0.64 -4.84
N GLU B 12 2.93 -1.03 -5.25
CA GLU B 12 4.02 -1.33 -4.32
C GLU B 12 4.36 -0.10 -3.47
N LYS B 13 4.40 1.06 -4.14
CA LYS B 13 4.81 2.30 -3.51
C LYS B 13 3.85 2.67 -2.39
N ALA B 14 2.57 2.47 -2.66
CA ALA B 14 1.53 2.74 -1.69
C ALA B 14 1.68 1.84 -0.47
N VAL B 15 1.93 0.57 -0.72
CA VAL B 15 2.21 -0.41 0.33
C VAL B 15 3.44 -0.03 1.16
N SER B 16 4.44 0.53 0.51
CA SER B 16 5.67 0.88 1.18
C SER B 16 5.37 1.99 2.19
N GLN B 17 4.64 3.00 1.72
CA GLN B 17 4.16 4.06 2.60
C GLN B 17 3.25 3.50 3.68
N LEU B 18 2.44 2.51 3.33
CA LEU B 18 1.56 1.85 4.30
C LEU B 18 2.35 1.16 5.40
N PHE B 19 3.53 0.65 5.08
CA PHE B 19 4.34 -0.07 6.05
C PHE B 19 4.62 0.77 7.29
N GLU B 20 4.77 2.08 7.13
CA GLU B 20 5.12 2.95 8.25
C GLU B 20 3.99 3.06 9.27
N VAL B 21 2.77 2.69 8.87
CA VAL B 21 1.65 2.70 9.80
C VAL B 21 1.44 1.31 10.42
N GLY B 22 2.38 0.42 10.16
CA GLY B 22 2.35 -0.90 10.77
C GLY B 22 1.59 -1.92 9.97
N VAL B 23 1.39 -1.67 8.68
CA VAL B 23 0.68 -2.61 7.83
C VAL B 23 1.38 -3.96 7.75
N ARG B 24 0.57 -5.00 7.89
CA ARG B 24 1.06 -6.37 7.90
C ARG B 24 0.13 -7.13 6.97
N PHE B 25 0.45 -8.35 6.56
CA PHE B 25 -0.58 -9.13 5.87
C PHE B 25 -1.74 -9.36 6.84
N ASN B 26 -1.38 -9.70 8.06
CA ASN B 26 -2.34 -9.89 9.14
C ASN B 26 -3.23 -8.66 9.33
N ASP B 27 -2.66 -7.47 9.28
CA ASP B 27 -3.47 -6.24 9.37
C ASP B 27 -4.29 -5.96 8.12
N PHE B 28 -3.78 -6.33 6.95
CA PHE B 28 -4.58 -6.24 5.74
C PHE B 28 -5.78 -7.17 5.83
N ILE B 29 -5.53 -8.38 6.33
CA ILE B 29 -6.58 -9.36 6.59
C ILE B 29 -7.60 -8.80 7.59
N ALA B 30 -7.10 -7.97 8.50
CA ALA B 30 -7.96 -7.31 9.48
C ALA B 30 -9.00 -6.43 8.78
N GLU B 31 -8.62 -5.87 7.63
CA GLU B 31 -9.56 -5.10 6.83
C GLU B 31 -10.25 -5.94 5.73
N GLY B 32 -9.77 -7.16 5.49
CA GLY B 32 -10.42 -8.03 4.51
C GLY B 32 -9.56 -8.14 3.25
N ILE B 33 -8.40 -7.55 3.36
CA ILE B 33 -7.43 -7.55 2.28
C ILE B 33 -6.55 -8.80 2.35
N GLU B 34 -6.32 -9.40 1.20
CA GLU B 34 -5.59 -10.66 1.09
C GLU B 34 -4.12 -10.51 1.46
N PRO B 35 -3.58 -11.53 2.16
CA PRO B 35 -2.18 -11.57 2.62
C PRO B 35 -1.18 -11.56 1.47
N SER B 36 -1.64 -12.02 0.31
CA SER B 36 -0.79 -12.13 -0.87
C SER B 36 -0.33 -10.74 -1.27
N VAL B 37 -1.25 -9.80 -1.15
CA VAL B 37 -0.98 -8.41 -1.48
C VAL B 37 0.16 -7.85 -0.62
N VAL B 38 0.11 -8.05 0.69
CA VAL B 38 1.16 -7.52 1.55
C VAL B 38 2.46 -8.28 1.34
N HIS B 39 2.37 -9.61 1.38
CA HIS B 39 3.56 -10.44 1.38
C HIS B 39 4.31 -10.31 0.06
N THR B 40 3.60 -10.41 -1.06
CA THR B 40 4.25 -10.34 -2.36
C THR B 40 4.81 -8.96 -2.65
N LEU B 41 4.02 -7.93 -2.43
CA LEU B 41 4.49 -6.56 -2.57
C LEU B 41 5.67 -6.27 -1.64
N PHE B 42 5.68 -6.87 -0.45
CA PHE B 42 6.83 -6.80 0.47
C PHE B 42 8.05 -7.45 -0.20
N LEU B 43 7.76 -8.58 -0.82
CA LEU B 43 8.75 -9.33 -1.60
C LEU B 43 9.33 -8.44 -2.69
N LYS B 44 8.46 -7.70 -3.37
CA LYS B 44 8.87 -6.77 -4.42
C LYS B 44 9.57 -5.53 -3.87
N LEU B 45 9.28 -5.19 -2.62
CA LEU B 45 9.79 -3.96 -2.03
C LEU B 45 11.18 -4.19 -1.44
N GLY B 46 11.60 -5.45 -1.38
CA GLY B 46 12.92 -5.79 -0.88
C GLY B 46 13.06 -5.49 0.59
N LEU B 47 11.96 -5.50 1.31
CA LEU B 47 11.96 -5.16 2.72
C LEU B 47 12.50 -6.33 3.53
N ASP B 48 13.32 -6.01 4.53
CA ASP B 48 13.89 -7.03 5.41
C ASP B 48 12.81 -7.56 6.37
N SER B 49 12.91 -8.84 6.69
CA SER B 49 11.97 -9.47 7.58
C SER B 49 12.55 -9.58 8.98
N SER A 12 9.05 -8.85 -14.93
CA SER A 12 8.56 -7.60 -14.37
C SER A 12 7.03 -7.56 -14.48
N ASP A 13 6.44 -6.44 -14.13
CA ASP A 13 5.00 -6.32 -14.14
C ASP A 13 4.50 -5.79 -15.49
N ALA A 14 4.90 -4.57 -15.84
CA ALA A 14 4.33 -3.85 -16.98
C ALA A 14 2.81 -3.87 -16.91
N VAL A 15 2.29 -3.68 -15.69
CA VAL A 15 0.86 -3.67 -15.42
C VAL A 15 0.20 -5.00 -15.79
N GLU A 16 0.21 -5.92 -14.84
CA GLU A 16 -0.41 -7.23 -15.05
C GLU A 16 -1.91 -7.18 -14.71
N PRO A 17 -2.61 -8.32 -14.53
CA PRO A 17 -4.02 -8.30 -14.11
C PRO A 17 -4.19 -7.92 -12.65
N SER A 18 -3.20 -8.26 -11.84
CA SER A 18 -3.25 -8.06 -10.39
C SER A 18 -3.38 -6.61 -10.01
N VAL A 19 -2.96 -5.74 -10.91
CA VAL A 19 -2.85 -4.31 -10.62
C VAL A 19 -4.18 -3.71 -10.21
N GLU A 20 -5.27 -4.17 -10.79
CA GLU A 20 -6.55 -3.61 -10.46
C GLU A 20 -6.91 -3.89 -9.02
N LYS A 21 -6.77 -5.16 -8.62
CA LYS A 21 -6.92 -5.53 -7.22
C LYS A 21 -5.96 -4.77 -6.34
N GLU A 22 -4.72 -4.71 -6.77
CA GLU A 22 -3.68 -4.06 -5.99
C GLU A 22 -4.02 -2.59 -5.79
N TYR A 23 -4.51 -1.91 -6.80
CA TYR A 23 -4.93 -0.54 -6.61
C TYR A 23 -6.18 -0.43 -5.74
N LYS A 24 -7.19 -1.22 -6.06
CA LYS A 24 -8.49 -0.99 -5.42
C LYS A 24 -8.43 -1.24 -3.92
N LYS A 25 -7.90 -2.39 -3.52
CA LYS A 25 -7.70 -2.65 -2.09
C LYS A 25 -6.70 -1.69 -1.41
N ILE A 26 -5.55 -1.47 -2.03
CA ILE A 26 -4.50 -0.65 -1.41
C ILE A 26 -4.90 0.83 -1.33
N ILE A 27 -5.42 1.36 -2.42
CA ILE A 27 -5.83 2.76 -2.47
C ILE A 27 -7.01 3.02 -1.52
N SER A 28 -8.01 2.14 -1.55
CA SER A 28 -9.18 2.29 -0.67
C SER A 28 -8.76 2.21 0.79
N PHE A 29 -7.77 1.36 1.06
CA PHE A 29 -7.18 1.25 2.38
C PHE A 29 -6.58 2.59 2.76
N ARG A 30 -5.83 3.18 1.82
CA ARG A 30 -5.21 4.48 2.03
C ARG A 30 -6.27 5.56 2.22
N ASP A 31 -7.32 5.51 1.41
CA ASP A 31 -8.38 6.52 1.48
C ASP A 31 -8.91 6.71 2.89
N THR A 32 -9.25 5.63 3.59
CA THR A 32 -9.62 5.75 4.99
C THR A 32 -8.44 6.22 5.86
N VAL A 33 -7.25 5.73 5.57
CA VAL A 33 -6.06 6.07 6.35
C VAL A 33 -5.74 7.57 6.32
N PHE A 34 -5.92 8.18 5.16
CA PHE A 34 -5.43 9.54 4.93
C PHE A 34 -6.01 10.56 5.90
N GLU A 35 -7.30 10.46 6.17
CA GLU A 35 -7.96 11.45 7.01
C GLU A 35 -7.72 11.12 8.48
N GLY A 36 -7.28 9.89 8.73
CA GLY A 36 -7.03 9.47 10.09
C GLY A 36 -8.24 8.77 10.66
N LYS A 37 -8.96 8.08 9.79
CA LYS A 37 -10.21 7.44 10.16
C LYS A 37 -10.11 5.92 10.10
N HIS A 38 -8.93 5.41 9.74
CA HIS A 38 -8.76 3.98 9.54
C HIS A 38 -8.90 3.21 10.84
N GLN A 39 -9.81 2.24 10.84
CA GLN A 39 -10.20 1.50 12.05
C GLN A 39 -9.00 1.13 12.92
N GLN A 40 -7.98 0.54 12.33
CA GLN A 40 -6.83 0.05 13.10
C GLN A 40 -5.77 1.14 13.28
N PHE A 41 -5.75 2.11 12.36
CA PHE A 41 -4.63 3.03 12.26
C PHE A 41 -5.10 4.48 12.12
N LEU A 42 -4.82 5.29 13.12
CA LEU A 42 -5.13 6.72 13.03
C LEU A 42 -3.86 7.50 12.76
N VAL A 43 -3.78 8.12 11.59
CA VAL A 43 -2.59 8.86 11.21
C VAL A 43 -2.86 10.36 11.18
N PRO A 44 -1.88 11.17 11.58
CA PRO A 44 -1.97 12.62 11.51
C PRO A 44 -1.38 13.18 10.21
N ASN A 45 -1.27 14.50 10.12
CA ASN A 45 -0.84 15.15 8.89
C ASN A 45 0.57 14.71 8.46
N ASN A 46 1.49 14.64 9.41
CA ASN A 46 2.88 14.27 9.09
C ASN A 46 2.99 12.89 8.46
N VAL A 47 2.17 11.96 8.92
CA VAL A 47 2.20 10.61 8.38
C VAL A 47 1.61 10.56 6.97
N ARG A 48 0.50 11.27 6.76
CA ARG A 48 -0.09 11.33 5.43
C ARG A 48 0.90 11.99 4.45
N LEU A 49 1.65 12.95 4.96
CA LEU A 49 2.72 13.59 4.18
C LEU A 49 3.74 12.57 3.71
N LYS A 50 4.12 11.63 4.58
CA LYS A 50 5.05 10.57 4.20
C LYS A 50 4.47 9.72 3.09
N PHE A 51 3.18 9.50 3.16
CA PHE A 51 2.45 8.77 2.13
C PHE A 51 2.53 9.47 0.78
N LEU A 52 2.34 10.77 0.81
CA LEU A 52 2.22 11.58 -0.41
C LEU A 52 3.57 11.76 -1.10
N ARG A 53 4.64 11.70 -0.33
CA ARG A 53 5.99 11.95 -0.84
C ARG A 53 6.42 10.95 -1.92
N ASP A 54 5.81 9.78 -1.97
CA ASP A 54 6.24 8.78 -2.95
C ASP A 54 5.22 8.58 -4.06
N ARG A 55 4.27 7.68 -3.87
CA ARG A 55 3.36 7.28 -4.94
C ARG A 55 2.52 8.46 -5.44
N GLY B 1 16.61 5.86 -9.73
CA GLY B 1 15.38 5.36 -9.07
C GLY B 1 14.46 4.68 -10.05
N ALA B 2 13.36 5.34 -10.40
CA ALA B 2 12.41 4.79 -11.35
C ALA B 2 11.68 5.91 -12.09
N MET B 3 12.18 6.28 -13.25
CA MET B 3 11.52 7.29 -14.07
C MET B 3 10.40 6.64 -14.87
N GLY B 4 9.17 7.01 -14.56
CA GLY B 4 8.02 6.40 -15.20
C GLY B 4 7.65 5.09 -14.53
N THR B 5 6.94 5.18 -13.41
CA THR B 5 6.58 4.00 -12.67
C THR B 5 5.31 3.38 -13.23
N THR B 6 5.37 2.07 -13.49
CA THR B 6 4.22 1.35 -13.98
C THR B 6 3.15 1.19 -12.89
N ASN B 7 1.92 0.95 -13.30
CA ASN B 7 0.79 0.97 -12.36
C ASN B 7 0.95 -0.05 -11.24
N GLN B 8 1.32 -1.27 -11.61
CA GLN B 8 1.60 -2.32 -10.63
C GLN B 8 2.65 -1.86 -9.62
N LYS B 9 3.66 -1.16 -10.12
CA LYS B 9 4.74 -0.72 -9.27
C LYS B 9 4.26 0.41 -8.36
N GLU B 10 3.28 1.15 -8.85
CA GLU B 10 2.71 2.24 -8.07
C GLU B 10 1.89 1.67 -6.92
N ALA B 11 1.19 0.55 -7.17
CA ALA B 11 0.49 -0.15 -6.11
C ALA B 11 1.49 -0.63 -5.05
N GLU B 12 2.69 -1.05 -5.51
CA GLU B 12 3.78 -1.42 -4.60
C GLU B 12 4.17 -0.24 -3.71
N LYS B 13 4.30 0.93 -4.34
CA LYS B 13 4.80 2.11 -3.66
C LYS B 13 3.82 2.56 -2.61
N ALA B 14 2.54 2.43 -2.92
CA ALA B 14 1.49 2.77 -1.98
C ALA B 14 1.62 1.95 -0.71
N VAL B 15 1.88 0.66 -0.90
CA VAL B 15 2.18 -0.25 0.21
C VAL B 15 3.40 0.20 1.02
N SER B 16 4.40 0.76 0.35
CA SER B 16 5.66 1.05 1.01
C SER B 16 5.45 2.12 2.11
N GLN B 17 4.77 3.20 1.73
CA GLN B 17 4.39 4.22 2.72
C GLN B 17 3.44 3.64 3.77
N LEU B 18 2.55 2.73 3.35
CA LEU B 18 1.62 2.08 4.27
C LEU B 18 2.35 1.33 5.38
N PHE B 19 3.54 0.82 5.07
CA PHE B 19 4.32 0.05 6.03
C PHE B 19 4.54 0.82 7.34
N GLU B 20 4.67 2.15 7.26
CA GLU B 20 4.98 2.95 8.44
C GLU B 20 3.86 2.91 9.48
N VAL B 21 2.65 2.54 9.05
CA VAL B 21 1.50 2.54 9.95
C VAL B 21 1.24 1.16 10.53
N GLY B 22 2.19 0.24 10.32
CA GLY B 22 2.07 -1.07 10.92
C GLY B 22 1.35 -2.08 10.04
N VAL B 23 1.27 -1.80 8.75
CA VAL B 23 0.65 -2.75 7.81
C VAL B 23 1.41 -4.06 7.77
N ARG B 24 0.65 -5.15 7.95
CA ARG B 24 1.20 -6.49 7.92
C ARG B 24 0.28 -7.27 7.01
N PHE B 25 0.62 -8.47 6.58
CA PHE B 25 -0.36 -9.30 5.88
C PHE B 25 -1.59 -9.52 6.77
N ASN B 26 -1.29 -9.88 8.01
CA ASN B 26 -2.33 -10.07 9.03
C ASN B 26 -3.22 -8.83 9.18
N ASP B 27 -2.63 -7.63 9.18
CA ASP B 27 -3.42 -6.40 9.29
C ASP B 27 -4.27 -6.13 8.06
N PHE B 28 -3.78 -6.50 6.88
CA PHE B 28 -4.59 -6.37 5.67
C PHE B 28 -5.80 -7.29 5.75
N ILE B 29 -5.58 -8.50 6.28
CA ILE B 29 -6.68 -9.46 6.52
C ILE B 29 -7.76 -8.86 7.43
N ALA B 30 -7.31 -8.01 8.32
CA ALA B 30 -8.23 -7.28 9.20
C ALA B 30 -9.16 -6.39 8.36
N GLU B 31 -8.66 -5.97 7.20
CA GLU B 31 -9.45 -5.20 6.23
C GLU B 31 -10.07 -6.10 5.14
N GLY B 32 -10.04 -7.41 5.34
CA GLY B 32 -10.56 -8.34 4.32
C GLY B 32 -9.56 -8.59 3.20
N ILE B 33 -8.39 -7.99 3.36
CA ILE B 33 -7.38 -7.98 2.32
C ILE B 33 -6.44 -9.18 2.44
N GLU B 34 -6.15 -9.77 1.29
CA GLU B 34 -5.33 -10.98 1.20
C GLU B 34 -3.92 -10.76 1.75
N PRO B 35 -3.43 -11.74 2.51
CA PRO B 35 -2.05 -11.74 3.03
C PRO B 35 -1.02 -11.81 1.91
N SER B 36 -1.45 -12.39 0.80
CA SER B 36 -0.59 -12.60 -0.36
C SER B 36 -0.14 -11.24 -0.89
N VAL B 37 -1.07 -10.31 -0.94
CA VAL B 37 -0.80 -8.96 -1.41
C VAL B 37 0.27 -8.27 -0.56
N VAL B 38 0.20 -8.38 0.77
CA VAL B 38 1.21 -7.75 1.59
C VAL B 38 2.54 -8.47 1.41
N HIS B 39 2.48 -9.80 1.49
CA HIS B 39 3.68 -10.63 1.48
C HIS B 39 4.44 -10.47 0.17
N THR B 40 3.75 -10.58 -0.96
CA THR B 40 4.40 -10.52 -2.25
C THR B 40 4.94 -9.12 -2.55
N LEU B 41 4.09 -8.11 -2.38
CA LEU B 41 4.52 -6.74 -2.57
C LEU B 41 5.69 -6.36 -1.66
N PHE B 42 5.68 -6.87 -0.44
CA PHE B 42 6.79 -6.66 0.51
C PHE B 42 8.06 -7.31 -0.04
N LEU B 43 7.86 -8.54 -0.48
CA LEU B 43 8.91 -9.32 -1.16
C LEU B 43 9.47 -8.52 -2.36
N LYS B 44 8.58 -7.92 -3.13
CA LYS B 44 8.97 -7.09 -4.27
C LYS B 44 9.59 -5.76 -3.82
N LEU B 45 9.28 -5.35 -2.60
CA LEU B 45 9.72 -4.07 -2.07
C LEU B 45 11.13 -4.16 -1.49
N GLY B 46 11.63 -5.39 -1.37
CA GLY B 46 12.97 -5.61 -0.87
C GLY B 46 13.10 -5.26 0.60
N LEU B 47 11.98 -5.31 1.31
CA LEU B 47 11.96 -4.95 2.72
C LEU B 47 12.35 -6.15 3.58
N ASP B 48 12.93 -5.85 4.74
CA ASP B 48 13.44 -6.88 5.65
C ASP B 48 12.31 -7.62 6.36
N SER B 49 12.34 -8.94 6.29
CA SER B 49 11.39 -9.78 7.00
C SER B 49 12.10 -10.98 7.63
N SER A 12 8.37 -6.83 -18.49
CA SER A 12 7.17 -7.55 -18.16
C SER A 12 6.42 -6.84 -17.04
N ASP A 13 5.39 -7.51 -16.50
CA ASP A 13 4.56 -6.98 -15.41
C ASP A 13 4.17 -5.51 -15.63
N ALA A 14 4.00 -5.15 -16.89
CA ALA A 14 3.63 -3.79 -17.27
C ALA A 14 2.14 -3.58 -17.05
N VAL A 15 1.75 -3.56 -15.77
CA VAL A 15 0.37 -3.40 -15.37
C VAL A 15 -0.44 -4.62 -15.79
N GLU A 16 -0.37 -5.66 -14.99
CA GLU A 16 -1.04 -6.91 -15.33
C GLU A 16 -2.52 -6.86 -14.92
N PRO A 17 -3.26 -8.00 -14.84
CA PRO A 17 -4.65 -7.97 -14.38
C PRO A 17 -4.77 -7.72 -12.88
N SER A 18 -3.80 -8.23 -12.13
CA SER A 18 -3.83 -8.18 -10.68
C SER A 18 -3.79 -6.75 -10.16
N VAL A 19 -3.19 -5.87 -10.96
CA VAL A 19 -2.91 -4.52 -10.52
C VAL A 19 -4.19 -3.76 -10.21
N GLU A 20 -5.27 -4.04 -10.93
CA GLU A 20 -6.52 -3.36 -10.67
C GLU A 20 -7.01 -3.65 -9.26
N LYS A 21 -7.06 -4.92 -8.87
CA LYS A 21 -7.43 -5.25 -7.51
C LYS A 21 -6.41 -4.76 -6.51
N GLU A 22 -5.14 -4.80 -6.89
CA GLU A 22 -4.10 -4.29 -6.02
C GLU A 22 -4.37 -2.82 -5.75
N TYR A 23 -4.88 -2.11 -6.75
CA TYR A 23 -5.28 -0.74 -6.55
C TYR A 23 -6.50 -0.63 -5.65
N LYS A 24 -7.52 -1.42 -5.94
CA LYS A 24 -8.81 -1.22 -5.29
C LYS A 24 -8.71 -1.39 -3.78
N LYS A 25 -8.10 -2.48 -3.32
CA LYS A 25 -7.85 -2.64 -1.88
C LYS A 25 -6.82 -1.67 -1.31
N ILE A 26 -5.68 -1.51 -1.96
CA ILE A 26 -4.60 -0.70 -1.40
C ILE A 26 -4.99 0.78 -1.36
N ILE A 27 -5.59 1.25 -2.44
CA ILE A 27 -6.07 2.63 -2.51
C ILE A 27 -7.18 2.89 -1.50
N SER A 28 -8.16 2.00 -1.46
CA SER A 28 -9.28 2.16 -0.50
C SER A 28 -8.75 2.14 0.93
N PHE A 29 -7.80 1.26 1.18
CA PHE A 29 -7.16 1.16 2.49
C PHE A 29 -6.36 2.43 2.79
N ARG A 30 -5.53 2.85 1.84
CA ARG A 30 -4.66 4.01 2.03
C ARG A 30 -5.48 5.30 2.14
N ASP A 31 -6.44 5.48 1.25
CA ASP A 31 -7.30 6.66 1.28
C ASP A 31 -7.97 6.88 2.62
N THR A 32 -8.54 5.85 3.24
CA THR A 32 -9.04 6.01 4.60
C THR A 32 -7.92 6.44 5.56
N VAL A 33 -6.73 5.87 5.35
CA VAL A 33 -5.55 6.23 6.13
C VAL A 33 -5.17 7.70 5.89
N PHE A 34 -5.38 8.17 4.66
CA PHE A 34 -4.99 9.53 4.27
C PHE A 34 -5.69 10.56 5.13
N GLU A 35 -6.92 10.28 5.51
CA GLU A 35 -7.71 11.23 6.28
C GLU A 35 -7.50 11.00 7.77
N GLY A 36 -6.96 9.83 8.11
CA GLY A 36 -6.67 9.52 9.49
C GLY A 36 -7.87 8.91 10.16
N LYS A 37 -8.70 8.24 9.37
CA LYS A 37 -9.97 7.72 9.85
C LYS A 37 -10.02 6.20 9.71
N HIS A 38 -8.85 5.59 9.53
CA HIS A 38 -8.77 4.15 9.35
C HIS A 38 -9.13 3.45 10.65
N GLN A 39 -10.11 2.56 10.58
CA GLN A 39 -10.72 1.97 11.77
C GLN A 39 -9.71 1.23 12.64
N GLN A 40 -8.68 0.64 12.03
CA GLN A 40 -7.66 -0.07 12.78
C GLN A 40 -6.40 0.78 12.97
N PHE A 41 -6.25 1.82 12.17
CA PHE A 41 -5.03 2.64 12.20
C PHE A 41 -5.34 4.12 12.24
N LEU A 42 -5.02 4.78 13.34
CA LEU A 42 -5.19 6.22 13.44
C LEU A 42 -3.86 6.92 13.17
N VAL A 43 -3.84 7.77 12.17
CA VAL A 43 -2.61 8.46 11.79
C VAL A 43 -2.78 9.98 11.83
N PRO A 44 -1.73 10.69 12.25
CA PRO A 44 -1.74 12.15 12.35
C PRO A 44 -1.36 12.83 11.03
N ASN A 45 -0.95 14.09 11.11
CA ASN A 45 -0.65 14.88 9.93
C ASN A 45 0.59 14.36 9.19
N ASN A 46 1.71 14.29 9.88
CA ASN A 46 2.98 13.94 9.26
C ASN A 46 2.96 12.59 8.58
N VAL A 47 2.26 11.64 9.16
CA VAL A 47 2.21 10.28 8.62
C VAL A 47 1.48 10.25 7.28
N ARG A 48 0.34 10.93 7.21
CA ARG A 48 -0.42 10.99 5.97
C ARG A 48 0.38 11.73 4.89
N LEU A 49 1.11 12.75 5.33
CA LEU A 49 2.02 13.48 4.45
C LEU A 49 3.06 12.54 3.83
N LYS A 50 3.53 11.56 4.60
CA LYS A 50 4.49 10.57 4.09
C LYS A 50 3.86 9.75 2.97
N PHE A 51 2.63 9.36 3.18
CA PHE A 51 1.88 8.58 2.21
C PHE A 51 1.69 9.34 0.90
N LEU A 52 1.33 10.60 1.04
CA LEU A 52 1.01 11.42 -0.12
C LEU A 52 2.28 11.79 -0.89
N ARG A 53 3.39 11.90 -0.17
CA ARG A 53 4.69 12.19 -0.78
C ARG A 53 5.14 11.08 -1.73
N ASP A 54 4.86 9.83 -1.40
CA ASP A 54 5.33 8.71 -2.21
C ASP A 54 4.21 7.75 -2.58
N ARG A 55 3.99 7.60 -3.88
CA ARG A 55 2.99 6.68 -4.41
C ARG A 55 2.95 6.78 -5.94
N GLY B 1 12.34 1.24 -15.73
CA GLY B 1 12.76 2.22 -16.77
C GLY B 1 13.06 3.57 -16.19
N ALA B 2 13.85 4.36 -16.90
CA ALA B 2 14.26 5.68 -16.43
C ALA B 2 13.21 6.72 -16.77
N MET B 3 12.07 6.65 -16.10
CA MET B 3 10.98 7.59 -16.33
C MET B 3 10.10 7.69 -15.09
N GLY B 4 9.53 6.58 -14.69
CA GLY B 4 8.68 6.56 -13.52
C GLY B 4 8.29 5.15 -13.13
N THR B 5 7.49 5.02 -12.07
CA THR B 5 7.04 3.72 -11.63
C THR B 5 5.73 3.34 -12.31
N THR B 6 5.68 2.13 -12.86
CA THR B 6 4.49 1.61 -13.52
C THR B 6 3.36 1.40 -12.52
N ASN B 7 2.15 1.18 -13.00
CA ASN B 7 0.99 1.07 -12.12
C ASN B 7 1.18 -0.05 -11.08
N GLN B 8 1.65 -1.21 -11.56
CA GLN B 8 2.01 -2.31 -10.65
C GLN B 8 3.01 -1.85 -9.59
N LYS B 9 3.98 -1.03 -9.99
CA LYS B 9 4.98 -0.50 -9.07
C LYS B 9 4.34 0.54 -8.15
N GLU B 10 3.33 1.21 -8.68
CA GLU B 10 2.66 2.29 -7.99
C GLU B 10 1.80 1.75 -6.84
N ALA B 11 1.06 0.67 -7.08
CA ALA B 11 0.31 0.03 -6.01
C ALA B 11 1.28 -0.47 -4.93
N GLU B 12 2.44 -0.97 -5.37
CA GLU B 12 3.53 -1.37 -4.46
C GLU B 12 4.02 -0.16 -3.64
N LYS B 13 4.09 1.00 -4.29
CA LYS B 13 4.61 2.21 -3.67
C LYS B 13 3.74 2.61 -2.47
N ALA B 14 2.44 2.53 -2.66
CA ALA B 14 1.49 2.87 -1.61
C ALA B 14 1.67 1.95 -0.41
N VAL B 15 1.86 0.67 -0.69
CA VAL B 15 2.15 -0.32 0.34
C VAL B 15 3.41 0.03 1.13
N SER B 16 4.38 0.61 0.45
CA SER B 16 5.65 0.93 1.08
C SER B 16 5.44 2.02 2.14
N GLN B 17 4.71 3.07 1.75
CA GLN B 17 4.29 4.10 2.70
C GLN B 17 3.38 3.52 3.79
N LEU B 18 2.52 2.58 3.40
CA LEU B 18 1.63 1.90 4.34
C LEU B 18 2.43 1.16 5.42
N PHE B 19 3.62 0.71 5.06
CA PHE B 19 4.48 -0.01 5.98
C PHE B 19 4.74 0.79 7.27
N GLU B 20 4.81 2.11 7.17
CA GLU B 20 5.19 2.93 8.32
C GLU B 20 4.12 2.91 9.43
N VAL B 21 2.90 2.49 9.07
CA VAL B 21 1.82 2.45 10.06
C VAL B 21 1.66 1.05 10.66
N GLY B 22 2.63 0.17 10.40
CA GLY B 22 2.63 -1.14 11.02
C GLY B 22 1.83 -2.17 10.25
N VAL B 23 1.60 -1.92 8.97
CA VAL B 23 0.84 -2.85 8.13
C VAL B 23 1.51 -4.21 8.06
N ARG B 24 0.66 -5.23 8.15
CA ARG B 24 1.10 -6.61 8.14
C ARG B 24 0.20 -7.31 7.13
N PHE B 25 0.55 -8.50 6.66
CA PHE B 25 -0.45 -9.28 5.92
C PHE B 25 -1.66 -9.53 6.84
N ASN B 26 -1.33 -9.90 8.06
CA ASN B 26 -2.32 -10.10 9.11
C ASN B 26 -3.21 -8.85 9.29
N ASP B 27 -2.61 -7.66 9.28
CA ASP B 27 -3.39 -6.42 9.39
C ASP B 27 -4.24 -6.14 8.15
N PHE B 28 -3.75 -6.51 6.97
CA PHE B 28 -4.56 -6.38 5.76
C PHE B 28 -5.77 -7.31 5.84
N ILE B 29 -5.55 -8.53 6.31
CA ILE B 29 -6.64 -9.48 6.55
C ILE B 29 -7.65 -8.90 7.54
N ALA B 30 -7.15 -8.10 8.46
CA ALA B 30 -7.99 -7.42 9.44
C ALA B 30 -8.96 -6.47 8.73
N GLU B 31 -8.54 -5.94 7.59
CA GLU B 31 -9.45 -5.13 6.76
C GLU B 31 -10.19 -5.96 5.69
N GLY B 32 -9.77 -7.21 5.48
CA GLY B 32 -10.46 -8.07 4.52
C GLY B 32 -9.63 -8.26 3.28
N ILE B 33 -8.39 -7.86 3.43
CA ILE B 33 -7.39 -7.91 2.37
C ILE B 33 -6.55 -9.18 2.45
N GLU B 34 -6.32 -9.79 1.29
CA GLU B 34 -5.50 -10.99 1.16
C GLU B 34 -4.06 -10.76 1.62
N PRO B 35 -3.50 -11.75 2.35
CA PRO B 35 -2.10 -11.75 2.81
C PRO B 35 -1.11 -11.72 1.65
N SER B 36 -1.55 -12.23 0.51
CA SER B 36 -0.70 -12.32 -0.68
C SER B 36 -0.23 -10.93 -1.07
N VAL B 37 -1.15 -9.99 -0.97
CA VAL B 37 -0.89 -8.60 -1.30
C VAL B 37 0.22 -8.00 -0.44
N VAL B 38 0.16 -8.18 0.88
CA VAL B 38 1.21 -7.61 1.72
C VAL B 38 2.51 -8.35 1.49
N HIS B 39 2.43 -9.67 1.54
CA HIS B 39 3.62 -10.51 1.53
C HIS B 39 4.37 -10.36 0.21
N THR B 40 3.66 -10.46 -0.91
CA THR B 40 4.30 -10.43 -2.21
C THR B 40 4.84 -9.04 -2.55
N LEU B 41 3.99 -8.02 -2.39
CA LEU B 41 4.41 -6.65 -2.65
C LEU B 41 5.59 -6.25 -1.78
N PHE B 42 5.61 -6.72 -0.54
CA PHE B 42 6.71 -6.45 0.38
C PHE B 42 8.01 -7.08 -0.14
N LEU B 43 7.85 -8.34 -0.53
CA LEU B 43 8.95 -9.08 -1.16
C LEU B 43 9.50 -8.30 -2.36
N LYS B 44 8.62 -7.76 -3.18
CA LYS B 44 9.01 -6.95 -4.33
C LYS B 44 9.54 -5.58 -3.91
N LEU B 45 9.16 -5.15 -2.71
CA LEU B 45 9.55 -3.84 -2.19
C LEU B 45 10.97 -3.89 -1.63
N GLY B 46 11.52 -5.09 -1.55
CA GLY B 46 12.89 -5.25 -1.09
C GLY B 46 13.06 -4.91 0.38
N LEU B 47 12.01 -5.09 1.15
CA LEU B 47 12.05 -4.75 2.56
C LEU B 47 12.30 -5.99 3.40
N ASP B 48 12.96 -5.79 4.55
CA ASP B 48 13.25 -6.88 5.47
C ASP B 48 11.98 -7.35 6.15
N SER B 49 11.69 -8.64 6.04
CA SER B 49 10.47 -9.21 6.59
C SER B 49 10.64 -9.50 8.07
N SER A 12 2.04 -10.61 -11.70
CA SER A 12 2.25 -9.33 -11.07
C SER A 12 3.63 -8.80 -11.42
N ASP A 13 3.73 -8.17 -12.59
CA ASP A 13 5.01 -7.67 -13.07
C ASP A 13 4.83 -6.34 -13.82
N ALA A 14 4.27 -6.41 -15.04
CA ALA A 14 4.14 -5.22 -15.86
C ALA A 14 2.68 -4.88 -16.13
N VAL A 15 2.02 -4.35 -15.10
CA VAL A 15 0.62 -3.94 -15.19
C VAL A 15 -0.26 -5.11 -15.64
N GLU A 16 -0.35 -6.12 -14.78
CA GLU A 16 -1.14 -7.30 -15.11
C GLU A 16 -2.63 -7.05 -14.79
N PRO A 17 -3.48 -8.10 -14.72
CA PRO A 17 -4.84 -7.92 -14.24
C PRO A 17 -4.91 -7.72 -12.73
N SER A 18 -4.00 -8.40 -12.03
CA SER A 18 -3.97 -8.38 -10.57
C SER A 18 -3.72 -6.98 -10.04
N VAL A 19 -3.04 -6.18 -10.85
CA VAL A 19 -2.64 -4.84 -10.45
C VAL A 19 -3.86 -3.98 -10.17
N GLU A 20 -4.92 -4.19 -10.94
CA GLU A 20 -6.15 -3.45 -10.73
C GLU A 20 -6.73 -3.76 -9.36
N LYS A 21 -6.83 -5.05 -9.04
CA LYS A 21 -7.22 -5.50 -7.71
C LYS A 21 -6.28 -4.98 -6.63
N GLU A 22 -4.99 -5.03 -6.90
CA GLU A 22 -4.01 -4.54 -5.95
C GLU A 22 -4.26 -3.07 -5.70
N TYR A 23 -4.67 -2.33 -6.73
CA TYR A 23 -4.99 -0.93 -6.54
C TYR A 23 -6.20 -0.73 -5.67
N LYS A 24 -7.26 -1.47 -5.95
CA LYS A 24 -8.51 -1.22 -5.25
C LYS A 24 -8.36 -1.49 -3.76
N LYS A 25 -7.78 -2.62 -3.41
CA LYS A 25 -7.46 -2.92 -2.00
C LYS A 25 -6.54 -1.87 -1.36
N ILE A 26 -5.44 -1.57 -2.04
CA ILE A 26 -4.41 -0.71 -1.47
C ILE A 26 -4.87 0.74 -1.37
N ILE A 27 -5.41 1.26 -2.47
CA ILE A 27 -5.86 2.64 -2.55
C ILE A 27 -7.00 2.91 -1.57
N SER A 28 -7.97 2.01 -1.53
CA SER A 28 -9.12 2.18 -0.64
C SER A 28 -8.68 2.21 0.82
N PHE A 29 -7.76 1.32 1.15
CA PHE A 29 -7.21 1.24 2.50
C PHE A 29 -6.51 2.55 2.88
N ARG A 30 -5.64 3.03 2.00
CA ARG A 30 -4.93 4.28 2.23
C ARG A 30 -5.87 5.48 2.20
N ASP A 31 -6.87 5.46 1.31
CA ASP A 31 -7.85 6.55 1.25
C ASP A 31 -8.43 6.86 2.62
N THR A 32 -8.87 5.86 3.37
CA THR A 32 -9.29 6.10 4.74
C THR A 32 -8.13 6.59 5.62
N VAL A 33 -6.95 6.02 5.39
CA VAL A 33 -5.74 6.37 6.14
C VAL A 33 -5.39 7.85 5.98
N PHE A 34 -5.60 8.40 4.78
CA PHE A 34 -5.18 9.78 4.47
C PHE A 34 -5.79 10.77 5.42
N GLU A 35 -7.03 10.53 5.80
CA GLU A 35 -7.78 11.50 6.57
C GLU A 35 -7.59 11.28 8.06
N GLY A 36 -7.07 10.11 8.42
CA GLY A 36 -6.79 9.82 9.80
C GLY A 36 -7.98 9.20 10.50
N LYS A 37 -8.76 8.45 9.74
CA LYS A 37 -9.98 7.85 10.26
C LYS A 37 -9.97 6.34 10.04
N HIS A 38 -8.80 5.79 9.73
CA HIS A 38 -8.67 4.36 9.46
C HIS A 38 -9.00 3.54 10.70
N GLN A 39 -9.98 2.65 10.53
CA GLN A 39 -10.56 1.87 11.62
C GLN A 39 -9.50 1.12 12.44
N GLN A 40 -8.49 0.58 11.80
CA GLN A 40 -7.49 -0.21 12.51
C GLN A 40 -6.29 0.64 12.92
N PHE A 41 -6.09 1.77 12.22
CA PHE A 41 -4.90 2.58 12.42
C PHE A 41 -5.24 4.06 12.51
N LEU A 42 -4.99 4.66 13.66
CA LEU A 42 -5.21 6.10 13.83
C LEU A 42 -3.92 6.86 13.50
N VAL A 43 -3.97 7.63 12.43
CA VAL A 43 -2.79 8.35 11.95
C VAL A 43 -2.97 9.87 12.05
N PRO A 44 -1.90 10.58 12.39
CA PRO A 44 -1.89 12.03 12.47
C PRO A 44 -1.45 12.68 11.15
N ASN A 45 -1.25 14.00 11.18
CA ASN A 45 -0.98 14.77 9.97
C ASN A 45 0.30 14.32 9.27
N ASN A 46 1.40 14.25 10.01
CA ASN A 46 2.71 13.94 9.40
C ASN A 46 2.73 12.58 8.74
N VAL A 47 1.99 11.62 9.28
CA VAL A 47 1.95 10.30 8.70
C VAL A 47 1.24 10.33 7.34
N ARG A 48 0.12 11.04 7.28
CA ARG A 48 -0.60 11.19 6.01
C ARG A 48 0.30 11.88 4.98
N LEU A 49 1.11 12.80 5.47
CA LEU A 49 2.06 13.52 4.62
C LEU A 49 3.00 12.57 3.90
N LYS A 50 3.51 11.54 4.59
CA LYS A 50 4.37 10.55 3.92
C LYS A 50 3.57 9.81 2.85
N PHE A 51 2.32 9.50 3.16
CA PHE A 51 1.44 8.82 2.22
C PHE A 51 1.21 9.64 0.96
N LEU A 52 0.99 10.92 1.13
CA LEU A 52 0.68 11.81 0.01
C LEU A 52 1.92 12.04 -0.85
N ARG A 53 3.08 12.11 -0.19
CA ARG A 53 4.35 12.33 -0.88
C ARG A 53 4.69 11.22 -1.85
N ASP A 54 4.35 9.98 -1.53
CA ASP A 54 4.76 8.85 -2.36
C ASP A 54 3.62 7.88 -2.66
N ARG A 55 3.42 7.64 -3.96
CA ARG A 55 2.50 6.63 -4.46
C ARG A 55 2.49 6.66 -5.99
N GLY B 1 9.39 13.22 -11.80
CA GLY B 1 8.26 12.97 -12.72
C GLY B 1 8.71 12.37 -14.03
N ALA B 2 7.97 12.66 -15.10
CA ALA B 2 8.29 12.15 -16.44
C ALA B 2 8.43 10.63 -16.44
N MET B 3 7.39 9.95 -15.95
CA MET B 3 7.34 8.49 -15.88
C MET B 3 8.30 7.95 -14.84
N GLY B 4 7.75 7.19 -13.89
CA GLY B 4 8.57 6.58 -12.87
C GLY B 4 8.27 5.09 -12.73
N THR B 5 7.40 4.75 -11.81
CA THR B 5 7.05 3.36 -11.56
C THR B 5 5.80 2.96 -12.33
N THR B 6 5.85 1.80 -12.96
CA THR B 6 4.68 1.25 -13.64
C THR B 6 3.62 0.86 -12.63
N ASN B 7 2.39 0.61 -13.10
CA ASN B 7 1.23 0.51 -12.20
C ASN B 7 1.40 -0.56 -11.11
N GLN B 8 1.86 -1.75 -11.50
CA GLN B 8 2.14 -2.79 -10.50
C GLN B 8 3.12 -2.29 -9.45
N LYS B 9 4.12 -1.57 -9.90
CA LYS B 9 5.14 -1.07 -9.02
C LYS B 9 4.61 0.10 -8.20
N GLU B 10 3.65 0.80 -8.79
CA GLU B 10 3.02 1.94 -8.16
C GLU B 10 2.12 1.49 -7.02
N ALA B 11 1.40 0.37 -7.21
CA ALA B 11 0.64 -0.23 -6.12
C ALA B 11 1.59 -0.64 -5.00
N GLU B 12 2.80 -1.09 -5.37
CA GLU B 12 3.87 -1.37 -4.41
C GLU B 12 4.25 -0.11 -3.62
N LYS B 13 4.22 1.04 -4.32
CA LYS B 13 4.63 2.31 -3.74
C LYS B 13 3.72 2.69 -2.58
N ALA B 14 2.43 2.57 -2.81
CA ALA B 14 1.43 2.88 -1.83
C ALA B 14 1.59 2.00 -0.59
N VAL B 15 1.83 0.71 -0.85
CA VAL B 15 2.13 -0.26 0.21
C VAL B 15 3.34 0.17 1.03
N SER B 16 4.33 0.77 0.39
CA SER B 16 5.57 1.12 1.07
C SER B 16 5.27 2.19 2.11
N GLN B 17 4.52 3.20 1.70
CA GLN B 17 4.03 4.23 2.61
C GLN B 17 3.13 3.63 3.69
N LEU B 18 2.32 2.64 3.30
CA LEU B 18 1.43 1.96 4.25
C LEU B 18 2.22 1.26 5.36
N PHE B 19 3.42 0.80 5.04
CA PHE B 19 4.25 0.09 6.00
C PHE B 19 4.46 0.88 7.29
N GLU B 20 4.55 2.21 7.19
CA GLU B 20 4.89 3.02 8.36
C GLU B 20 3.78 3.02 9.42
N VAL B 21 2.57 2.63 9.03
CA VAL B 21 1.45 2.59 9.97
C VAL B 21 1.25 1.19 10.56
N GLY B 22 2.19 0.30 10.31
CA GLY B 22 2.15 -1.01 10.92
C GLY B 22 1.42 -2.04 10.08
N VAL B 23 1.26 -1.75 8.80
CA VAL B 23 0.61 -2.69 7.88
C VAL B 23 1.39 -4.00 7.78
N ARG B 24 0.66 -5.09 7.89
CA ARG B 24 1.23 -6.42 7.81
C ARG B 24 0.33 -7.16 6.84
N PHE B 25 0.70 -8.33 6.34
CA PHE B 25 -0.28 -9.12 5.59
C PHE B 25 -1.43 -9.48 6.54
N ASN B 26 -1.04 -9.93 7.72
CA ASN B 26 -1.99 -10.23 8.80
C ASN B 26 -2.89 -9.03 9.11
N ASP B 27 -2.35 -7.82 9.12
CA ASP B 27 -3.16 -6.61 9.34
C ASP B 27 -4.08 -6.29 8.15
N PHE B 28 -3.62 -6.56 6.93
CA PHE B 28 -4.51 -6.42 5.78
C PHE B 28 -5.67 -7.40 5.91
N ILE B 29 -5.36 -8.62 6.34
CA ILE B 29 -6.38 -9.63 6.64
C ILE B 29 -7.34 -9.13 7.71
N ALA B 30 -6.78 -8.37 8.64
CA ALA B 30 -7.58 -7.80 9.73
C ALA B 30 -8.65 -6.85 9.17
N GLU B 31 -8.36 -6.20 8.05
CA GLU B 31 -9.37 -5.38 7.39
C GLU B 31 -10.14 -6.17 6.31
N GLY B 32 -9.66 -7.36 5.95
CA GLY B 32 -10.37 -8.20 4.98
C GLY B 32 -9.63 -8.24 3.65
N ILE B 33 -8.54 -7.51 3.65
CA ILE B 33 -7.64 -7.45 2.50
C ILE B 33 -6.74 -8.70 2.45
N GLU B 34 -6.57 -9.23 1.25
CA GLU B 34 -5.85 -10.49 1.03
C GLU B 34 -4.35 -10.36 1.37
N PRO B 35 -3.81 -11.41 2.00
CA PRO B 35 -2.40 -11.48 2.46
C PRO B 35 -1.39 -11.40 1.33
N SER B 36 -1.81 -11.83 0.15
CA SER B 36 -0.93 -11.92 -1.00
C SER B 36 -0.40 -10.54 -1.36
N VAL B 37 -1.28 -9.56 -1.22
CA VAL B 37 -0.94 -8.17 -1.53
C VAL B 37 0.22 -7.68 -0.66
N VAL B 38 0.15 -7.87 0.65
CA VAL B 38 1.24 -7.40 1.50
C VAL B 38 2.47 -8.25 1.27
N HIS B 39 2.25 -9.57 1.32
CA HIS B 39 3.35 -10.51 1.34
C HIS B 39 4.17 -10.42 0.06
N THR B 40 3.50 -10.43 -1.09
CA THR B 40 4.21 -10.38 -2.36
C THR B 40 4.85 -9.02 -2.59
N LEU B 41 4.06 -7.96 -2.44
CA LEU B 41 4.56 -6.60 -2.65
C LEU B 41 5.72 -6.26 -1.73
N PHE B 42 5.68 -6.75 -0.49
CA PHE B 42 6.78 -6.53 0.46
C PHE B 42 8.05 -7.23 -0.04
N LEU B 43 7.84 -8.47 -0.44
CA LEU B 43 8.88 -9.27 -1.09
C LEU B 43 9.44 -8.52 -2.31
N LYS B 44 8.56 -7.91 -3.09
CA LYS B 44 8.96 -7.12 -4.26
C LYS B 44 9.63 -5.81 -3.83
N LEU B 45 9.33 -5.38 -2.62
CA LEU B 45 9.85 -4.10 -2.10
C LEU B 45 11.28 -4.28 -1.61
N GLY B 46 11.70 -5.55 -1.57
CA GLY B 46 13.05 -5.87 -1.15
C GLY B 46 13.27 -5.57 0.32
N LEU B 47 12.17 -5.48 1.06
CA LEU B 47 12.24 -5.15 2.47
C LEU B 47 12.54 -6.39 3.29
N ASP B 48 13.33 -6.21 4.33
CA ASP B 48 13.73 -7.31 5.20
C ASP B 48 12.57 -7.75 6.06
N SER B 49 12.25 -9.03 5.99
CA SER B 49 11.14 -9.58 6.75
C SER B 49 11.62 -9.99 8.15
N SER A 12 6.61 -9.17 -16.96
CA SER A 12 6.31 -7.98 -16.20
C SER A 12 5.70 -6.91 -17.09
N ASP A 13 4.39 -6.97 -17.26
CA ASP A 13 3.66 -5.93 -17.98
C ASP A 13 3.48 -4.72 -17.07
N ALA A 14 3.70 -4.97 -15.77
CA ALA A 14 3.66 -3.94 -14.74
C ALA A 14 2.28 -3.34 -14.58
N VAL A 15 1.31 -4.08 -15.08
CA VAL A 15 -0.11 -3.73 -14.99
C VAL A 15 -0.91 -5.00 -15.21
N GLU A 16 -0.64 -6.01 -14.41
CA GLU A 16 -1.14 -7.34 -14.70
C GLU A 16 -2.55 -7.54 -14.08
N PRO A 17 -3.09 -8.78 -13.88
CA PRO A 17 -4.46 -8.93 -13.40
C PRO A 17 -4.61 -8.60 -11.91
N SER A 18 -3.65 -9.05 -11.11
CA SER A 18 -3.71 -8.86 -9.66
C SER A 18 -3.59 -7.40 -9.31
N VAL A 19 -2.95 -6.64 -10.18
CA VAL A 19 -2.66 -5.24 -9.93
C VAL A 19 -3.95 -4.44 -9.75
N GLU A 20 -4.99 -4.82 -10.48
CA GLU A 20 -6.26 -4.14 -10.34
C GLU A 20 -6.80 -4.31 -8.93
N LYS A 21 -6.79 -5.54 -8.43
CA LYS A 21 -7.17 -5.80 -7.05
C LYS A 21 -6.22 -5.14 -6.07
N GLU A 22 -4.94 -5.17 -6.40
CA GLU A 22 -3.93 -4.55 -5.59
C GLU A 22 -4.18 -3.06 -5.50
N TYR A 23 -4.70 -2.45 -6.56
CA TYR A 23 -5.15 -1.07 -6.45
C TYR A 23 -6.36 -0.92 -5.55
N LYS A 24 -7.38 -1.73 -5.78
CA LYS A 24 -8.62 -1.52 -5.06
C LYS A 24 -8.41 -1.76 -3.56
N LYS A 25 -7.79 -2.87 -3.21
CA LYS A 25 -7.46 -3.14 -1.80
C LYS A 25 -6.52 -2.11 -1.18
N ILE A 26 -5.44 -1.79 -1.86
CA ILE A 26 -4.44 -0.87 -1.30
C ILE A 26 -4.96 0.57 -1.24
N ILE A 27 -5.59 1.01 -2.32
CA ILE A 27 -6.14 2.36 -2.39
C ILE A 27 -7.26 2.56 -1.35
N SER A 28 -8.15 1.58 -1.25
CA SER A 28 -9.26 1.67 -0.29
C SER A 28 -8.73 1.77 1.14
N PHE A 29 -7.70 0.96 1.42
CA PHE A 29 -7.05 0.97 2.72
C PHE A 29 -6.33 2.29 2.96
N ARG A 30 -5.52 2.70 1.99
CA ARG A 30 -4.69 3.90 2.12
C ARG A 30 -5.56 5.16 2.20
N ASP A 31 -6.55 5.27 1.30
CA ASP A 31 -7.45 6.42 1.30
C ASP A 31 -8.12 6.65 2.63
N THR A 32 -8.64 5.61 3.30
CA THR A 32 -9.13 5.80 4.65
C THR A 32 -8.02 6.30 5.58
N VAL A 33 -6.81 5.79 5.38
CA VAL A 33 -5.64 6.22 6.15
C VAL A 33 -5.33 7.70 5.90
N PHE A 34 -5.53 8.15 4.66
CA PHE A 34 -5.17 9.50 4.24
C PHE A 34 -5.91 10.56 5.05
N GLU A 35 -7.12 10.24 5.47
CA GLU A 35 -7.92 11.20 6.23
C GLU A 35 -7.64 11.06 7.72
N GLY A 36 -7.01 9.96 8.09
CA GLY A 36 -6.68 9.73 9.50
C GLY A 36 -7.83 9.06 10.22
N LYS A 37 -8.61 8.31 9.47
CA LYS A 37 -9.83 7.71 10.00
C LYS A 37 -9.79 6.19 9.88
N HIS A 38 -8.62 5.63 9.63
CA HIS A 38 -8.49 4.20 9.40
C HIS A 38 -8.82 3.43 10.67
N GLN A 39 -9.74 2.47 10.54
CA GLN A 39 -10.26 1.71 11.68
C GLN A 39 -9.16 1.29 12.66
N GLN A 40 -8.14 0.62 12.15
CA GLN A 40 -7.08 0.09 13.02
C GLN A 40 -6.03 1.15 13.35
N PHE A 41 -5.92 2.15 12.49
CA PHE A 41 -4.78 3.06 12.56
C PHE A 41 -5.23 4.51 12.44
N LEU A 42 -5.08 5.27 13.51
CA LEU A 42 -5.35 6.70 13.46
C LEU A 42 -4.04 7.45 13.25
N VAL A 43 -3.92 8.08 12.10
CA VAL A 43 -2.67 8.74 11.72
C VAL A 43 -2.84 10.26 11.65
N PRO A 44 -1.82 11.01 12.09
CA PRO A 44 -1.85 12.46 12.09
C PRO A 44 -1.30 13.07 10.80
N ASN A 45 -1.15 14.39 10.80
CA ASN A 45 -0.71 15.12 9.61
C ASN A 45 0.62 14.60 9.08
N ASN A 46 1.60 14.43 9.95
CA ASN A 46 2.94 14.03 9.54
C ASN A 46 2.95 12.69 8.80
N VAL A 47 2.14 11.76 9.26
CA VAL A 47 2.12 10.42 8.67
C VAL A 47 1.41 10.41 7.33
N ARG A 48 0.29 11.11 7.23
CA ARG A 48 -0.42 11.22 5.96
C ARG A 48 0.48 11.91 4.93
N LEU A 49 1.25 12.89 5.41
CA LEU A 49 2.27 13.54 4.58
C LEU A 49 3.31 12.54 4.09
N LYS A 50 3.60 11.53 4.92
CA LYS A 50 4.56 10.49 4.54
C LYS A 50 4.05 9.74 3.32
N PHE A 51 2.76 9.48 3.31
CA PHE A 51 2.13 8.79 2.19
C PHE A 51 2.20 9.62 0.92
N LEU A 52 1.81 10.88 1.05
CA LEU A 52 1.60 11.75 -0.09
C LEU A 52 2.93 12.18 -0.72
N ARG A 53 3.98 12.23 0.08
CA ARG A 53 5.31 12.58 -0.39
C ARG A 53 5.88 11.58 -1.40
N ASP A 54 5.37 10.35 -1.39
CA ASP A 54 5.90 9.33 -2.30
C ASP A 54 4.91 9.00 -3.42
N ARG A 55 3.91 8.16 -3.12
CA ARG A 55 2.91 7.76 -4.12
C ARG A 55 2.27 8.97 -4.78
N GLY B 1 -2.80 6.17 -16.29
CA GLY B 1 -1.67 5.58 -17.06
C GLY B 1 -0.50 5.23 -16.16
N ALA B 2 0.60 5.95 -16.32
CA ALA B 2 1.79 5.70 -15.52
C ALA B 2 2.45 7.01 -15.09
N MET B 3 2.98 7.76 -16.06
CA MET B 3 3.66 9.03 -15.79
C MET B 3 4.79 8.83 -14.80
N GLY B 4 5.61 7.81 -15.05
CA GLY B 4 6.69 7.50 -14.15
C GLY B 4 6.56 6.11 -13.58
N THR B 5 5.59 5.92 -12.72
CA THR B 5 5.36 4.63 -12.09
C THR B 5 4.23 3.87 -12.80
N THR B 6 4.50 2.64 -13.17
CA THR B 6 3.49 1.77 -13.72
C THR B 6 2.53 1.27 -12.64
N ASN B 7 1.41 0.70 -13.04
CA ASN B 7 0.33 0.39 -12.09
C ASN B 7 0.81 -0.58 -11.01
N GLN B 8 1.50 -1.62 -11.46
CA GLN B 8 2.12 -2.60 -10.55
C GLN B 8 3.02 -1.91 -9.53
N LYS B 9 3.87 -1.03 -10.03
CA LYS B 9 4.87 -0.39 -9.20
C LYS B 9 4.21 0.65 -8.29
N GLU B 10 3.12 1.21 -8.79
CA GLU B 10 2.41 2.26 -8.07
C GLU B 10 1.70 1.68 -6.84
N ALA B 11 1.02 0.55 -7.02
CA ALA B 11 0.36 -0.11 -5.89
C ALA B 11 1.40 -0.52 -4.85
N GLU B 12 2.57 -0.96 -5.31
CA GLU B 12 3.69 -1.28 -4.42
C GLU B 12 4.09 -0.07 -3.60
N LYS B 13 4.12 1.08 -4.27
CA LYS B 13 4.65 2.30 -3.69
C LYS B 13 3.80 2.69 -2.49
N ALA B 14 2.49 2.65 -2.66
CA ALA B 14 1.57 2.99 -1.58
C ALA B 14 1.75 2.05 -0.40
N VAL B 15 1.96 0.77 -0.70
CA VAL B 15 2.26 -0.23 0.33
C VAL B 15 3.50 0.14 1.15
N SER B 16 4.48 0.75 0.50
CA SER B 16 5.72 1.07 1.17
C SER B 16 5.47 2.13 2.23
N GLN B 17 4.74 3.18 1.84
CA GLN B 17 4.28 4.19 2.81
C GLN B 17 3.37 3.57 3.87
N LEU B 18 2.55 2.61 3.45
CA LEU B 18 1.64 1.93 4.37
C LEU B 18 2.40 1.18 5.46
N PHE B 19 3.59 0.70 5.16
CA PHE B 19 4.38 -0.07 6.11
C PHE B 19 4.62 0.70 7.40
N GLU B 20 4.77 2.02 7.31
CA GLU B 20 5.11 2.83 8.49
C GLU B 20 3.94 2.91 9.48
N VAL B 21 2.72 2.57 9.04
CA VAL B 21 1.57 2.58 9.94
C VAL B 21 1.33 1.21 10.54
N GLY B 22 2.26 0.29 10.33
CA GLY B 22 2.16 -1.02 10.95
C GLY B 22 1.44 -2.05 10.09
N VAL B 23 1.34 -1.79 8.79
CA VAL B 23 0.71 -2.75 7.88
C VAL B 23 1.43 -4.08 7.84
N ARG B 24 0.64 -5.13 7.97
CA ARG B 24 1.13 -6.49 7.94
C ARG B 24 0.17 -7.23 7.00
N PHE B 25 0.51 -8.40 6.49
CA PHE B 25 -0.49 -9.16 5.73
C PHE B 25 -1.70 -9.46 6.63
N ASN B 26 -1.40 -9.91 7.83
CA ASN B 26 -2.43 -10.15 8.85
C ASN B 26 -3.30 -8.91 9.11
N ASP B 27 -2.67 -7.73 9.18
CA ASP B 27 -3.43 -6.50 9.37
C ASP B 27 -4.29 -6.15 8.15
N PHE B 28 -3.83 -6.48 6.95
CA PHE B 28 -4.64 -6.28 5.75
C PHE B 28 -5.87 -7.17 5.79
N ILE B 29 -5.70 -8.42 6.25
CA ILE B 29 -6.80 -9.36 6.43
C ILE B 29 -7.86 -8.80 7.40
N ALA B 30 -7.38 -8.00 8.33
CA ALA B 30 -8.28 -7.32 9.27
C ALA B 30 -9.25 -6.41 8.51
N GLU B 31 -8.81 -5.89 7.38
CA GLU B 31 -9.65 -5.10 6.48
C GLU B 31 -10.26 -5.95 5.34
N GLY B 32 -10.15 -7.28 5.46
CA GLY B 32 -10.65 -8.17 4.40
C GLY B 32 -9.68 -8.31 3.24
N ILE B 33 -8.52 -7.73 3.41
CA ILE B 33 -7.53 -7.65 2.34
C ILE B 33 -6.60 -8.87 2.32
N GLU B 34 -6.35 -9.36 1.11
CA GLU B 34 -5.52 -10.55 0.89
C GLU B 34 -4.11 -10.38 1.46
N PRO B 35 -3.63 -11.41 2.17
CA PRO B 35 -2.26 -11.46 2.70
C PRO B 35 -1.23 -11.50 1.58
N SER B 36 -1.66 -12.03 0.45
CA SER B 36 -0.81 -12.25 -0.71
C SER B 36 -0.29 -10.91 -1.24
N VAL B 37 -1.18 -9.93 -1.25
CA VAL B 37 -0.84 -8.58 -1.68
C VAL B 37 0.26 -7.97 -0.79
N VAL B 38 0.15 -8.13 0.53
CA VAL B 38 1.17 -7.57 1.40
C VAL B 38 2.48 -8.33 1.22
N HIS B 39 2.38 -9.65 1.27
CA HIS B 39 3.55 -10.51 1.26
C HIS B 39 4.35 -10.33 -0.03
N THR B 40 3.68 -10.40 -1.17
CA THR B 40 4.38 -10.36 -2.44
C THR B 40 4.97 -8.98 -2.72
N LEU B 41 4.15 -7.95 -2.57
CA LEU B 41 4.63 -6.58 -2.76
C LEU B 41 5.76 -6.22 -1.81
N PHE B 42 5.70 -6.73 -0.59
CA PHE B 42 6.77 -6.51 0.40
C PHE B 42 8.07 -7.14 -0.12
N LEU B 43 7.91 -8.38 -0.55
CA LEU B 43 8.99 -9.12 -1.23
C LEU B 43 9.53 -8.33 -2.43
N LYS B 44 8.62 -7.76 -3.20
CA LYS B 44 8.98 -6.92 -4.36
C LYS B 44 9.59 -5.59 -3.93
N LEU B 45 9.30 -5.18 -2.70
CA LEU B 45 9.75 -3.88 -2.20
C LEU B 45 11.16 -3.98 -1.63
N GLY B 46 11.68 -5.20 -1.59
CA GLY B 46 13.02 -5.43 -1.08
C GLY B 46 13.11 -5.19 0.40
N LEU B 47 11.97 -5.29 1.07
CA LEU B 47 11.91 -5.11 2.50
C LEU B 47 12.26 -6.41 3.21
N ASP B 48 13.07 -6.31 4.24
CA ASP B 48 13.50 -7.48 5.00
C ASP B 48 12.35 -8.02 5.85
N SER B 49 12.25 -9.33 5.95
CA SER B 49 11.19 -9.96 6.71
C SER B 49 11.77 -10.63 7.96
N SER A 12 10.77 -7.86 -17.13
CA SER A 12 10.49 -7.39 -15.77
C SER A 12 8.99 -7.38 -15.49
N ASP A 13 8.62 -6.86 -14.33
CA ASP A 13 7.21 -6.85 -13.91
C ASP A 13 6.40 -5.87 -14.75
N ALA A 14 6.68 -4.58 -14.60
CA ALA A 14 5.93 -3.51 -15.27
C ALA A 14 4.44 -3.61 -14.95
N VAL A 15 3.62 -2.92 -15.73
CA VAL A 15 2.17 -3.00 -15.58
C VAL A 15 1.68 -4.41 -15.86
N GLU A 16 1.14 -5.08 -14.84
CA GLU A 16 0.72 -6.45 -15.05
C GLU A 16 -0.80 -6.48 -15.25
N PRO A 17 -1.49 -7.65 -15.15
CA PRO A 17 -2.93 -7.67 -15.01
C PRO A 17 -3.37 -7.33 -13.59
N SER A 18 -2.47 -7.61 -12.66
CA SER A 18 -2.68 -7.52 -11.22
C SER A 18 -3.02 -6.11 -10.73
N VAL A 19 -2.72 -5.12 -11.57
CA VAL A 19 -2.56 -3.74 -11.08
C VAL A 19 -3.86 -3.19 -10.50
N GLU A 20 -4.96 -3.36 -11.21
CA GLU A 20 -6.24 -2.82 -10.76
C GLU A 20 -6.74 -3.53 -9.52
N LYS A 21 -6.55 -4.85 -9.47
CA LYS A 21 -6.89 -5.64 -8.29
C LYS A 21 -6.11 -5.14 -7.08
N GLU A 22 -4.82 -4.93 -7.28
CA GLU A 22 -3.98 -4.38 -6.23
C GLU A 22 -4.46 -2.99 -5.86
N TYR A 23 -4.74 -2.17 -6.87
CA TYR A 23 -5.22 -0.82 -6.63
C TYR A 23 -6.47 -0.78 -5.76
N LYS A 24 -7.49 -1.59 -6.05
CA LYS A 24 -8.70 -1.53 -5.25
C LYS A 24 -8.43 -1.83 -3.78
N LYS A 25 -7.61 -2.83 -3.54
CA LYS A 25 -7.20 -3.17 -2.17
C LYS A 25 -6.46 -2.00 -1.51
N ILE A 26 -5.51 -1.47 -2.25
CA ILE A 26 -4.59 -0.45 -1.74
C ILE A 26 -5.29 0.89 -1.56
N ILE A 27 -5.99 1.28 -2.61
CA ILE A 27 -6.67 2.57 -2.68
C ILE A 27 -7.70 2.72 -1.55
N SER A 28 -8.55 1.72 -1.35
CA SER A 28 -9.49 1.77 -0.22
C SER A 28 -8.76 1.87 1.12
N PHE A 29 -7.71 1.07 1.29
CA PHE A 29 -6.94 1.07 2.54
C PHE A 29 -6.29 2.44 2.75
N ARG A 30 -5.64 2.95 1.71
CA ARG A 30 -4.91 4.20 1.79
C ARG A 30 -5.87 5.35 2.09
N ASP A 31 -6.99 5.43 1.36
CA ASP A 31 -7.94 6.52 1.52
C ASP A 31 -8.48 6.64 2.93
N THR A 32 -8.67 5.52 3.60
CA THR A 32 -9.14 5.55 4.98
C THR A 32 -8.06 6.15 5.88
N VAL A 33 -6.81 5.78 5.60
CA VAL A 33 -5.66 6.28 6.35
C VAL A 33 -5.43 7.78 6.01
N PHE A 34 -5.62 8.10 4.74
CA PHE A 34 -5.67 9.51 4.27
C PHE A 34 -6.63 10.37 5.10
N GLU A 35 -7.65 9.77 5.68
CA GLU A 35 -8.57 10.50 6.54
C GLU A 35 -8.08 10.37 7.98
N GLY A 36 -7.24 9.38 8.13
CA GLY A 36 -6.54 9.11 9.37
C GLY A 36 -7.44 8.49 10.41
N LYS A 37 -8.57 7.95 9.96
CA LYS A 37 -9.52 7.35 10.87
C LYS A 37 -9.48 5.84 10.74
N HIS A 38 -8.37 5.35 10.19
CA HIS A 38 -8.18 3.92 9.99
C HIS A 38 -8.27 3.20 11.33
N GLN A 39 -9.23 2.30 11.45
CA GLN A 39 -9.52 1.61 12.70
C GLN A 39 -8.30 0.88 13.26
N GLN A 40 -7.45 0.39 12.37
CA GLN A 40 -6.27 -0.34 12.79
C GLN A 40 -5.07 0.59 12.96
N PHE A 41 -5.09 1.74 12.28
CA PHE A 41 -3.94 2.65 12.28
C PHE A 41 -4.35 4.10 12.47
N LEU A 42 -3.97 4.68 13.59
CA LEU A 42 -4.15 6.11 13.81
C LEU A 42 -2.89 6.84 13.37
N VAL A 43 -3.00 7.65 12.32
CA VAL A 43 -1.81 8.26 11.73
C VAL A 43 -1.65 9.72 12.14
N PRO A 44 -0.41 10.09 12.52
CA PRO A 44 -0.07 11.47 12.88
C PRO A 44 0.37 12.31 11.68
N ASN A 45 0.92 13.49 11.94
CA ASN A 45 1.24 14.45 10.88
C ASN A 45 2.25 13.91 9.87
N ASN A 46 3.34 13.32 10.35
CA ASN A 46 4.41 12.87 9.46
C ASN A 46 3.91 11.80 8.49
N VAL A 47 3.07 10.90 9.00
CA VAL A 47 2.49 9.84 8.18
C VAL A 47 1.47 10.43 7.21
N ARG A 48 0.81 11.48 7.66
CA ARG A 48 -0.16 12.18 6.84
C ARG A 48 0.51 12.72 5.59
N LEU A 49 1.67 13.32 5.79
CA LEU A 49 2.43 13.90 4.71
C LEU A 49 2.99 12.83 3.78
N LYS A 50 3.47 11.73 4.35
CA LYS A 50 4.04 10.64 3.55
C LYS A 50 3.00 10.03 2.62
N PHE A 51 1.78 9.90 3.12
CA PHE A 51 0.70 9.35 2.33
C PHE A 51 0.23 10.29 1.22
N LEU A 52 -0.03 11.53 1.58
CA LEU A 52 -0.62 12.47 0.65
C LEU A 52 0.39 13.00 -0.38
N ARG A 53 1.61 13.30 0.07
CA ARG A 53 2.62 13.91 -0.80
C ARG A 53 3.26 12.89 -1.75
N ASP A 54 3.47 11.67 -1.28
CA ASP A 54 4.14 10.65 -2.09
C ASP A 54 3.12 9.80 -2.82
N ARG A 55 3.55 8.61 -3.27
CA ARG A 55 2.68 7.59 -3.88
C ARG A 55 1.86 8.17 -5.03
N GLY B 1 12.73 6.08 -16.31
CA GLY B 1 13.12 7.49 -16.56
C GLY B 1 11.97 8.31 -17.09
N ALA B 2 11.82 8.35 -18.41
CA ALA B 2 10.77 9.13 -19.04
C ALA B 2 9.44 8.38 -19.00
N MET B 3 8.84 8.34 -17.82
CA MET B 3 7.57 7.64 -17.62
C MET B 3 7.03 7.90 -16.21
N GLY B 4 7.95 7.98 -15.25
CA GLY B 4 7.58 8.17 -13.87
C GLY B 4 7.39 6.85 -13.17
N THR B 5 6.32 6.72 -12.42
CA THR B 5 6.01 5.45 -11.77
C THR B 5 4.94 4.71 -12.56
N THR B 6 5.20 3.44 -12.85
CA THR B 6 4.24 2.63 -13.58
C THR B 6 3.10 2.20 -12.68
N ASN B 7 1.96 1.90 -13.27
CA ASN B 7 0.73 1.65 -12.50
C ASN B 7 0.95 0.57 -11.43
N GLN B 8 1.59 -0.53 -11.83
CA GLN B 8 1.89 -1.62 -10.91
C GLN B 8 2.82 -1.14 -9.80
N LYS B 9 3.88 -0.44 -10.18
CA LYS B 9 4.89 0.02 -9.23
C LYS B 9 4.34 1.13 -8.34
N GLU B 10 3.41 1.91 -8.87
CA GLU B 10 2.80 2.98 -8.10
C GLU B 10 1.93 2.38 -7.00
N ALA B 11 1.31 1.26 -7.32
CA ALA B 11 0.53 0.52 -6.35
C ALA B 11 1.48 -0.06 -5.30
N GLU B 12 2.65 -0.50 -5.74
CA GLU B 12 3.67 -1.02 -4.84
C GLU B 12 4.13 0.05 -3.85
N LYS B 13 4.49 1.24 -4.36
CA LYS B 13 4.87 2.36 -3.50
C LYS B 13 3.74 2.76 -2.56
N ALA B 14 2.52 2.72 -3.06
CA ALA B 14 1.37 3.03 -2.24
C ALA B 14 1.29 2.05 -1.07
N VAL B 15 1.66 0.81 -1.34
CA VAL B 15 1.78 -0.20 -0.31
C VAL B 15 2.92 0.11 0.64
N SER B 16 4.02 0.65 0.12
CA SER B 16 5.20 0.88 0.94
C SER B 16 4.89 1.96 1.97
N GLN B 17 4.22 3.01 1.51
CA GLN B 17 3.77 4.08 2.40
C GLN B 17 2.83 3.51 3.48
N LEU B 18 2.01 2.54 3.12
CA LEU B 18 1.17 1.86 4.10
C LEU B 18 2.03 1.08 5.08
N PHE B 19 3.02 0.39 4.54
CA PHE B 19 4.00 -0.33 5.37
C PHE B 19 4.62 0.57 6.43
N GLU B 20 4.79 1.86 6.16
CA GLU B 20 5.41 2.77 7.11
C GLU B 20 4.56 2.94 8.37
N VAL B 21 3.29 2.52 8.33
CA VAL B 21 2.42 2.72 9.48
C VAL B 21 2.32 1.44 10.28
N GLY B 22 2.86 0.35 9.71
CA GLY B 22 3.01 -0.87 10.47
C GLY B 22 2.06 -1.96 9.99
N VAL B 23 1.61 -1.82 8.75
CA VAL B 23 0.72 -2.80 8.13
C VAL B 23 1.39 -4.17 8.02
N ARG B 24 0.75 -5.16 8.61
CA ARG B 24 1.13 -6.54 8.44
C ARG B 24 0.01 -7.26 7.68
N PHE B 25 0.18 -8.52 7.35
CA PHE B 25 -0.82 -9.22 6.55
C PHE B 25 -2.16 -9.27 7.28
N ASN B 26 -2.12 -9.50 8.59
CA ASN B 26 -3.33 -9.50 9.43
C ASN B 26 -4.11 -8.18 9.31
N ASP B 27 -3.42 -7.06 9.10
CA ASP B 27 -4.10 -5.77 8.99
C ASP B 27 -4.88 -5.71 7.69
N PHE B 28 -4.22 -6.17 6.64
CA PHE B 28 -4.87 -6.32 5.34
C PHE B 28 -6.06 -7.28 5.45
N ILE B 29 -5.86 -8.43 6.09
CA ILE B 29 -6.94 -9.41 6.30
C ILE B 29 -8.14 -8.80 7.03
N ALA B 30 -7.90 -7.88 7.93
CA ALA B 30 -8.99 -7.28 8.71
C ALA B 30 -9.82 -6.39 7.80
N GLU B 31 -9.14 -5.81 6.82
CA GLU B 31 -9.79 -4.96 5.82
C GLU B 31 -10.33 -5.73 4.61
N GLY B 32 -10.37 -7.06 4.67
CA GLY B 32 -10.87 -7.85 3.55
C GLY B 32 -9.80 -8.11 2.50
N ILE B 33 -8.62 -7.56 2.74
CA ILE B 33 -7.51 -7.68 1.81
C ILE B 33 -6.74 -8.97 2.05
N GLU B 34 -6.26 -9.55 0.96
CA GLU B 34 -5.61 -10.86 0.99
C GLU B 34 -4.22 -10.73 1.62
N PRO B 35 -3.89 -11.62 2.57
CA PRO B 35 -2.61 -11.58 3.31
C PRO B 35 -1.40 -11.67 2.38
N SER B 36 -1.56 -12.45 1.32
CA SER B 36 -0.53 -12.63 0.31
C SER B 36 -0.09 -11.29 -0.28
N VAL B 37 -0.98 -10.30 -0.30
CA VAL B 37 -0.64 -9.00 -0.87
C VAL B 37 0.46 -8.31 -0.05
N VAL B 38 0.36 -8.37 1.28
CA VAL B 38 1.40 -7.81 2.13
C VAL B 38 2.71 -8.58 1.95
N HIS B 39 2.62 -9.90 2.00
CA HIS B 39 3.80 -10.76 1.95
C HIS B 39 4.53 -10.65 0.62
N THR B 40 3.77 -10.72 -0.47
CA THR B 40 4.36 -10.74 -1.80
C THR B 40 5.05 -9.41 -2.11
N LEU B 41 4.32 -8.32 -1.88
CA LEU B 41 4.86 -6.99 -2.08
C LEU B 41 6.01 -6.69 -1.13
N PHE B 42 5.92 -7.20 0.10
CA PHE B 42 6.97 -7.01 1.10
C PHE B 42 8.30 -7.50 0.56
N LEU B 43 8.26 -8.64 -0.12
CA LEU B 43 9.46 -9.23 -0.69
C LEU B 43 9.99 -8.37 -1.84
N LYS B 44 9.08 -7.93 -2.70
CA LYS B 44 9.46 -7.17 -3.89
C LYS B 44 9.99 -5.79 -3.52
N LEU B 45 9.43 -5.22 -2.46
CA LEU B 45 9.84 -3.91 -1.98
C LEU B 45 11.17 -3.98 -1.21
N GLY B 46 11.64 -5.20 -0.99
CA GLY B 46 12.93 -5.41 -0.36
C GLY B 46 12.95 -4.94 1.07
N LEU B 47 11.82 -5.10 1.75
CA LEU B 47 11.68 -4.62 3.11
C LEU B 47 12.32 -5.59 4.09
N ASP B 48 13.08 -5.05 5.03
CA ASP B 48 13.76 -5.85 6.04
C ASP B 48 12.75 -6.54 6.95
N SER B 49 13.04 -7.77 7.32
CA SER B 49 12.12 -8.55 8.12
C SER B 49 12.48 -8.44 9.60
N SER A 12 4.64 -5.57 -23.00
CA SER A 12 3.48 -6.40 -23.29
C SER A 12 2.53 -6.35 -22.10
N ASP A 13 2.99 -6.86 -20.97
CA ASP A 13 2.22 -6.84 -19.74
C ASP A 13 2.68 -5.70 -18.84
N ALA A 14 2.32 -5.79 -17.55
CA ALA A 14 2.72 -4.80 -16.55
C ALA A 14 1.92 -3.51 -16.68
N VAL A 15 1.63 -2.90 -15.53
CA VAL A 15 0.85 -1.66 -15.47
C VAL A 15 -0.53 -1.93 -16.03
N GLU A 16 -0.92 -3.17 -15.91
CA GLU A 16 -2.07 -3.72 -16.62
C GLU A 16 -3.39 -3.59 -15.83
N PRO A 17 -4.47 -4.37 -16.14
CA PRO A 17 -5.74 -4.26 -15.39
C PRO A 17 -5.66 -4.83 -13.98
N SER A 18 -4.74 -5.76 -13.75
CA SER A 18 -4.53 -6.31 -12.41
C SER A 18 -4.09 -5.19 -11.48
N VAL A 19 -3.53 -4.16 -12.09
CA VAL A 19 -3.00 -3.03 -11.35
C VAL A 19 -4.15 -2.21 -10.81
N GLU A 20 -5.21 -2.08 -11.61
CA GLU A 20 -6.40 -1.35 -11.20
C GLU A 20 -7.12 -2.08 -10.08
N LYS A 21 -7.23 -3.38 -10.19
CA LYS A 21 -7.88 -4.18 -9.18
C LYS A 21 -7.07 -4.13 -7.88
N GLU A 22 -5.77 -4.24 -8.02
CA GLU A 22 -4.87 -4.10 -6.88
C GLU A 22 -4.94 -2.67 -6.35
N TYR A 23 -5.09 -1.70 -7.23
CA TYR A 23 -5.41 -0.35 -6.80
C TYR A 23 -6.68 -0.31 -5.97
N LYS A 24 -7.75 -1.00 -6.36
CA LYS A 24 -9.01 -0.92 -5.61
C LYS A 24 -8.82 -1.29 -4.14
N LYS A 25 -8.13 -2.40 -3.90
CA LYS A 25 -7.88 -2.84 -2.52
C LYS A 25 -6.89 -1.91 -1.79
N ILE A 26 -5.84 -1.51 -2.49
CA ILE A 26 -4.80 -0.67 -1.88
C ILE A 26 -5.33 0.74 -1.63
N ILE A 27 -5.90 1.30 -2.68
CA ILE A 27 -6.47 2.65 -2.67
C ILE A 27 -7.55 2.82 -1.61
N SER A 28 -8.50 1.90 -1.52
CA SER A 28 -9.52 2.00 -0.48
C SER A 28 -8.89 1.98 0.92
N PHE A 29 -7.89 1.12 1.11
CA PHE A 29 -7.14 1.10 2.35
C PHE A 29 -6.46 2.46 2.55
N ARG A 30 -5.89 2.99 1.47
CA ARG A 30 -5.24 4.29 1.50
C ARG A 30 -6.23 5.35 1.94
N ASP A 31 -7.40 5.38 1.32
CA ASP A 31 -8.40 6.42 1.55
C ASP A 31 -8.81 6.51 3.01
N THR A 32 -8.92 5.38 3.69
CA THR A 32 -9.33 5.41 5.08
C THR A 32 -8.21 6.02 5.94
N VAL A 33 -6.97 5.67 5.62
CA VAL A 33 -5.80 6.19 6.33
C VAL A 33 -5.59 7.68 5.97
N PHE A 34 -5.79 7.98 4.70
CA PHE A 34 -5.84 9.37 4.20
C PHE A 34 -6.78 10.25 5.01
N GLU A 35 -7.81 9.67 5.61
CA GLU A 35 -8.70 10.44 6.49
C GLU A 35 -8.20 10.30 7.92
N GLY A 36 -7.37 9.29 8.07
CA GLY A 36 -6.64 9.03 9.30
C GLY A 36 -7.52 8.44 10.37
N LYS A 37 -8.64 7.87 9.96
CA LYS A 37 -9.58 7.27 10.90
C LYS A 37 -9.54 5.75 10.76
N HIS A 38 -8.45 5.26 10.18
CA HIS A 38 -8.28 3.83 9.99
C HIS A 38 -8.35 3.11 11.33
N GLN A 39 -9.31 2.21 11.45
CA GLN A 39 -9.63 1.58 12.73
C GLN A 39 -8.41 0.87 13.34
N GLN A 40 -7.51 0.40 12.48
CA GLN A 40 -6.31 -0.28 12.95
C GLN A 40 -5.13 0.69 13.08
N PHE A 41 -5.17 1.79 12.33
CA PHE A 41 -4.02 2.71 12.29
C PHE A 41 -4.45 4.17 12.35
N LEU A 42 -4.04 4.89 13.38
CA LEU A 42 -4.22 6.33 13.42
C LEU A 42 -2.91 6.99 13.03
N VAL A 43 -2.94 7.86 12.02
CA VAL A 43 -1.72 8.40 11.44
C VAL A 43 -1.47 9.86 11.83
N PRO A 44 -0.25 10.14 12.35
CA PRO A 44 0.17 11.49 12.74
C PRO A 44 0.84 12.26 11.58
N ASN A 45 1.63 13.27 11.94
CA ASN A 45 2.16 14.23 10.98
C ASN A 45 3.13 13.61 9.97
N ASN A 46 4.15 12.92 10.46
CA ASN A 46 5.19 12.38 9.59
C ASN A 46 4.61 11.37 8.60
N VAL A 47 3.67 10.57 9.08
CA VAL A 47 3.00 9.58 8.25
C VAL A 47 2.11 10.26 7.22
N ARG A 48 1.58 11.40 7.62
CA ARG A 48 0.71 12.19 6.76
C ARG A 48 1.50 12.61 5.52
N LEU A 49 2.68 13.12 5.76
CA LEU A 49 3.55 13.63 4.71
C LEU A 49 4.09 12.48 3.85
N LYS A 50 4.34 11.32 4.46
CA LYS A 50 4.86 10.16 3.72
C LYS A 50 3.86 9.73 2.66
N PHE A 51 2.61 9.68 3.08
CA PHE A 51 1.54 9.28 2.21
C PHE A 51 1.38 10.23 1.03
N LEU A 52 1.35 11.52 1.32
CA LEU A 52 1.03 12.51 0.30
C LEU A 52 2.16 12.74 -0.69
N ARG A 53 3.39 12.76 -0.21
CA ARG A 53 4.52 13.13 -1.08
C ARG A 53 4.90 12.02 -2.05
N ASP A 54 4.79 10.76 -1.64
CA ASP A 54 5.26 9.65 -2.47
C ASP A 54 4.33 9.35 -3.64
N ARG A 55 3.24 8.63 -3.37
CA ARG A 55 2.38 8.15 -4.45
C ARG A 55 1.32 9.19 -4.82
N GLY B 1 12.89 11.05 -7.00
CA GLY B 1 13.00 11.44 -8.41
C GLY B 1 12.83 10.25 -9.33
N ALA B 2 12.29 10.47 -10.52
CA ALA B 2 12.05 9.40 -11.48
C ALA B 2 11.62 9.98 -12.82
N MET B 3 11.69 9.16 -13.85
CA MET B 3 11.24 9.56 -15.18
C MET B 3 9.97 8.80 -15.53
N GLY B 4 8.93 9.03 -14.74
CA GLY B 4 7.68 8.34 -14.95
C GLY B 4 7.61 7.03 -14.20
N THR B 5 6.89 7.03 -13.09
CA THR B 5 6.70 5.82 -12.31
C THR B 5 5.54 5.02 -12.86
N THR B 6 5.76 3.73 -13.08
CA THR B 6 4.73 2.89 -13.66
C THR B 6 3.67 2.54 -12.61
N ASN B 7 2.42 2.59 -13.06
CA ASN B 7 1.26 2.44 -12.17
C ASN B 7 1.27 1.13 -11.40
N GLN B 8 1.72 0.04 -12.00
CA GLN B 8 1.87 -1.21 -11.24
C GLN B 8 2.79 -0.99 -10.04
N LYS B 9 3.92 -0.35 -10.27
CA LYS B 9 4.87 -0.03 -9.22
C LYS B 9 4.31 1.02 -8.26
N GLU B 10 3.48 1.92 -8.78
CA GLU B 10 2.89 2.97 -7.96
C GLU B 10 1.92 2.37 -6.96
N ALA B 11 1.24 1.30 -7.36
CA ALA B 11 0.32 0.60 -6.48
C ALA B 11 1.10 -0.08 -5.36
N GLU B 12 2.21 -0.71 -5.74
CA GLU B 12 3.09 -1.37 -4.79
C GLU B 12 3.71 -0.34 -3.83
N LYS B 13 4.22 0.75 -4.40
CA LYS B 13 4.70 1.89 -3.62
C LYS B 13 3.64 2.45 -2.68
N ALA B 14 2.40 2.50 -3.13
CA ALA B 14 1.29 2.93 -2.28
C ALA B 14 1.18 2.00 -1.08
N VAL B 15 1.49 0.73 -1.33
CA VAL B 15 1.60 -0.26 -0.27
C VAL B 15 2.69 0.11 0.70
N SER B 16 3.80 0.67 0.23
CA SER B 16 4.93 0.92 1.09
C SER B 16 4.59 1.98 2.14
N GLN B 17 3.91 3.07 1.74
CA GLN B 17 3.44 4.05 2.72
C GLN B 17 2.49 3.39 3.72
N LEU B 18 1.65 2.46 3.28
CA LEU B 18 0.77 1.77 4.21
C LEU B 18 1.61 0.89 5.15
N PHE B 19 2.52 0.17 4.57
CA PHE B 19 3.49 -0.61 5.33
C PHE B 19 4.28 0.26 6.32
N GLU B 20 4.52 1.54 5.99
CA GLU B 20 5.29 2.41 6.86
C GLU B 20 4.54 2.66 8.17
N VAL B 21 3.24 2.35 8.20
CA VAL B 21 2.44 2.67 9.37
C VAL B 21 2.31 1.41 10.23
N GLY B 22 2.79 0.30 9.67
CA GLY B 22 2.90 -0.92 10.43
C GLY B 22 1.90 -1.97 9.98
N VAL B 23 1.42 -1.80 8.74
CA VAL B 23 0.52 -2.78 8.12
C VAL B 23 1.21 -4.12 7.96
N ARG B 24 0.61 -5.14 8.55
CA ARG B 24 1.04 -6.51 8.37
C ARG B 24 -0.04 -7.24 7.58
N PHE B 25 0.20 -8.50 7.24
CA PHE B 25 -0.79 -9.25 6.47
C PHE B 25 -2.09 -9.37 7.27
N ASN B 26 -1.95 -9.58 8.57
CA ASN B 26 -3.09 -9.64 9.49
C ASN B 26 -3.95 -8.37 9.43
N ASP B 27 -3.31 -7.22 9.23
CA ASP B 27 -4.04 -5.95 9.19
C ASP B 27 -4.81 -5.86 7.88
N PHE B 28 -4.14 -6.26 6.81
CA PHE B 28 -4.79 -6.37 5.50
C PHE B 28 -5.96 -7.34 5.60
N ILE B 29 -5.74 -8.49 6.21
CA ILE B 29 -6.80 -9.48 6.45
C ILE B 29 -7.97 -8.90 7.23
N ALA B 30 -7.70 -7.98 8.14
CA ALA B 30 -8.76 -7.39 8.94
C ALA B 30 -9.63 -6.47 8.07
N GLU B 31 -8.97 -5.87 7.09
CA GLU B 31 -9.64 -5.00 6.13
C GLU B 31 -10.12 -5.72 4.87
N GLY B 32 -10.13 -7.05 4.86
CA GLY B 32 -10.62 -7.79 3.70
C GLY B 32 -9.57 -8.00 2.62
N ILE B 33 -8.40 -7.45 2.84
CA ILE B 33 -7.30 -7.55 1.90
C ILE B 33 -6.50 -8.84 2.11
N GLU B 34 -6.02 -9.40 1.01
CA GLU B 34 -5.36 -10.70 1.02
C GLU B 34 -3.97 -10.58 1.65
N PRO B 35 -3.62 -11.51 2.56
CA PRO B 35 -2.35 -11.49 3.30
C PRO B 35 -1.15 -11.58 2.38
N SER B 36 -1.34 -12.33 1.29
CA SER B 36 -0.32 -12.50 0.28
C SER B 36 0.19 -11.17 -0.27
N VAL B 37 -0.66 -10.15 -0.26
CA VAL B 37 -0.27 -8.84 -0.77
C VAL B 37 0.84 -8.23 0.08
N VAL B 38 0.69 -8.26 1.42
CA VAL B 38 1.70 -7.71 2.31
C VAL B 38 3.00 -8.52 2.22
N HIS B 39 2.88 -9.84 2.28
CA HIS B 39 4.05 -10.73 2.30
C HIS B 39 4.83 -10.64 0.99
N THR B 40 4.11 -10.68 -0.13
CA THR B 40 4.75 -10.71 -1.44
C THR B 40 5.45 -9.38 -1.72
N LEU B 41 4.73 -8.29 -1.50
CA LEU B 41 5.29 -6.96 -1.65
C LEU B 41 6.41 -6.68 -0.67
N PHE B 42 6.32 -7.21 0.54
CA PHE B 42 7.40 -7.05 1.50
C PHE B 42 8.69 -7.59 0.90
N LEU B 43 8.58 -8.72 0.21
CA LEU B 43 9.73 -9.33 -0.43
C LEU B 43 10.17 -8.53 -1.66
N LYS B 44 9.19 -8.16 -2.50
CA LYS B 44 9.50 -7.53 -3.79
C LYS B 44 10.03 -6.10 -3.60
N LEU B 45 9.45 -5.38 -2.65
CA LEU B 45 9.83 -4.00 -2.39
C LEU B 45 11.12 -3.94 -1.56
N GLY B 46 11.57 -5.09 -1.08
CA GLY B 46 12.80 -5.15 -0.30
C GLY B 46 12.66 -4.45 1.03
N LEU B 47 11.48 -4.56 1.62
CA LEU B 47 11.16 -3.83 2.85
C LEU B 47 11.80 -4.48 4.06
N ASP B 48 12.32 -3.65 4.96
CA ASP B 48 13.02 -4.12 6.14
C ASP B 48 12.04 -4.69 7.18
N SER B 49 12.51 -5.66 7.93
CA SER B 49 11.73 -6.25 9.00
C SER B 49 11.81 -5.36 10.26
N SER A 12 8.54 -9.48 -15.32
CA SER A 12 8.54 -9.46 -13.86
C SER A 12 7.14 -9.34 -13.27
N ASP A 13 6.76 -8.12 -12.90
CA ASP A 13 5.47 -7.87 -12.29
C ASP A 13 4.81 -6.65 -12.94
N ALA A 14 5.37 -6.25 -14.08
CA ALA A 14 5.00 -5.00 -14.74
C ALA A 14 3.55 -4.98 -15.21
N VAL A 15 2.67 -4.48 -14.34
CA VAL A 15 1.27 -4.24 -14.67
C VAL A 15 0.57 -5.54 -15.09
N GLU A 16 0.57 -6.51 -14.20
CA GLU A 16 -0.11 -7.77 -14.47
C GLU A 16 -1.58 -7.70 -14.00
N PRO A 17 -2.32 -8.84 -13.83
CA PRO A 17 -3.72 -8.78 -13.38
C PRO A 17 -3.89 -8.39 -11.92
N SER A 18 -2.92 -8.76 -11.08
CA SER A 18 -3.03 -8.55 -9.63
C SER A 18 -3.12 -7.06 -9.30
N VAL A 19 -2.61 -6.25 -10.20
CA VAL A 19 -2.49 -4.82 -9.98
C VAL A 19 -3.83 -4.16 -9.75
N GLU A 20 -4.87 -4.66 -10.38
CA GLU A 20 -6.19 -4.09 -10.17
C GLU A 20 -6.62 -4.31 -8.72
N LYS A 21 -6.51 -5.55 -8.23
CA LYS A 21 -6.74 -5.85 -6.83
C LYS A 21 -5.81 -5.05 -5.94
N GLU A 22 -4.58 -4.90 -6.38
CA GLU A 22 -3.60 -4.13 -5.64
C GLU A 22 -4.07 -2.70 -5.50
N TYR A 23 -4.56 -2.10 -6.58
CA TYR A 23 -5.02 -0.73 -6.49
C TYR A 23 -6.28 -0.60 -5.66
N LYS A 24 -7.26 -1.44 -5.93
CA LYS A 24 -8.56 -1.23 -5.33
C LYS A 24 -8.52 -1.41 -3.83
N LYS A 25 -7.96 -2.51 -3.36
CA LYS A 25 -7.79 -2.71 -1.93
C LYS A 25 -6.78 -1.76 -1.28
N ILE A 26 -5.61 -1.60 -1.88
CA ILE A 26 -4.55 -0.79 -1.27
C ILE A 26 -4.92 0.69 -1.27
N ILE A 27 -5.37 1.19 -2.41
CA ILE A 27 -5.75 2.60 -2.52
C ILE A 27 -6.94 2.92 -1.60
N SER A 28 -7.97 2.09 -1.64
CA SER A 28 -9.14 2.30 -0.79
C SER A 28 -8.75 2.25 0.69
N PHE A 29 -7.82 1.35 1.03
CA PHE A 29 -7.30 1.24 2.38
C PHE A 29 -6.65 2.54 2.81
N ARG A 30 -5.74 3.05 1.98
CA ARG A 30 -5.04 4.29 2.26
C ARG A 30 -6.00 5.48 2.22
N ASP A 31 -6.98 5.45 1.31
CA ASP A 31 -7.97 6.53 1.23
C ASP A 31 -8.60 6.81 2.59
N THR A 32 -9.06 5.79 3.30
CA THR A 32 -9.51 6.00 4.68
C THR A 32 -8.37 6.45 5.60
N VAL A 33 -7.19 5.88 5.39
CA VAL A 33 -6.01 6.22 6.19
C VAL A 33 -5.68 7.71 6.08
N PHE A 34 -5.88 8.28 4.90
CA PHE A 34 -5.46 9.67 4.62
C PHE A 34 -6.16 10.66 5.52
N GLU A 35 -7.40 10.37 5.90
CA GLU A 35 -8.17 11.30 6.72
C GLU A 35 -7.86 11.04 8.19
N GLY A 36 -7.29 9.88 8.46
CA GLY A 36 -6.95 9.52 9.82
C GLY A 36 -8.16 8.93 10.52
N LYS A 37 -8.97 8.21 9.73
CA LYS A 37 -10.21 7.66 10.22
C LYS A 37 -10.26 6.15 9.99
N HIS A 38 -9.10 5.56 9.73
CA HIS A 38 -9.02 4.14 9.45
C HIS A 38 -9.16 3.34 10.74
N GLN A 39 -10.07 2.38 10.72
CA GLN A 39 -10.52 1.67 11.92
C GLN A 39 -9.37 1.14 12.79
N GLN A 40 -8.31 0.64 12.16
CA GLN A 40 -7.19 0.10 12.91
C GLN A 40 -6.03 1.08 12.98
N PHE A 41 -6.00 2.04 12.05
CA PHE A 41 -4.85 2.93 11.91
C PHE A 41 -5.28 4.38 11.82
N LEU A 42 -4.95 5.18 12.81
CA LEU A 42 -5.22 6.60 12.76
C LEU A 42 -3.91 7.35 12.51
N VAL A 43 -3.81 7.99 11.36
CA VAL A 43 -2.58 8.67 10.99
C VAL A 43 -2.78 10.19 10.95
N PRO A 44 -1.78 10.93 11.44
CA PRO A 44 -1.82 12.38 11.46
C PRO A 44 -1.26 12.99 10.18
N ASN A 45 -1.04 14.29 10.18
CA ASN A 45 -0.55 14.99 9.00
C ASN A 45 0.80 14.46 8.52
N ASN A 46 1.73 14.29 9.46
CA ASN A 46 3.09 13.85 9.13
C ASN A 46 3.11 12.54 8.36
N VAL A 47 2.24 11.62 8.76
CA VAL A 47 2.23 10.30 8.18
C VAL A 47 1.59 10.30 6.80
N ARG A 48 0.48 11.01 6.65
CA ARG A 48 -0.18 11.11 5.36
C ARG A 48 0.74 11.80 4.35
N LEU A 49 1.50 12.78 4.85
CA LEU A 49 2.54 13.42 4.06
C LEU A 49 3.60 12.41 3.61
N LYS A 50 3.91 11.43 4.45
CA LYS A 50 4.84 10.36 4.05
C LYS A 50 4.26 9.57 2.89
N PHE A 51 2.98 9.25 3.00
CA PHE A 51 2.29 8.40 2.04
C PHE A 51 2.31 9.01 0.64
N LEU A 52 1.92 10.26 0.57
CA LEU A 52 1.79 10.99 -0.68
C LEU A 52 3.14 11.34 -1.32
N ARG A 53 4.17 11.52 -0.50
CA ARG A 53 5.49 11.88 -1.02
C ARG A 53 6.05 10.78 -1.92
N ASP A 54 5.80 9.53 -1.55
CA ASP A 54 6.19 8.42 -2.39
C ASP A 54 5.09 8.12 -3.40
N ARG A 55 3.99 7.57 -2.92
CA ARG A 55 2.82 7.38 -3.75
C ARG A 55 1.92 8.61 -3.68
N GLY B 1 7.36 14.29 -12.19
CA GLY B 1 7.28 12.84 -12.50
C GLY B 1 8.06 12.47 -13.74
N ALA B 2 9.32 12.14 -13.56
CA ALA B 2 10.17 11.70 -14.66
C ALA B 2 10.75 10.32 -14.38
N MET B 3 10.29 9.72 -13.29
CA MET B 3 10.76 8.40 -12.88
C MET B 3 10.12 7.33 -13.74
N GLY B 4 8.80 7.36 -13.82
CA GLY B 4 8.08 6.41 -14.63
C GLY B 4 7.87 5.09 -13.92
N THR B 5 7.01 5.12 -12.90
CA THR B 5 6.65 3.89 -12.20
C THR B 5 5.41 3.29 -12.84
N THR B 6 5.46 2.00 -13.14
CA THR B 6 4.31 1.30 -13.68
C THR B 6 3.22 1.16 -12.61
N ASN B 7 2.02 0.80 -13.04
CA ASN B 7 0.87 0.76 -12.13
C ASN B 7 1.14 -0.19 -10.96
N GLN B 8 1.64 -1.37 -11.26
CA GLN B 8 2.05 -2.34 -10.24
C GLN B 8 3.06 -1.73 -9.27
N LYS B 9 3.99 -0.95 -9.80
CA LYS B 9 5.03 -0.35 -8.97
C LYS B 9 4.42 0.71 -8.07
N GLU B 10 3.33 1.31 -8.54
CA GLU B 10 2.65 2.35 -7.80
C GLU B 10 1.88 1.75 -6.62
N ALA B 11 1.19 0.64 -6.86
CA ALA B 11 0.50 -0.07 -5.78
C ALA B 11 1.50 -0.55 -4.73
N GLU B 12 2.68 -0.96 -5.20
CA GLU B 12 3.80 -1.29 -4.30
C GLU B 12 4.16 -0.10 -3.43
N LYS B 13 4.22 1.06 -4.08
CA LYS B 13 4.71 2.27 -3.44
C LYS B 13 3.81 2.65 -2.27
N ALA B 14 2.52 2.44 -2.46
CA ALA B 14 1.54 2.70 -1.43
C ALA B 14 1.75 1.79 -0.23
N VAL B 15 1.96 0.50 -0.52
CA VAL B 15 2.24 -0.50 0.50
C VAL B 15 3.48 -0.15 1.33
N SER B 16 4.49 0.41 0.68
CA SER B 16 5.74 0.71 1.36
C SER B 16 5.49 1.80 2.40
N GLN B 17 4.77 2.83 1.97
CA GLN B 17 4.31 3.87 2.90
C GLN B 17 3.38 3.29 3.96
N LEU B 18 2.53 2.36 3.57
CA LEU B 18 1.63 1.70 4.52
C LEU B 18 2.41 0.96 5.60
N PHE B 19 3.59 0.48 5.26
CA PHE B 19 4.45 -0.20 6.22
C PHE B 19 4.72 0.67 7.45
N GLU B 20 4.80 2.00 7.26
CA GLU B 20 5.17 2.90 8.35
C GLU B 20 4.05 2.95 9.39
N VAL B 21 2.82 2.63 8.97
CA VAL B 21 1.68 2.62 9.88
C VAL B 21 1.44 1.24 10.46
N GLY B 22 2.37 0.33 10.20
CA GLY B 22 2.31 -1.00 10.80
C GLY B 22 1.54 -2.01 9.96
N VAL B 23 1.36 -1.74 8.68
CA VAL B 23 0.72 -2.71 7.79
C VAL B 23 1.52 -3.98 7.67
N ARG B 24 0.82 -5.09 7.82
CA ARG B 24 1.41 -6.42 7.73
C ARG B 24 0.45 -7.19 6.84
N PHE B 25 0.73 -8.41 6.44
CA PHE B 25 -0.32 -9.19 5.79
C PHE B 25 -1.48 -9.38 6.77
N ASN B 26 -1.12 -9.73 7.99
CA ASN B 26 -2.10 -9.92 9.06
C ASN B 26 -2.97 -8.68 9.27
N ASP B 27 -2.38 -7.48 9.22
CA ASP B 27 -3.15 -6.24 9.32
C ASP B 27 -4.08 -6.02 8.13
N PHE B 28 -3.67 -6.44 6.94
CA PHE B 28 -4.56 -6.37 5.78
C PHE B 28 -5.71 -7.37 5.95
N ILE B 29 -5.38 -8.54 6.48
CA ILE B 29 -6.38 -9.55 6.84
C ILE B 29 -7.37 -9.00 7.86
N ALA B 30 -6.89 -8.07 8.68
CA ALA B 30 -7.73 -7.43 9.68
C ALA B 30 -8.87 -6.66 9.00
N GLU B 31 -8.61 -6.16 7.80
CA GLU B 31 -9.66 -5.54 7.00
C GLU B 31 -10.30 -6.51 5.99
N GLY B 32 -9.71 -7.68 5.79
CA GLY B 32 -10.29 -8.67 4.87
C GLY B 32 -9.50 -8.70 3.57
N ILE B 33 -8.50 -7.84 3.56
CA ILE B 33 -7.59 -7.70 2.43
C ILE B 33 -6.65 -8.92 2.33
N GLU B 34 -6.46 -9.37 1.10
CA GLU B 34 -5.65 -10.55 0.79
C GLU B 34 -4.23 -10.46 1.33
N PRO B 35 -3.76 -11.53 2.00
CA PRO B 35 -2.39 -11.63 2.53
C PRO B 35 -1.34 -11.62 1.43
N SER B 36 -1.73 -12.08 0.25
CA SER B 36 -0.80 -12.24 -0.85
C SER B 36 -0.35 -10.86 -1.34
N VAL B 37 -1.27 -9.92 -1.29
CA VAL B 37 -0.99 -8.53 -1.67
C VAL B 37 0.12 -7.93 -0.80
N VAL B 38 0.04 -8.09 0.52
CA VAL B 38 1.09 -7.56 1.37
C VAL B 38 2.36 -8.36 1.16
N HIS B 39 2.21 -9.68 1.20
CA HIS B 39 3.33 -10.60 1.17
C HIS B 39 4.16 -10.42 -0.10
N THR B 40 3.50 -10.42 -1.25
CA THR B 40 4.21 -10.33 -2.52
C THR B 40 4.83 -8.95 -2.73
N LEU B 41 4.02 -7.91 -2.55
CA LEU B 41 4.51 -6.55 -2.72
C LEU B 41 5.67 -6.24 -1.78
N PHE B 42 5.63 -6.77 -0.57
CA PHE B 42 6.72 -6.59 0.41
C PHE B 42 7.99 -7.26 -0.13
N LEU B 43 7.78 -8.48 -0.59
CA LEU B 43 8.84 -9.26 -1.24
C LEU B 43 9.43 -8.46 -2.42
N LYS B 44 8.56 -7.85 -3.21
CA LYS B 44 8.99 -7.01 -4.34
C LYS B 44 9.62 -5.69 -3.87
N LEU B 45 9.27 -5.27 -2.66
CA LEU B 45 9.73 -3.99 -2.13
C LEU B 45 11.15 -4.12 -1.58
N GLY B 46 11.64 -5.36 -1.52
CA GLY B 46 12.98 -5.61 -1.01
C GLY B 46 13.09 -5.31 0.46
N LEU B 47 11.95 -5.34 1.15
CA LEU B 47 11.91 -5.04 2.58
C LEU B 47 12.27 -6.28 3.38
N ASP B 48 12.99 -6.07 4.47
CA ASP B 48 13.46 -7.16 5.32
C ASP B 48 12.28 -7.82 6.05
N SER B 49 12.15 -9.12 5.88
CA SER B 49 11.06 -9.87 6.47
C SER B 49 11.50 -10.49 7.80
#